data_1LY2
# 
_entry.id   1LY2 
# 
_audit_conform.dict_name       mmcif_pdbx.dic 
_audit_conform.dict_version    5.399 
_audit_conform.dict_location   http://mmcif.pdb.org/dictionaries/ascii/mmcif_pdbx.dic 
# 
loop_
_database_2.database_id 
_database_2.database_code 
_database_2.pdbx_database_accession 
_database_2.pdbx_DOI 
PDB   1LY2         pdb_00001ly2 10.2210/pdb1ly2/pdb 
RCSB  RCSB016398   ?            ?                   
WWPDB D_1000016398 ?            ?                   
# 
loop_
_pdbx_audit_revision_history.ordinal 
_pdbx_audit_revision_history.data_content_type 
_pdbx_audit_revision_history.major_revision 
_pdbx_audit_revision_history.minor_revision 
_pdbx_audit_revision_history.revision_date 
1 'Structure model' 1 0 2002-07-05 
2 'Structure model' 1 1 2008-04-28 
3 'Structure model' 1 2 2011-07-13 
4 'Structure model' 1 3 2020-07-29 
5 'Structure model' 1 4 2024-04-03 
6 'Structure model' 1 5 2024-11-20 
# 
loop_
_pdbx_audit_revision_details.ordinal 
_pdbx_audit_revision_details.revision_ordinal 
_pdbx_audit_revision_details.data_content_type 
_pdbx_audit_revision_details.provider 
_pdbx_audit_revision_details.type 
_pdbx_audit_revision_details.description 
_pdbx_audit_revision_details.details 
1 1 'Structure model' repository 'Initial release' ?                          ? 
2 4 'Structure model' repository Remediation       'Carbohydrate remediation' ? 
# 
loop_
_pdbx_audit_revision_group.ordinal 
_pdbx_audit_revision_group.revision_ordinal 
_pdbx_audit_revision_group.data_content_type 
_pdbx_audit_revision_group.group 
1  2 'Structure model' 'Version format compliance' 
2  3 'Structure model' 'Non-polymer description'   
3  3 'Structure model' 'Version format compliance' 
4  4 'Structure model' 'Data collection'           
5  4 'Structure model' 'Database references'       
6  4 'Structure model' 'Derived calculations'      
7  4 'Structure model' 'Structure summary'         
8  5 'Structure model' 'Data collection'           
9  5 'Structure model' 'Database references'       
10 5 'Structure model' 'Refinement description'    
11 5 'Structure model' 'Structure summary'         
12 6 'Structure model' 'Structure summary'         
# 
loop_
_pdbx_audit_revision_category.ordinal 
_pdbx_audit_revision_category.revision_ordinal 
_pdbx_audit_revision_category.data_content_type 
_pdbx_audit_revision_category.category 
1  4 'Structure model' chem_comp                     
2  4 'Structure model' entity                        
3  4 'Structure model' pdbx_chem_comp_identifier     
4  4 'Structure model' pdbx_entity_nonpoly           
5  4 'Structure model' struct_conn                   
6  4 'Structure model' struct_ref_seq_dif            
7  4 'Structure model' struct_site                   
8  4 'Structure model' struct_site_gen               
9  5 'Structure model' chem_comp                     
10 5 'Structure model' chem_comp_atom                
11 5 'Structure model' chem_comp_bond                
12 5 'Structure model' database_2                    
13 5 'Structure model' pdbx_initial_refinement_model 
14 6 'Structure model' pdbx_entry_details            
15 6 'Structure model' pdbx_modification_feature     
# 
loop_
_pdbx_audit_revision_item.ordinal 
_pdbx_audit_revision_item.revision_ordinal 
_pdbx_audit_revision_item.data_content_type 
_pdbx_audit_revision_item.item 
1  4 'Structure model' '_chem_comp.name'                     
2  4 'Structure model' '_chem_comp.type'                     
3  4 'Structure model' '_entity.pdbx_description'            
4  4 'Structure model' '_pdbx_entity_nonpoly.name'           
5  4 'Structure model' '_struct_conn.pdbx_leaving_atom_flag' 
6  4 'Structure model' '_struct_conn.pdbx_role'              
7  4 'Structure model' '_struct_ref_seq_dif.details'         
8  5 'Structure model' '_chem_comp.pdbx_synonyms'            
9  5 'Structure model' '_database_2.pdbx_DOI'                
10 5 'Structure model' '_database_2.pdbx_database_accession' 
# 
_pdbx_database_status.status_code                     REL 
_pdbx_database_status.entry_id                        1LY2 
_pdbx_database_status.recvd_initial_deposition_date   2002-06-06 
_pdbx_database_status.deposit_site                    RCSB 
_pdbx_database_status.process_site                    RCSB 
_pdbx_database_status.status_code_sf                  REL 
_pdbx_database_status.SG_entry                        . 
_pdbx_database_status.pdb_format_compatible           Y 
_pdbx_database_status.status_code_mr                  ? 
_pdbx_database_status.status_code_cs                  ? 
_pdbx_database_status.status_code_nmr_data            ? 
_pdbx_database_status.methods_development_category    ? 
# 
loop_
_audit_author.name 
_audit_author.pdbx_ordinal 
'Prota, A.E.'     1 
'Sage, D.R.'      2 
'Stehle, T.'      3 
'Fingeroth, J.D.' 4 
# 
_citation.id                        primary 
_citation.title                     'The crystal structure of human CD21: Implications for Epstein-Barr virus and C3d binding.' 
_citation.journal_abbrev            Proc.Natl.Acad.Sci.USA 
_citation.journal_volume            99 
_citation.page_first                10641 
_citation.page_last                 10646 
_citation.year                      2002 
_citation.journal_id_ASTM           PNASA6 
_citation.country                   US 
_citation.journal_id_ISSN           0027-8424 
_citation.journal_id_CSD            0040 
_citation.book_publisher            ? 
_citation.pdbx_database_id_PubMed   12122212 
_citation.pdbx_database_id_DOI      10.1073/pnas.162360499 
# 
loop_
_citation_author.citation_id 
_citation_author.name 
_citation_author.ordinal 
_citation_author.identifier_ORCID 
primary 'Prota, A.E.'     1 ? 
primary 'Sage, D.R.'      2 ? 
primary 'Stehle, T.'      3 ? 
primary 'Fingeroth, J.D.' 4 ? 
# 
loop_
_entity.id 
_entity.type 
_entity.src_method 
_entity.pdbx_description 
_entity.formula_weight 
_entity.pdbx_number_of_molecules 
_entity.pdbx_ec 
_entity.pdbx_mutation 
_entity.pdbx_fragment 
_entity.details 
1 polymer     man 'complement receptor type 2'             14256.318 1   ? ? ? ? 
2 non-polymer man 2-acetamido-2-deoxy-beta-D-glucopyranose 221.208   2   ? ? ? ? 
3 water       nat water                                    18.015    146 ? ? ? ? 
# 
_entity_name_com.entity_id   1 
_entity_name_com.name        'CD21; Epstein-Barr virus receptor' 
# 
_entity_poly.entity_id                      1 
_entity_poly.type                           'polypeptide(L)' 
_entity_poly.nstd_linkage                   no 
_entity_poly.nstd_monomer                   no 
_entity_poly.pdbx_seq_one_letter_code       
;EASCGSPPPILNGRISYYSTPIAVGTVIRYSCSGTFRLIGEKSLLCITKDKVDGTWDKPAPKCEYFNKYSSCPEPIVPGG
YKIRGSTPYRHGDSVTFACKTNFSMNGNKSVWCQANNMWGPTRLPTCVSI
;
_entity_poly.pdbx_seq_one_letter_code_can   
;EASCGSPPPILNGRISYYSTPIAVGTVIRYSCSGTFRLIGEKSLLCITKDKVDGTWDKPAPKCEYFNKYSSCPEPIVPGG
YKIRGSTPYRHGDSVTFACKTNFSMNGNKSVWCQANNMWGPTRLPTCVSI
;
_entity_poly.pdbx_strand_id                 A 
_entity_poly.pdbx_target_identifier         ? 
# 
loop_
_pdbx_entity_nonpoly.entity_id 
_pdbx_entity_nonpoly.name 
_pdbx_entity_nonpoly.comp_id 
2 2-acetamido-2-deoxy-beta-D-glucopyranose NAG 
3 water                                    HOH 
# 
loop_
_entity_poly_seq.entity_id 
_entity_poly_seq.num 
_entity_poly_seq.mon_id 
_entity_poly_seq.hetero 
1 1   GLU n 
1 2   ALA n 
1 3   SER n 
1 4   CYS n 
1 5   GLY n 
1 6   SER n 
1 7   PRO n 
1 8   PRO n 
1 9   PRO n 
1 10  ILE n 
1 11  LEU n 
1 12  ASN n 
1 13  GLY n 
1 14  ARG n 
1 15  ILE n 
1 16  SER n 
1 17  TYR n 
1 18  TYR n 
1 19  SER n 
1 20  THR n 
1 21  PRO n 
1 22  ILE n 
1 23  ALA n 
1 24  VAL n 
1 25  GLY n 
1 26  THR n 
1 27  VAL n 
1 28  ILE n 
1 29  ARG n 
1 30  TYR n 
1 31  SER n 
1 32  CYS n 
1 33  SER n 
1 34  GLY n 
1 35  THR n 
1 36  PHE n 
1 37  ARG n 
1 38  LEU n 
1 39  ILE n 
1 40  GLY n 
1 41  GLU n 
1 42  LYS n 
1 43  SER n 
1 44  LEU n 
1 45  LEU n 
1 46  CYS n 
1 47  ILE n 
1 48  THR n 
1 49  LYS n 
1 50  ASP n 
1 51  LYS n 
1 52  VAL n 
1 53  ASP n 
1 54  GLY n 
1 55  THR n 
1 56  TRP n 
1 57  ASP n 
1 58  LYS n 
1 59  PRO n 
1 60  ALA n 
1 61  PRO n 
1 62  LYS n 
1 63  CYS n 
1 64  GLU n 
1 65  TYR n 
1 66  PHE n 
1 67  ASN n 
1 68  LYS n 
1 69  TYR n 
1 70  SER n 
1 71  SER n 
1 72  CYS n 
1 73  PRO n 
1 74  GLU n 
1 75  PRO n 
1 76  ILE n 
1 77  VAL n 
1 78  PRO n 
1 79  GLY n 
1 80  GLY n 
1 81  TYR n 
1 82  LYS n 
1 83  ILE n 
1 84  ARG n 
1 85  GLY n 
1 86  SER n 
1 87  THR n 
1 88  PRO n 
1 89  TYR n 
1 90  ARG n 
1 91  HIS n 
1 92  GLY n 
1 93  ASP n 
1 94  SER n 
1 95  VAL n 
1 96  THR n 
1 97  PHE n 
1 98  ALA n 
1 99  CYS n 
1 100 LYS n 
1 101 THR n 
1 102 ASN n 
1 103 PHE n 
1 104 SER n 
1 105 MET n 
1 106 ASN n 
1 107 GLY n 
1 108 ASN n 
1 109 LYS n 
1 110 SER n 
1 111 VAL n 
1 112 TRP n 
1 113 CYS n 
1 114 GLN n 
1 115 ALA n 
1 116 ASN n 
1 117 ASN n 
1 118 MET n 
1 119 TRP n 
1 120 GLY n 
1 121 PRO n 
1 122 THR n 
1 123 ARG n 
1 124 LEU n 
1 125 PRO n 
1 126 THR n 
1 127 CYS n 
1 128 VAL n 
1 129 SER n 
1 130 ILE n 
# 
_entity_src_gen.entity_id                          1 
_entity_src_gen.pdbx_src_id                        1 
_entity_src_gen.pdbx_alt_source_flag               sample 
_entity_src_gen.pdbx_seq_type                      ? 
_entity_src_gen.pdbx_beg_seq_num                   ? 
_entity_src_gen.pdbx_end_seq_num                   ? 
_entity_src_gen.gene_src_common_name               human 
_entity_src_gen.gene_src_genus                     Homo 
_entity_src_gen.pdbx_gene_src_gene                 CR2 
_entity_src_gen.gene_src_species                   ? 
_entity_src_gen.gene_src_strain                    ? 
_entity_src_gen.gene_src_tissue                    ? 
_entity_src_gen.gene_src_tissue_fraction           ? 
_entity_src_gen.gene_src_details                   ? 
_entity_src_gen.pdbx_gene_src_fragment             ? 
_entity_src_gen.pdbx_gene_src_scientific_name      'Homo sapiens' 
_entity_src_gen.pdbx_gene_src_ncbi_taxonomy_id     9606 
_entity_src_gen.pdbx_gene_src_variant              ? 
_entity_src_gen.pdbx_gene_src_cell_line            ? 
_entity_src_gen.pdbx_gene_src_atcc                 ? 
_entity_src_gen.pdbx_gene_src_organ                ? 
_entity_src_gen.pdbx_gene_src_organelle            ? 
_entity_src_gen.pdbx_gene_src_cell                 ? 
_entity_src_gen.pdbx_gene_src_cellular_location    ? 
_entity_src_gen.host_org_common_name               ? 
_entity_src_gen.pdbx_host_org_scientific_name      'Pichia pastoris' 
_entity_src_gen.pdbx_host_org_ncbi_taxonomy_id     4922 
_entity_src_gen.host_org_genus                     Pichia 
_entity_src_gen.pdbx_host_org_gene                 ? 
_entity_src_gen.pdbx_host_org_organ                ? 
_entity_src_gen.host_org_species                   ? 
_entity_src_gen.pdbx_host_org_tissue               ? 
_entity_src_gen.pdbx_host_org_tissue_fraction      ? 
_entity_src_gen.pdbx_host_org_strain               X-33 
_entity_src_gen.pdbx_host_org_variant              ? 
_entity_src_gen.pdbx_host_org_cell_line            ? 
_entity_src_gen.pdbx_host_org_atcc                 ? 
_entity_src_gen.pdbx_host_org_culture_collection   ? 
_entity_src_gen.pdbx_host_org_cell                 ? 
_entity_src_gen.pdbx_host_org_organelle            ? 
_entity_src_gen.pdbx_host_org_cellular_location    ? 
_entity_src_gen.pdbx_host_org_vector_type          ? 
_entity_src_gen.pdbx_host_org_vector               'PicZa (Invitrogen) secreted protein' 
_entity_src_gen.host_org_details                   ? 
_entity_src_gen.expression_system_id               ? 
_entity_src_gen.plasmid_name                       ? 
_entity_src_gen.plasmid_details                    ? 
_entity_src_gen.pdbx_description                   ? 
# 
loop_
_chem_comp.id 
_chem_comp.type 
_chem_comp.mon_nstd_flag 
_chem_comp.name 
_chem_comp.pdbx_synonyms 
_chem_comp.formula 
_chem_comp.formula_weight 
ALA 'L-peptide linking'          y ALANINE                                  ? 'C3 H7 N O2'     89.093  
ARG 'L-peptide linking'          y ARGININE                                 ? 'C6 H15 N4 O2 1' 175.209 
ASN 'L-peptide linking'          y ASPARAGINE                               ? 'C4 H8 N2 O3'    132.118 
ASP 'L-peptide linking'          y 'ASPARTIC ACID'                          ? 'C4 H7 N O4'     133.103 
CYS 'L-peptide linking'          y CYSTEINE                                 ? 'C3 H7 N O2 S'   121.158 
GLN 'L-peptide linking'          y GLUTAMINE                                ? 'C5 H10 N2 O3'   146.144 
GLU 'L-peptide linking'          y 'GLUTAMIC ACID'                          ? 'C5 H9 N O4'     147.129 
GLY 'peptide linking'            y GLYCINE                                  ? 'C2 H5 N O2'     75.067  
HIS 'L-peptide linking'          y HISTIDINE                                ? 'C6 H10 N3 O2 1' 156.162 
HOH non-polymer                  . WATER                                    ? 'H2 O'           18.015  
ILE 'L-peptide linking'          y ISOLEUCINE                               ? 'C6 H13 N O2'    131.173 
LEU 'L-peptide linking'          y LEUCINE                                  ? 'C6 H13 N O2'    131.173 
LYS 'L-peptide linking'          y LYSINE                                   ? 'C6 H15 N2 O2 1' 147.195 
MET 'L-peptide linking'          y METHIONINE                               ? 'C5 H11 N O2 S'  149.211 
NAG 'D-saccharide, beta linking' . 2-acetamido-2-deoxy-beta-D-glucopyranose 
;N-acetyl-beta-D-glucosamine; 2-acetamido-2-deoxy-beta-D-glucose; 2-acetamido-2-deoxy-D-glucose; 2-acetamido-2-deoxy-glucose; N-ACETYL-D-GLUCOSAMINE
;
'C8 H15 N O6'    221.208 
PHE 'L-peptide linking'          y PHENYLALANINE                            ? 'C9 H11 N O2'    165.189 
PRO 'L-peptide linking'          y PROLINE                                  ? 'C5 H9 N O2'     115.130 
SER 'L-peptide linking'          y SERINE                                   ? 'C3 H7 N O3'     105.093 
THR 'L-peptide linking'          y THREONINE                                ? 'C4 H9 N O3'     119.119 
TRP 'L-peptide linking'          y TRYPTOPHAN                               ? 'C11 H12 N2 O2'  204.225 
TYR 'L-peptide linking'          y TYROSINE                                 ? 'C9 H11 N O3'    181.189 
VAL 'L-peptide linking'          y VALINE                                   ? 'C5 H11 N O2'    117.146 
# 
loop_
_pdbx_chem_comp_identifier.comp_id 
_pdbx_chem_comp_identifier.type 
_pdbx_chem_comp_identifier.program 
_pdbx_chem_comp_identifier.program_version 
_pdbx_chem_comp_identifier.identifier 
NAG 'CONDENSED IUPAC CARBOHYDRATE SYMBOL' GMML     1.0 DGlcpNAcb                      
NAG 'COMMON NAME'                         GMML     1.0 N-acetyl-b-D-glucopyranosamine 
NAG 'IUPAC CARBOHYDRATE SYMBOL'           PDB-CARE 1.0 b-D-GlcpNAc                    
NAG 'SNFG CARBOHYDRATE SYMBOL'            GMML     1.0 GlcNAc                         
# 
loop_
_pdbx_poly_seq_scheme.asym_id 
_pdbx_poly_seq_scheme.entity_id 
_pdbx_poly_seq_scheme.seq_id 
_pdbx_poly_seq_scheme.mon_id 
_pdbx_poly_seq_scheme.ndb_seq_num 
_pdbx_poly_seq_scheme.pdb_seq_num 
_pdbx_poly_seq_scheme.auth_seq_num 
_pdbx_poly_seq_scheme.pdb_mon_id 
_pdbx_poly_seq_scheme.auth_mon_id 
_pdbx_poly_seq_scheme.pdb_strand_id 
_pdbx_poly_seq_scheme.pdb_ins_code 
_pdbx_poly_seq_scheme.hetero 
A 1 1   GLU 1   0   0   GLU GLU A . n 
A 1 2   ALA 2   1   1   ALA ALA A . n 
A 1 3   SER 3   2   2   SER SER A . n 
A 1 4   CYS 4   3   3   CYS CYS A . n 
A 1 5   GLY 5   4   4   GLY GLY A . n 
A 1 6   SER 6   5   5   SER SER A . n 
A 1 7   PRO 7   6   6   PRO PRO A . n 
A 1 8   PRO 8   7   7   PRO PRO A . n 
A 1 9   PRO 9   8   8   PRO PRO A . n 
A 1 10  ILE 10  9   9   ILE ILE A . n 
A 1 11  LEU 11  10  10  LEU LEU A . n 
A 1 12  ASN 12  11  11  ASN ASN A . n 
A 1 13  GLY 13  12  12  GLY GLY A . n 
A 1 14  ARG 14  13  13  ARG ARG A . n 
A 1 15  ILE 15  14  14  ILE ILE A . n 
A 1 16  SER 16  15  15  SER SER A . n 
A 1 17  TYR 17  16  16  TYR TYR A . n 
A 1 18  TYR 18  17  17  TYR TYR A . n 
A 1 19  SER 19  18  18  SER SER A . n 
A 1 20  THR 20  19  19  THR THR A . n 
A 1 21  PRO 21  20  20  PRO PRO A . n 
A 1 22  ILE 22  21  21  ILE ILE A . n 
A 1 23  ALA 23  22  22  ALA ALA A . n 
A 1 24  VAL 24  23  23  VAL VAL A . n 
A 1 25  GLY 25  24  24  GLY GLY A . n 
A 1 26  THR 26  25  25  THR THR A . n 
A 1 27  VAL 27  26  26  VAL VAL A . n 
A 1 28  ILE 28  27  27  ILE ILE A . n 
A 1 29  ARG 29  28  28  ARG ARG A . n 
A 1 30  TYR 30  29  29  TYR TYR A . n 
A 1 31  SER 31  30  30  SER SER A . n 
A 1 32  CYS 32  31  31  CYS CYS A . n 
A 1 33  SER 33  32  32  SER SER A . n 
A 1 34  GLY 34  33  33  GLY GLY A . n 
A 1 35  THR 35  34  34  THR THR A . n 
A 1 36  PHE 36  35  35  PHE PHE A . n 
A 1 37  ARG 37  36  36  ARG ARG A . n 
A 1 38  LEU 38  37  37  LEU LEU A . n 
A 1 39  ILE 39  38  38  ILE ILE A . n 
A 1 40  GLY 40  39  39  GLY GLY A . n 
A 1 41  GLU 41  40  40  GLU GLU A . n 
A 1 42  LYS 42  41  41  LYS LYS A . n 
A 1 43  SER 43  42  42  SER SER A . n 
A 1 44  LEU 44  43  43  LEU LEU A . n 
A 1 45  LEU 45  44  44  LEU LEU A . n 
A 1 46  CYS 46  45  45  CYS CYS A . n 
A 1 47  ILE 47  46  46  ILE ILE A . n 
A 1 48  THR 48  47  47  THR THR A . n 
A 1 49  LYS 49  48  48  LYS LYS A . n 
A 1 50  ASP 50  49  49  ASP ASP A . n 
A 1 51  LYS 51  50  50  LYS LYS A . n 
A 1 52  VAL 52  51  51  VAL VAL A . n 
A 1 53  ASP 53  52  52  ASP ASP A . n 
A 1 54  GLY 54  53  53  GLY GLY A . n 
A 1 55  THR 55  54  54  THR THR A . n 
A 1 56  TRP 56  55  55  TRP TRP A . n 
A 1 57  ASP 57  56  56  ASP ASP A . n 
A 1 58  LYS 58  57  57  LYS LYS A . n 
A 1 59  PRO 59  58  58  PRO PRO A . n 
A 1 60  ALA 60  59  59  ALA ALA A . n 
A 1 61  PRO 61  60  60  PRO PRO A . n 
A 1 62  LYS 62  61  61  LYS LYS A . n 
A 1 63  CYS 63  62  62  CYS CYS A . n 
A 1 64  GLU 64  63  63  GLU GLU A . n 
A 1 65  TYR 65  64  64  TYR TYR A . n 
A 1 66  PHE 66  65  65  PHE PHE A . n 
A 1 67  ASN 67  66  66  ASN ASN A . n 
A 1 68  LYS 68  67  67  LYS LYS A . n 
A 1 69  TYR 69  68  68  TYR TYR A . n 
A 1 70  SER 70  69  69  SER SER A . n 
A 1 71  SER 71  70  70  SER SER A . n 
A 1 72  CYS 72  71  71  CYS CYS A . n 
A 1 73  PRO 73  72  72  PRO PRO A . n 
A 1 74  GLU 74  73  73  GLU GLU A . n 
A 1 75  PRO 75  74  74  PRO PRO A . n 
A 1 76  ILE 76  75  75  ILE ILE A . n 
A 1 77  VAL 77  76  76  VAL VAL A . n 
A 1 78  PRO 78  77  77  PRO PRO A . n 
A 1 79  GLY 79  78  78  GLY GLY A . n 
A 1 80  GLY 80  79  79  GLY GLY A . n 
A 1 81  TYR 81  80  80  TYR TYR A . n 
A 1 82  LYS 82  81  81  LYS LYS A . n 
A 1 83  ILE 83  82  82  ILE ILE A . n 
A 1 84  ARG 84  83  83  ARG ARG A . n 
A 1 85  GLY 85  84  84  GLY GLY A . n 
A 1 86  SER 86  85  85  SER SER A . n 
A 1 87  THR 87  86  86  THR THR A . n 
A 1 88  PRO 88  87  87  PRO PRO A . n 
A 1 89  TYR 89  88  88  TYR TYR A . n 
A 1 90  ARG 90  89  89  ARG ARG A . n 
A 1 91  HIS 91  90  90  HIS HIS A . n 
A 1 92  GLY 92  91  91  GLY GLY A . n 
A 1 93  ASP 93  92  92  ASP ASP A . n 
A 1 94  SER 94  93  93  SER SER A . n 
A 1 95  VAL 95  94  94  VAL VAL A . n 
A 1 96  THR 96  95  95  THR THR A . n 
A 1 97  PHE 97  96  96  PHE PHE A . n 
A 1 98  ALA 98  97  97  ALA ALA A . n 
A 1 99  CYS 99  98  98  CYS CYS A . n 
A 1 100 LYS 100 99  99  LYS LYS A . n 
A 1 101 THR 101 100 100 THR THR A . n 
A 1 102 ASN 102 101 101 ASN ASN A . n 
A 1 103 PHE 103 102 102 PHE PHE A . n 
A 1 104 SER 104 103 103 SER SER A . n 
A 1 105 MET 105 104 104 MET MET A . n 
A 1 106 ASN 106 105 105 ASN ASN A . n 
A 1 107 GLY 107 106 106 GLY GLY A . n 
A 1 108 ASN 108 107 107 ASN ASN A . n 
A 1 109 LYS 109 108 108 LYS LYS A . n 
A 1 110 SER 110 109 109 SER SER A . n 
A 1 111 VAL 111 110 110 VAL VAL A . n 
A 1 112 TRP 112 111 111 TRP TRP A . n 
A 1 113 CYS 113 112 112 CYS CYS A . n 
A 1 114 GLN 114 113 113 GLN GLN A . n 
A 1 115 ALA 115 114 114 ALA ALA A . n 
A 1 116 ASN 116 115 115 ASN ASN A . n 
A 1 117 ASN 117 116 116 ASN ASN A . n 
A 1 118 MET 118 117 117 MET MET A . n 
A 1 119 TRP 119 118 118 TRP TRP A . n 
A 1 120 GLY 120 119 119 GLY GLY A . n 
A 1 121 PRO 121 120 120 PRO PRO A . n 
A 1 122 THR 122 121 121 THR THR A . n 
A 1 123 ARG 123 122 122 ARG ARG A . n 
A 1 124 LEU 124 123 123 LEU LEU A . n 
A 1 125 PRO 125 124 124 PRO PRO A . n 
A 1 126 THR 126 125 125 THR THR A . n 
A 1 127 CYS 127 126 126 CYS CYS A . n 
A 1 128 VAL 128 127 127 VAL VAL A . n 
A 1 129 SER 129 128 128 SER SER A . n 
A 1 130 ILE 130 129 129 ILE ILE A . n 
# 
loop_
_pdbx_nonpoly_scheme.asym_id 
_pdbx_nonpoly_scheme.entity_id 
_pdbx_nonpoly_scheme.mon_id 
_pdbx_nonpoly_scheme.ndb_seq_num 
_pdbx_nonpoly_scheme.pdb_seq_num 
_pdbx_nonpoly_scheme.auth_seq_num 
_pdbx_nonpoly_scheme.pdb_mon_id 
_pdbx_nonpoly_scheme.auth_mon_id 
_pdbx_nonpoly_scheme.pdb_strand_id 
_pdbx_nonpoly_scheme.pdb_ins_code 
B 2 NAG 1   1001 1001 NAG NAG A . 
C 2 NAG 1   1002 1002 NAG NAG A . 
D 3 HOH 1   1003 1    HOH HOH A . 
D 3 HOH 2   1004 2    HOH HOH A . 
D 3 HOH 3   1005 3    HOH HOH A . 
D 3 HOH 4   1006 4    HOH HOH A . 
D 3 HOH 5   1007 5    HOH HOH A . 
D 3 HOH 6   1008 6    HOH HOH A . 
D 3 HOH 7   1009 7    HOH HOH A . 
D 3 HOH 8   1010 8    HOH HOH A . 
D 3 HOH 9   1011 9    HOH HOH A . 
D 3 HOH 10  1012 10   HOH HOH A . 
D 3 HOH 11  1013 11   HOH HOH A . 
D 3 HOH 12  1014 12   HOH HOH A . 
D 3 HOH 13  1015 13   HOH HOH A . 
D 3 HOH 14  1016 14   HOH HOH A . 
D 3 HOH 15  1017 15   HOH HOH A . 
D 3 HOH 16  1018 16   HOH HOH A . 
D 3 HOH 17  1019 17   HOH HOH A . 
D 3 HOH 18  1020 18   HOH HOH A . 
D 3 HOH 19  1021 19   HOH HOH A . 
D 3 HOH 20  1022 20   HOH HOH A . 
D 3 HOH 21  1023 21   HOH HOH A . 
D 3 HOH 22  1024 22   HOH HOH A . 
D 3 HOH 23  1025 23   HOH HOH A . 
D 3 HOH 24  1026 24   HOH HOH A . 
D 3 HOH 25  1027 25   HOH HOH A . 
D 3 HOH 26  1028 26   HOH HOH A . 
D 3 HOH 27  1029 27   HOH HOH A . 
D 3 HOH 28  1030 28   HOH HOH A . 
D 3 HOH 29  1031 29   HOH HOH A . 
D 3 HOH 30  1032 30   HOH HOH A . 
D 3 HOH 31  1033 31   HOH HOH A . 
D 3 HOH 32  1034 32   HOH HOH A . 
D 3 HOH 33  1035 33   HOH HOH A . 
D 3 HOH 34  1036 34   HOH HOH A . 
D 3 HOH 35  1037 35   HOH HOH A . 
D 3 HOH 36  1038 36   HOH HOH A . 
D 3 HOH 37  1039 37   HOH HOH A . 
D 3 HOH 38  1040 38   HOH HOH A . 
D 3 HOH 39  1041 39   HOH HOH A . 
D 3 HOH 40  1042 40   HOH HOH A . 
D 3 HOH 41  1043 41   HOH HOH A . 
D 3 HOH 42  1044 42   HOH HOH A . 
D 3 HOH 43  1045 43   HOH HOH A . 
D 3 HOH 44  1046 44   HOH HOH A . 
D 3 HOH 45  1047 45   HOH HOH A . 
D 3 HOH 46  1048 46   HOH HOH A . 
D 3 HOH 47  1049 47   HOH HOH A . 
D 3 HOH 48  1050 48   HOH HOH A . 
D 3 HOH 49  1051 49   HOH HOH A . 
D 3 HOH 50  1052 50   HOH HOH A . 
D 3 HOH 51  1053 51   HOH HOH A . 
D 3 HOH 52  1054 52   HOH HOH A . 
D 3 HOH 53  1055 53   HOH HOH A . 
D 3 HOH 54  1056 54   HOH HOH A . 
D 3 HOH 55  1057 55   HOH HOH A . 
D 3 HOH 56  1058 56   HOH HOH A . 
D 3 HOH 57  1059 57   HOH HOH A . 
D 3 HOH 58  1060 58   HOH HOH A . 
D 3 HOH 59  1061 59   HOH HOH A . 
D 3 HOH 60  1062 60   HOH HOH A . 
D 3 HOH 61  1063 61   HOH HOH A . 
D 3 HOH 62  1064 62   HOH HOH A . 
D 3 HOH 63  1065 63   HOH HOH A . 
D 3 HOH 64  1066 64   HOH HOH A . 
D 3 HOH 65  1067 65   HOH HOH A . 
D 3 HOH 66  1068 66   HOH HOH A . 
D 3 HOH 67  1069 67   HOH HOH A . 
D 3 HOH 68  1070 68   HOH HOH A . 
D 3 HOH 69  1071 69   HOH HOH A . 
D 3 HOH 70  1072 70   HOH HOH A . 
D 3 HOH 71  1073 71   HOH HOH A . 
D 3 HOH 72  1074 72   HOH HOH A . 
D 3 HOH 73  1075 73   HOH HOH A . 
D 3 HOH 74  1076 74   HOH HOH A . 
D 3 HOH 75  1077 75   HOH HOH A . 
D 3 HOH 76  1078 76   HOH HOH A . 
D 3 HOH 77  1079 77   HOH HOH A . 
D 3 HOH 78  1080 78   HOH HOH A . 
D 3 HOH 79  1081 79   HOH HOH A . 
D 3 HOH 80  1082 80   HOH HOH A . 
D 3 HOH 81  1083 81   HOH HOH A . 
D 3 HOH 82  1084 82   HOH HOH A . 
D 3 HOH 83  1085 83   HOH HOH A . 
D 3 HOH 84  1086 84   HOH HOH A . 
D 3 HOH 85  1087 85   HOH HOH A . 
D 3 HOH 86  1088 86   HOH HOH A . 
D 3 HOH 87  1089 87   HOH HOH A . 
D 3 HOH 88  1090 88   HOH HOH A . 
D 3 HOH 89  1091 89   HOH HOH A . 
D 3 HOH 90  1092 90   HOH HOH A . 
D 3 HOH 91  1093 91   HOH HOH A . 
D 3 HOH 92  1094 92   HOH HOH A . 
D 3 HOH 93  1095 93   HOH HOH A . 
D 3 HOH 94  1096 94   HOH HOH A . 
D 3 HOH 95  1097 95   HOH HOH A . 
D 3 HOH 96  1098 96   HOH HOH A . 
D 3 HOH 97  1099 97   HOH HOH A . 
D 3 HOH 98  1100 98   HOH HOH A . 
D 3 HOH 99  1101 99   HOH HOH A . 
D 3 HOH 100 1102 100  HOH HOH A . 
D 3 HOH 101 1103 101  HOH HOH A . 
D 3 HOH 102 1104 102  HOH HOH A . 
D 3 HOH 103 1105 103  HOH HOH A . 
D 3 HOH 104 1106 104  HOH HOH A . 
D 3 HOH 105 1107 105  HOH HOH A . 
D 3 HOH 106 1108 106  HOH HOH A . 
D 3 HOH 107 1109 107  HOH HOH A . 
D 3 HOH 108 1110 109  HOH HOH A . 
D 3 HOH 109 1111 111  HOH HOH A . 
D 3 HOH 110 1112 112  HOH HOH A . 
D 3 HOH 111 1113 113  HOH HOH A . 
D 3 HOH 112 1114 114  HOH HOH A . 
D 3 HOH 113 1115 115  HOH HOH A . 
D 3 HOH 114 1116 116  HOH HOH A . 
D 3 HOH 115 1117 117  HOH HOH A . 
D 3 HOH 116 1118 118  HOH HOH A . 
D 3 HOH 117 1119 119  HOH HOH A . 
D 3 HOH 118 1120 120  HOH HOH A . 
D 3 HOH 119 1121 121  HOH HOH A . 
D 3 HOH 120 1122 122  HOH HOH A . 
D 3 HOH 121 1123 123  HOH HOH A . 
D 3 HOH 122 1124 124  HOH HOH A . 
D 3 HOH 123 1125 125  HOH HOH A . 
D 3 HOH 124 1126 126  HOH HOH A . 
D 3 HOH 125 1127 127  HOH HOH A . 
D 3 HOH 126 1128 129  HOH HOH A . 
D 3 HOH 127 1129 130  HOH HOH A . 
D 3 HOH 128 1130 131  HOH HOH A . 
D 3 HOH 129 1131 132  HOH HOH A . 
D 3 HOH 130 1132 133  HOH HOH A . 
D 3 HOH 131 1133 134  HOH HOH A . 
D 3 HOH 132 1134 135  HOH HOH A . 
D 3 HOH 133 1135 136  HOH HOH A . 
D 3 HOH 134 1136 137  HOH HOH A . 
D 3 HOH 135 1137 138  HOH HOH A . 
D 3 HOH 136 1138 139  HOH HOH A . 
D 3 HOH 137 1139 140  HOH HOH A . 
D 3 HOH 138 1140 141  HOH HOH A . 
D 3 HOH 139 1141 142  HOH HOH A . 
D 3 HOH 140 1142 143  HOH HOH A . 
D 3 HOH 141 1143 144  HOH HOH A . 
D 3 HOH 142 1144 145  HOH HOH A . 
D 3 HOH 143 1145 146  HOH HOH A . 
D 3 HOH 144 1146 147  HOH HOH A . 
D 3 HOH 145 1147 148  HOH HOH A . 
D 3 HOH 146 1148 149  HOH HOH A . 
# 
loop_
_software.name 
_software.classification 
_software.version 
_software.citation_id 
_software.pdbx_ordinal 
DENZO     'data reduction' . ? 1 
SCALEPACK 'data scaling'   . ? 2 
AMoRE     phasing          . ? 3 
X-PLOR    refinement       . ? 4 
# 
_cell.entry_id           1LY2 
_cell.length_a           31.6 
_cell.length_b           33.27 
_cell.length_c           42.11 
_cell.angle_alpha        91.51 
_cell.angle_beta         111.44 
_cell.angle_gamma        117.81 
_cell.Z_PDB              1 
_cell.pdbx_unique_axis   ? 
# 
_symmetry.entry_id                         1LY2 
_symmetry.space_group_name_H-M             'P 1' 
_symmetry.pdbx_full_space_group_name_H-M   ? 
_symmetry.Int_Tables_number                1 
_symmetry.cell_setting                     triclinic 
# 
_exptl.entry_id          1LY2 
_exptl.method            'X-RAY DIFFRACTION' 
_exptl.crystals_number   2 
# 
_exptl_crystal.id                    1 
_exptl_crystal.density_meas          ? 
_exptl_crystal.density_percent_sol   50.41 
_exptl_crystal.density_Matthews      2.48 
_exptl_crystal.description           ? 
# 
_exptl_crystal_grow.crystal_id      1 
_exptl_crystal_grow.method          'VAPOR DIFFUSION, HANGING DROP' 
_exptl_crystal_grow.temp            298.0 
_exptl_crystal_grow.temp_details    ? 
_exptl_crystal_grow.pH              7.5 
_exptl_crystal_grow.pdbx_details    'PEG 4000, pH 7.5, VAPOR DIFFUSION, HANGING DROP at 298K, temperature 298.0K' 
_exptl_crystal_grow.pdbx_pH_range   ? 
# 
_diffrn.id                     1 
_diffrn.ambient_temp           100 
_diffrn.ambient_temp_details   ? 
_diffrn.crystal_id             1 
# 
_diffrn_detector.diffrn_id              1 
_diffrn_detector.detector               CCD 
_diffrn_detector.type                   CUSTOM-MADE 
_diffrn_detector.pdbx_collection_date   2001-02-01 
_diffrn_detector.details                wiggler 
# 
_diffrn_radiation.diffrn_id                        1 
_diffrn_radiation.wavelength_id                    1 
_diffrn_radiation.pdbx_monochromatic_or_laue_m_l   M 
_diffrn_radiation.monochromator                    wiggler 
_diffrn_radiation.pdbx_diffrn_protocol             'SINGLE WAVELENGTH' 
_diffrn_radiation.pdbx_scattering_type             x-ray 
# 
_diffrn_radiation_wavelength.id           1 
_diffrn_radiation_wavelength.wavelength   1.05 
_diffrn_radiation_wavelength.wt           1.0 
# 
_diffrn_source.diffrn_id                   1 
_diffrn_source.source                      SYNCHROTRON 
_diffrn_source.type                        'NSLS BEAMLINE X25' 
_diffrn_source.pdbx_synchrotron_site       NSLS 
_diffrn_source.pdbx_synchrotron_beamline   X25 
_diffrn_source.pdbx_wavelength             ? 
_diffrn_source.pdbx_wavelength_list        1.05 
# 
_reflns.entry_id                     1LY2 
_reflns.observed_criterion_sigma_F   ? 
_reflns.observed_criterion_sigma_I   ? 
_reflns.d_resolution_high            1.80 
_reflns.d_resolution_low             30 
_reflns.number_all                   12743 
_reflns.number_obs                   11265 
_reflns.percent_possible_obs         88.4 
_reflns.pdbx_Rmerge_I_obs            ? 
_reflns.pdbx_Rsym_value              ? 
_reflns.pdbx_netI_over_sigmaI        ? 
_reflns.B_iso_Wilson_estimate        ? 
_reflns.pdbx_redundancy              ? 
_reflns.R_free_details               ? 
_reflns.limit_h_max                  ? 
_reflns.limit_h_min                  ? 
_reflns.limit_k_max                  ? 
_reflns.limit_k_min                  ? 
_reflns.limit_l_max                  ? 
_reflns.limit_l_min                  ? 
_reflns.observed_criterion_F_max     ? 
_reflns.observed_criterion_F_min     ? 
_reflns.pdbx_ordinal                 1 
_reflns.pdbx_diffrn_id               1 
# 
_reflns_shell.d_res_high             1.80 
_reflns_shell.d_res_low              1.90 
_reflns_shell.percent_possible_all   55.8 
_reflns_shell.Rmerge_I_obs           ? 
_reflns_shell.pdbx_Rsym_value        0.1 
_reflns_shell.meanI_over_sigI_obs    ? 
_reflns_shell.pdbx_redundancy        ? 
_reflns_shell.percent_possible_obs   ? 
_reflns_shell.number_unique_all      ? 
_reflns_shell.pdbx_ordinal           1 
_reflns_shell.pdbx_diffrn_id         1 
# 
_refine.entry_id                                 1LY2 
_refine.ls_d_res_high                            1.80 
_refine.ls_d_res_low                             20.0 
_refine.pdbx_ls_sigma_F                          0.0 
_refine.pdbx_ls_sigma_I                          ? 
_refine.ls_number_reflns_all                     12743 
_refine.ls_number_reflns_obs                     11265 
_refine.ls_number_reflns_R_free                  1127 
_refine.ls_percent_reflns_obs                    ? 
_refine.ls_R_factor_all                          ? 
_refine.ls_R_factor_obs                          ? 
_refine.ls_R_factor_R_work                       0.179 
_refine.ls_R_factor_R_free                       0.234 
_refine.ls_redundancy_reflns_obs                 ? 
_refine.pdbx_data_cutoff_high_absF               ? 
_refine.pdbx_data_cutoff_low_absF                ? 
_refine.ls_number_parameters                     ? 
_refine.ls_number_restraints                     ? 
_refine.ls_percent_reflns_R_free                 10. 
_refine.ls_R_factor_R_free_error                 ? 
_refine.ls_R_factor_R_free_error_details         ? 
_refine.pdbx_method_to_determine_struct          'MOLECULAR REPLACEMENT' 
_refine.pdbx_starting_model                      'Crystal structure of liganded CD21 (complex with C3d)' 
_refine.pdbx_ls_cross_valid_method               THROUGHOUT 
_refine.pdbx_R_Free_selection_details            random 
_refine.pdbx_stereochem_target_val_spec_case     ? 
_refine.pdbx_stereochemistry_target_values       'Engh & Huber' 
_refine.solvent_model_details                    ? 
_refine.solvent_model_param_bsol                 ? 
_refine.solvent_model_param_ksol                 ? 
_refine.occupancy_max                            ? 
_refine.occupancy_min                            ? 
_refine.pdbx_isotropic_thermal_model             ? 
_refine.B_iso_mean                               ? 
_refine.aniso_B[1][1]                            ? 
_refine.aniso_B[1][2]                            ? 
_refine.aniso_B[1][3]                            ? 
_refine.aniso_B[2][2]                            ? 
_refine.aniso_B[2][3]                            ? 
_refine.aniso_B[3][3]                            ? 
_refine.details                                  ? 
_refine.B_iso_min                                ? 
_refine.B_iso_max                                ? 
_refine.correlation_coeff_Fo_to_Fc               ? 
_refine.correlation_coeff_Fo_to_Fc_free          ? 
_refine.pdbx_solvent_vdw_probe_radii             ? 
_refine.pdbx_solvent_ion_probe_radii             ? 
_refine.pdbx_solvent_shrinkage_radii             ? 
_refine.overall_SU_R_Cruickshank_DPI             ? 
_refine.overall_SU_R_free                        ? 
_refine.overall_SU_B                             ? 
_refine.overall_SU_ML                            ? 
_refine.pdbx_overall_ESU_R                       ? 
_refine.pdbx_overall_ESU_R_Free                  ? 
_refine.pdbx_data_cutoff_high_rms_absF           ? 
_refine.pdbx_refine_id                           'X-RAY DIFFRACTION' 
_refine.pdbx_diffrn_id                           1 
_refine.pdbx_TLS_residual_ADP_flag               ? 
_refine.pdbx_overall_phase_error                 ? 
_refine.pdbx_overall_SU_R_free_Cruickshank_DPI   ? 
_refine.pdbx_overall_SU_R_Blow_DPI               ? 
_refine.pdbx_overall_SU_R_free_Blow_DPI          ? 
# 
_refine_hist.pdbx_refine_id                   'X-RAY DIFFRACTION' 
_refine_hist.cycle_id                         LAST 
_refine_hist.pdbx_number_atoms_protein        996 
_refine_hist.pdbx_number_atoms_nucleic_acid   0 
_refine_hist.pdbx_number_atoms_ligand         28 
_refine_hist.number_atoms_solvent             146 
_refine_hist.number_atoms_total               1170 
_refine_hist.d_res_high                       1.80 
_refine_hist.d_res_low                        20.0 
# 
loop_
_refine_ls_restr.type 
_refine_ls_restr.dev_ideal 
_refine_ls_restr.dev_ideal_target 
_refine_ls_restr.weight 
_refine_ls_restr.number 
_refine_ls_restr.pdbx_refine_id 
_refine_ls_restr.pdbx_restraint_function 
x_bond_d    0.007 ? ? ? 'X-RAY DIFFRACTION' ? 
x_angle_deg 1.34  ? ? ? 'X-RAY DIFFRACTION' ? 
# 
_struct.entry_id                  1LY2 
_struct.title                     'Crystal structure of unliganded human CD21 SCR1-SCR2 (Complement receptor type 2)' 
_struct.pdbx_model_details        ? 
_struct.pdbx_CASP_flag            ? 
_struct.pdbx_model_type_details   ? 
# 
_struct_keywords.entry_id        1LY2 
_struct_keywords.pdbx_keywords   'IMMUNE SYSTEM' 
_struct_keywords.text            
;Complement receptor; Epstein Barr virus; Regulator of complement activation; short consensus repeat; viral receptor; complement control protein, IMMUNE SYSTEM
;
# 
loop_
_struct_asym.id 
_struct_asym.pdbx_blank_PDB_chainid_flag 
_struct_asym.pdbx_modified 
_struct_asym.entity_id 
_struct_asym.details 
A N N 1 ? 
B N N 2 ? 
C N N 2 ? 
D N N 3 ? 
# 
_struct_ref.id                         1 
_struct_ref.entity_id                  1 
_struct_ref.db_name                    UNP 
_struct_ref.db_code                    CR2_HUMAN 
_struct_ref.pdbx_db_accession          P20023 
_struct_ref.pdbx_align_begin           20 
_struct_ref.pdbx_seq_one_letter_code   
;GISCGSPPPILNGRISYYSTPIAVGTVIRYSCSGTFRLIGEKSLLCITKDKVDGTWDKPAPKCEYFNKYSSCPEPIVPGG
YKIRGSTPYRHGDSVTFACKTNFSMNGNKSVWCQANNMWGPTRLPTCVSV
;
_struct_ref.pdbx_db_isoform            ? 
# 
_struct_ref_seq.align_id                      1 
_struct_ref_seq.ref_id                        1 
_struct_ref_seq.pdbx_PDB_id_code              1LY2 
_struct_ref_seq.pdbx_strand_id                A 
_struct_ref_seq.seq_align_beg                 1 
_struct_ref_seq.pdbx_seq_align_beg_ins_code   ? 
_struct_ref_seq.seq_align_end                 130 
_struct_ref_seq.pdbx_seq_align_end_ins_code   ? 
_struct_ref_seq.pdbx_db_accession             P20023 
_struct_ref_seq.db_align_beg                  20 
_struct_ref_seq.pdbx_db_align_beg_ins_code    ? 
_struct_ref_seq.db_align_end                  149 
_struct_ref_seq.pdbx_db_align_end_ins_code    ? 
_struct_ref_seq.pdbx_auth_seq_align_beg       0 
_struct_ref_seq.pdbx_auth_seq_align_end       129 
# 
loop_
_struct_ref_seq_dif.align_id 
_struct_ref_seq_dif.pdbx_pdb_id_code 
_struct_ref_seq_dif.mon_id 
_struct_ref_seq_dif.pdbx_pdb_strand_id 
_struct_ref_seq_dif.seq_num 
_struct_ref_seq_dif.pdbx_pdb_ins_code 
_struct_ref_seq_dif.pdbx_seq_db_name 
_struct_ref_seq_dif.pdbx_seq_db_accession_code 
_struct_ref_seq_dif.db_mon_id 
_struct_ref_seq_dif.pdbx_seq_db_seq_num 
_struct_ref_seq_dif.details 
_struct_ref_seq_dif.pdbx_auth_seq_num 
_struct_ref_seq_dif.pdbx_ordinal 
1 1LY2 GLU A 1   ? UNP P20023 GLY 20  'cloning artifact' 0   1 
1 1LY2 ALA A 2   ? UNP P20023 ILE 21  'cloning artifact' 1   2 
1 1LY2 ILE A 130 ? UNP P20023 VAL 149 'cloning artifact' 129 3 
# 
_pdbx_struct_assembly.id                   1 
_pdbx_struct_assembly.details              author_defined_assembly 
_pdbx_struct_assembly.method_details       ? 
_pdbx_struct_assembly.oligomeric_details   monomeric 
_pdbx_struct_assembly.oligomeric_count     1 
# 
_pdbx_struct_assembly_gen.assembly_id       1 
_pdbx_struct_assembly_gen.oper_expression   1 
_pdbx_struct_assembly_gen.asym_id_list      A,B,C,D 
# 
_pdbx_struct_oper_list.id                   1 
_pdbx_struct_oper_list.type                 'identity operation' 
_pdbx_struct_oper_list.name                 1_555 
_pdbx_struct_oper_list.symmetry_operation   x,y,z 
_pdbx_struct_oper_list.matrix[1][1]         1.0000000000 
_pdbx_struct_oper_list.matrix[1][2]         0.0000000000 
_pdbx_struct_oper_list.matrix[1][3]         0.0000000000 
_pdbx_struct_oper_list.vector[1]            0.0000000000 
_pdbx_struct_oper_list.matrix[2][1]         0.0000000000 
_pdbx_struct_oper_list.matrix[2][2]         1.0000000000 
_pdbx_struct_oper_list.matrix[2][3]         0.0000000000 
_pdbx_struct_oper_list.vector[2]            0.0000000000 
_pdbx_struct_oper_list.matrix[3][1]         0.0000000000 
_pdbx_struct_oper_list.matrix[3][2]         0.0000000000 
_pdbx_struct_oper_list.matrix[3][3]         1.0000000000 
_pdbx_struct_oper_list.vector[3]            0.0000000000 
# 
_struct_biol.id   1 
# 
loop_
_struct_conn.id 
_struct_conn.conn_type_id 
_struct_conn.pdbx_leaving_atom_flag 
_struct_conn.pdbx_PDB_id 
_struct_conn.ptnr1_label_asym_id 
_struct_conn.ptnr1_label_comp_id 
_struct_conn.ptnr1_label_seq_id 
_struct_conn.ptnr1_label_atom_id 
_struct_conn.pdbx_ptnr1_label_alt_id 
_struct_conn.pdbx_ptnr1_PDB_ins_code 
_struct_conn.pdbx_ptnr1_standard_comp_id 
_struct_conn.ptnr1_symmetry 
_struct_conn.ptnr2_label_asym_id 
_struct_conn.ptnr2_label_comp_id 
_struct_conn.ptnr2_label_seq_id 
_struct_conn.ptnr2_label_atom_id 
_struct_conn.pdbx_ptnr2_label_alt_id 
_struct_conn.pdbx_ptnr2_PDB_ins_code 
_struct_conn.ptnr1_auth_asym_id 
_struct_conn.ptnr1_auth_comp_id 
_struct_conn.ptnr1_auth_seq_id 
_struct_conn.ptnr2_auth_asym_id 
_struct_conn.ptnr2_auth_comp_id 
_struct_conn.ptnr2_auth_seq_id 
_struct_conn.ptnr2_symmetry 
_struct_conn.pdbx_ptnr3_label_atom_id 
_struct_conn.pdbx_ptnr3_label_seq_id 
_struct_conn.pdbx_ptnr3_label_comp_id 
_struct_conn.pdbx_ptnr3_label_asym_id 
_struct_conn.pdbx_ptnr3_label_alt_id 
_struct_conn.pdbx_ptnr3_PDB_ins_code 
_struct_conn.details 
_struct_conn.pdbx_dist_value 
_struct_conn.pdbx_value_order 
_struct_conn.pdbx_role 
disulf1 disulf ?   ? A CYS 4   SG  ? ? ? 1_555 A CYS 46  SG ? ? A CYS 3   A CYS 45   1_555 ? ? ? ? ? ? ? 2.035 ? ?               
disulf2 disulf ?   ? A CYS 32  SG  ? ? ? 1_555 A CYS 63  SG ? ? A CYS 31  A CYS 62   1_555 ? ? ? ? ? ? ? 2.042 ? ?               
disulf3 disulf ?   ? A CYS 72  SG  ? ? ? 1_555 A CYS 113 SG ? ? A CYS 71  A CYS 112  1_555 ? ? ? ? ? ? ? 2.054 ? ?               
disulf4 disulf ?   ? A CYS 99  SG  ? ? ? 1_555 A CYS 127 SG ? ? A CYS 98  A CYS 126  1_555 ? ? ? ? ? ? ? 2.047 ? ?               
covale1 covale one ? A ASN 102 ND2 ? ? ? 1_555 B NAG .   C1 ? ? A ASN 101 A NAG 1001 1_555 ? ? ? ? ? ? ? 1.455 ? N-Glycosylation 
covale2 covale one ? A ASN 108 ND2 ? ? ? 1_555 C NAG .   C1 ? ? A ASN 107 A NAG 1002 1_555 ? ? ? ? ? ? ? 1.459 ? N-Glycosylation 
# 
loop_
_struct_conn_type.id 
_struct_conn_type.criteria 
_struct_conn_type.reference 
disulf ? ? 
covale ? ? 
# 
loop_
_pdbx_modification_feature.ordinal 
_pdbx_modification_feature.label_comp_id 
_pdbx_modification_feature.label_asym_id 
_pdbx_modification_feature.label_seq_id 
_pdbx_modification_feature.label_alt_id 
_pdbx_modification_feature.modified_residue_label_comp_id 
_pdbx_modification_feature.modified_residue_label_asym_id 
_pdbx_modification_feature.modified_residue_label_seq_id 
_pdbx_modification_feature.modified_residue_label_alt_id 
_pdbx_modification_feature.auth_comp_id 
_pdbx_modification_feature.auth_asym_id 
_pdbx_modification_feature.auth_seq_id 
_pdbx_modification_feature.PDB_ins_code 
_pdbx_modification_feature.symmetry 
_pdbx_modification_feature.modified_residue_auth_comp_id 
_pdbx_modification_feature.modified_residue_auth_asym_id 
_pdbx_modification_feature.modified_residue_auth_seq_id 
_pdbx_modification_feature.modified_residue_PDB_ins_code 
_pdbx_modification_feature.modified_residue_symmetry 
_pdbx_modification_feature.comp_id_linking_atom 
_pdbx_modification_feature.modified_residue_id_linking_atom 
_pdbx_modification_feature.modified_residue_id 
_pdbx_modification_feature.ref_pcm_id 
_pdbx_modification_feature.ref_comp_id 
_pdbx_modification_feature.type 
_pdbx_modification_feature.category 
1 NAG B .  ? ASN A 102 ? NAG A 1001 ? 1_555 ASN A 101 ? 1_555 C1 ND2 ASN 1 NAG N-Glycosylation Carbohydrate       
2 NAG C .  ? ASN A 108 ? NAG A 1002 ? 1_555 ASN A 107 ? 1_555 C1 ND2 ASN 1 NAG N-Glycosylation Carbohydrate       
3 CYS A 4  ? CYS A 46  ? CYS A 3    ? 1_555 CYS A 45  ? 1_555 SG SG  .   . .   None            'Disulfide bridge' 
4 CYS A 32 ? CYS A 63  ? CYS A 31   ? 1_555 CYS A 62  ? 1_555 SG SG  .   . .   None            'Disulfide bridge' 
5 CYS A 72 ? CYS A 113 ? CYS A 71   ? 1_555 CYS A 112 ? 1_555 SG SG  .   . .   None            'Disulfide bridge' 
6 CYS A 99 ? CYS A 127 ? CYS A 98   ? 1_555 CYS A 126 ? 1_555 SG SG  .   . .   None            'Disulfide bridge' 
# 
loop_
_struct_mon_prot_cis.pdbx_id 
_struct_mon_prot_cis.label_comp_id 
_struct_mon_prot_cis.label_seq_id 
_struct_mon_prot_cis.label_asym_id 
_struct_mon_prot_cis.label_alt_id 
_struct_mon_prot_cis.pdbx_PDB_ins_code 
_struct_mon_prot_cis.auth_comp_id 
_struct_mon_prot_cis.auth_seq_id 
_struct_mon_prot_cis.auth_asym_id 
_struct_mon_prot_cis.pdbx_label_comp_id_2 
_struct_mon_prot_cis.pdbx_label_seq_id_2 
_struct_mon_prot_cis.pdbx_label_asym_id_2 
_struct_mon_prot_cis.pdbx_PDB_ins_code_2 
_struct_mon_prot_cis.pdbx_auth_comp_id_2 
_struct_mon_prot_cis.pdbx_auth_seq_id_2 
_struct_mon_prot_cis.pdbx_auth_asym_id_2 
_struct_mon_prot_cis.pdbx_PDB_model_num 
_struct_mon_prot_cis.pdbx_omega_angle 
1 THR 20  A . ? THR 19  A PRO 21  A ? PRO 20  A 1 -0.16 
2 THR 87  A . ? THR 86  A PRO 88  A ? PRO 87  A 1 -0.22 
3 GLY 120 A . ? GLY 119 A PRO 121 A ? PRO 120 A 1 0.15  
# 
loop_
_struct_sheet.id 
_struct_sheet.type 
_struct_sheet.number_strands 
_struct_sheet.details 
A ? 2 ? 
B ? 4 ? 
C ? 2 ? 
D ? 2 ? 
E ? 4 ? 
F ? 2 ? 
# 
loop_
_struct_sheet_order.sheet_id 
_struct_sheet_order.range_id_1 
_struct_sheet_order.range_id_2 
_struct_sheet_order.offset 
_struct_sheet_order.sense 
A 1 2 ? anti-parallel 
B 1 2 ? anti-parallel 
B 2 3 ? anti-parallel 
B 3 4 ? anti-parallel 
C 1 2 ? anti-parallel 
D 1 2 ? anti-parallel 
E 1 2 ? anti-parallel 
E 2 3 ? anti-parallel 
E 3 4 ? anti-parallel 
F 1 2 ? anti-parallel 
# 
loop_
_struct_sheet_range.sheet_id 
_struct_sheet_range.id 
_struct_sheet_range.beg_label_comp_id 
_struct_sheet_range.beg_label_asym_id 
_struct_sheet_range.beg_label_seq_id 
_struct_sheet_range.pdbx_beg_PDB_ins_code 
_struct_sheet_range.end_label_comp_id 
_struct_sheet_range.end_label_asym_id 
_struct_sheet_range.end_label_seq_id 
_struct_sheet_range.pdbx_end_PDB_ins_code 
_struct_sheet_range.beg_auth_comp_id 
_struct_sheet_range.beg_auth_asym_id 
_struct_sheet_range.beg_auth_seq_id 
_struct_sheet_range.end_auth_comp_id 
_struct_sheet_range.end_auth_asym_id 
_struct_sheet_range.end_auth_seq_id 
A 1 SER A 3   ? CYS A 4   ? SER A 2   CYS A 3   
A 2 ILE A 22  ? ALA A 23  ? ILE A 21  ALA A 22  
B 1 GLY A 13  ? ILE A 15  ? GLY A 12  ILE A 14  
B 2 VAL A 27  ? CYS A 32  ? VAL A 26  CYS A 31  
B 3 SER A 43  ? ILE A 47  ? SER A 42  ILE A 46  
B 4 THR A 55  ? TRP A 56  ? THR A 54  TRP A 55  
C 1 PHE A 36  ? ILE A 39  ? PHE A 35  ILE A 38  
C 2 LYS A 62  ? TYR A 65  ? LYS A 61  TYR A 64  
D 1 SER A 71  ? CYS A 72  ? SER A 70  CYS A 71  
D 2 TYR A 89  ? ARG A 90  ? TYR A 88  ARG A 89  
E 1 GLY A 80  ? ARG A 84  ? GLY A 79  ARG A 83  
E 2 SER A 94  ? CYS A 99  ? SER A 93  CYS A 98  
E 3 SER A 110 ? CYS A 113 ? SER A 109 CYS A 112 
E 4 TRP A 119 ? GLY A 120 ? TRP A 118 GLY A 119 
F 1 PHE A 103 ? ASN A 106 ? PHE A 102 ASN A 105 
F 2 THR A 126 ? SER A 129 ? THR A 125 SER A 128 
# 
loop_
_pdbx_struct_sheet_hbond.sheet_id 
_pdbx_struct_sheet_hbond.range_id_1 
_pdbx_struct_sheet_hbond.range_id_2 
_pdbx_struct_sheet_hbond.range_1_label_atom_id 
_pdbx_struct_sheet_hbond.range_1_label_comp_id 
_pdbx_struct_sheet_hbond.range_1_label_asym_id 
_pdbx_struct_sheet_hbond.range_1_label_seq_id 
_pdbx_struct_sheet_hbond.range_1_PDB_ins_code 
_pdbx_struct_sheet_hbond.range_1_auth_atom_id 
_pdbx_struct_sheet_hbond.range_1_auth_comp_id 
_pdbx_struct_sheet_hbond.range_1_auth_asym_id 
_pdbx_struct_sheet_hbond.range_1_auth_seq_id 
_pdbx_struct_sheet_hbond.range_2_label_atom_id 
_pdbx_struct_sheet_hbond.range_2_label_comp_id 
_pdbx_struct_sheet_hbond.range_2_label_asym_id 
_pdbx_struct_sheet_hbond.range_2_label_seq_id 
_pdbx_struct_sheet_hbond.range_2_PDB_ins_code 
_pdbx_struct_sheet_hbond.range_2_auth_atom_id 
_pdbx_struct_sheet_hbond.range_2_auth_comp_id 
_pdbx_struct_sheet_hbond.range_2_auth_asym_id 
_pdbx_struct_sheet_hbond.range_2_auth_seq_id 
A 1 2 N CYS A 4   ? N CYS A 3   O ILE A 22  ? O ILE A 21  
B 1 2 N ARG A 14  ? N ARG A 13  O SER A 31  ? O SER A 30  
B 2 3 N ILE A 28  ? N ILE A 27  O LEU A 44  ? O LEU A 43  
B 3 4 N ILE A 47  ? N ILE A 46  O THR A 55  ? O THR A 54  
C 1 2 N ILE A 39  ? N ILE A 38  O LYS A 62  ? O LYS A 61  
D 1 2 N CYS A 72  ? N CYS A 71  O TYR A 89  ? O TYR A 88  
E 1 2 N TYR A 81  ? N TYR A 80  O ALA A 98  ? O ALA A 97  
E 2 3 N VAL A 95  ? N VAL A 94  O VAL A 111 ? O VAL A 110 
E 3 4 N TRP A 112 ? N TRP A 111 O GLY A 120 ? O GLY A 119 
F 1 2 N SER A 104 ? N SER A 103 O VAL A 128 ? O VAL A 127 
# 
_pdbx_entry_details.entry_id                   1LY2 
_pdbx_entry_details.compound_details           ? 
_pdbx_entry_details.source_details             ? 
_pdbx_entry_details.nonpolymer_details         ? 
_pdbx_entry_details.sequence_details           ? 
_pdbx_entry_details.has_ligand_of_interest     ? 
_pdbx_entry_details.has_protein_modification   Y 
# 
loop_
_pdbx_struct_mod_residue.id 
_pdbx_struct_mod_residue.label_asym_id 
_pdbx_struct_mod_residue.label_comp_id 
_pdbx_struct_mod_residue.label_seq_id 
_pdbx_struct_mod_residue.auth_asym_id 
_pdbx_struct_mod_residue.auth_comp_id 
_pdbx_struct_mod_residue.auth_seq_id 
_pdbx_struct_mod_residue.PDB_ins_code 
_pdbx_struct_mod_residue.parent_comp_id 
_pdbx_struct_mod_residue.details 
1 A ASN 102 A ASN 101 ? ASN 'GLYCOSYLATION SITE' 
2 A ASN 108 A ASN 107 ? ASN 'GLYCOSYLATION SITE' 
# 
loop_
_chem_comp_atom.comp_id 
_chem_comp_atom.atom_id 
_chem_comp_atom.type_symbol 
_chem_comp_atom.pdbx_aromatic_flag 
_chem_comp_atom.pdbx_stereo_config 
_chem_comp_atom.pdbx_ordinal 
ALA N    N N N 1   
ALA CA   C N S 2   
ALA C    C N N 3   
ALA O    O N N 4   
ALA CB   C N N 5   
ALA OXT  O N N 6   
ALA H    H N N 7   
ALA H2   H N N 8   
ALA HA   H N N 9   
ALA HB1  H N N 10  
ALA HB2  H N N 11  
ALA HB3  H N N 12  
ALA HXT  H N N 13  
ARG N    N N N 14  
ARG CA   C N S 15  
ARG C    C N N 16  
ARG O    O N N 17  
ARG CB   C N N 18  
ARG CG   C N N 19  
ARG CD   C N N 20  
ARG NE   N N N 21  
ARG CZ   C N N 22  
ARG NH1  N N N 23  
ARG NH2  N N N 24  
ARG OXT  O N N 25  
ARG H    H N N 26  
ARG H2   H N N 27  
ARG HA   H N N 28  
ARG HB2  H N N 29  
ARG HB3  H N N 30  
ARG HG2  H N N 31  
ARG HG3  H N N 32  
ARG HD2  H N N 33  
ARG HD3  H N N 34  
ARG HE   H N N 35  
ARG HH11 H N N 36  
ARG HH12 H N N 37  
ARG HH21 H N N 38  
ARG HH22 H N N 39  
ARG HXT  H N N 40  
ASN N    N N N 41  
ASN CA   C N S 42  
ASN C    C N N 43  
ASN O    O N N 44  
ASN CB   C N N 45  
ASN CG   C N N 46  
ASN OD1  O N N 47  
ASN ND2  N N N 48  
ASN OXT  O N N 49  
ASN H    H N N 50  
ASN H2   H N N 51  
ASN HA   H N N 52  
ASN HB2  H N N 53  
ASN HB3  H N N 54  
ASN HD21 H N N 55  
ASN HD22 H N N 56  
ASN HXT  H N N 57  
ASP N    N N N 58  
ASP CA   C N S 59  
ASP C    C N N 60  
ASP O    O N N 61  
ASP CB   C N N 62  
ASP CG   C N N 63  
ASP OD1  O N N 64  
ASP OD2  O N N 65  
ASP OXT  O N N 66  
ASP H    H N N 67  
ASP H2   H N N 68  
ASP HA   H N N 69  
ASP HB2  H N N 70  
ASP HB3  H N N 71  
ASP HD2  H N N 72  
ASP HXT  H N N 73  
CYS N    N N N 74  
CYS CA   C N R 75  
CYS C    C N N 76  
CYS O    O N N 77  
CYS CB   C N N 78  
CYS SG   S N N 79  
CYS OXT  O N N 80  
CYS H    H N N 81  
CYS H2   H N N 82  
CYS HA   H N N 83  
CYS HB2  H N N 84  
CYS HB3  H N N 85  
CYS HG   H N N 86  
CYS HXT  H N N 87  
GLN N    N N N 88  
GLN CA   C N S 89  
GLN C    C N N 90  
GLN O    O N N 91  
GLN CB   C N N 92  
GLN CG   C N N 93  
GLN CD   C N N 94  
GLN OE1  O N N 95  
GLN NE2  N N N 96  
GLN OXT  O N N 97  
GLN H    H N N 98  
GLN H2   H N N 99  
GLN HA   H N N 100 
GLN HB2  H N N 101 
GLN HB3  H N N 102 
GLN HG2  H N N 103 
GLN HG3  H N N 104 
GLN HE21 H N N 105 
GLN HE22 H N N 106 
GLN HXT  H N N 107 
GLU N    N N N 108 
GLU CA   C N S 109 
GLU C    C N N 110 
GLU O    O N N 111 
GLU CB   C N N 112 
GLU CG   C N N 113 
GLU CD   C N N 114 
GLU OE1  O N N 115 
GLU OE2  O N N 116 
GLU OXT  O N N 117 
GLU H    H N N 118 
GLU H2   H N N 119 
GLU HA   H N N 120 
GLU HB2  H N N 121 
GLU HB3  H N N 122 
GLU HG2  H N N 123 
GLU HG3  H N N 124 
GLU HE2  H N N 125 
GLU HXT  H N N 126 
GLY N    N N N 127 
GLY CA   C N N 128 
GLY C    C N N 129 
GLY O    O N N 130 
GLY OXT  O N N 131 
GLY H    H N N 132 
GLY H2   H N N 133 
GLY HA2  H N N 134 
GLY HA3  H N N 135 
GLY HXT  H N N 136 
HIS N    N N N 137 
HIS CA   C N S 138 
HIS C    C N N 139 
HIS O    O N N 140 
HIS CB   C N N 141 
HIS CG   C Y N 142 
HIS ND1  N Y N 143 
HIS CD2  C Y N 144 
HIS CE1  C Y N 145 
HIS NE2  N Y N 146 
HIS OXT  O N N 147 
HIS H    H N N 148 
HIS H2   H N N 149 
HIS HA   H N N 150 
HIS HB2  H N N 151 
HIS HB3  H N N 152 
HIS HD1  H N N 153 
HIS HD2  H N N 154 
HIS HE1  H N N 155 
HIS HE2  H N N 156 
HIS HXT  H N N 157 
HOH O    O N N 158 
HOH H1   H N N 159 
HOH H2   H N N 160 
ILE N    N N N 161 
ILE CA   C N S 162 
ILE C    C N N 163 
ILE O    O N N 164 
ILE CB   C N S 165 
ILE CG1  C N N 166 
ILE CG2  C N N 167 
ILE CD1  C N N 168 
ILE OXT  O N N 169 
ILE H    H N N 170 
ILE H2   H N N 171 
ILE HA   H N N 172 
ILE HB   H N N 173 
ILE HG12 H N N 174 
ILE HG13 H N N 175 
ILE HG21 H N N 176 
ILE HG22 H N N 177 
ILE HG23 H N N 178 
ILE HD11 H N N 179 
ILE HD12 H N N 180 
ILE HD13 H N N 181 
ILE HXT  H N N 182 
LEU N    N N N 183 
LEU CA   C N S 184 
LEU C    C N N 185 
LEU O    O N N 186 
LEU CB   C N N 187 
LEU CG   C N N 188 
LEU CD1  C N N 189 
LEU CD2  C N N 190 
LEU OXT  O N N 191 
LEU H    H N N 192 
LEU H2   H N N 193 
LEU HA   H N N 194 
LEU HB2  H N N 195 
LEU HB3  H N N 196 
LEU HG   H N N 197 
LEU HD11 H N N 198 
LEU HD12 H N N 199 
LEU HD13 H N N 200 
LEU HD21 H N N 201 
LEU HD22 H N N 202 
LEU HD23 H N N 203 
LEU HXT  H N N 204 
LYS N    N N N 205 
LYS CA   C N S 206 
LYS C    C N N 207 
LYS O    O N N 208 
LYS CB   C N N 209 
LYS CG   C N N 210 
LYS CD   C N N 211 
LYS CE   C N N 212 
LYS NZ   N N N 213 
LYS OXT  O N N 214 
LYS H    H N N 215 
LYS H2   H N N 216 
LYS HA   H N N 217 
LYS HB2  H N N 218 
LYS HB3  H N N 219 
LYS HG2  H N N 220 
LYS HG3  H N N 221 
LYS HD2  H N N 222 
LYS HD3  H N N 223 
LYS HE2  H N N 224 
LYS HE3  H N N 225 
LYS HZ1  H N N 226 
LYS HZ2  H N N 227 
LYS HZ3  H N N 228 
LYS HXT  H N N 229 
MET N    N N N 230 
MET CA   C N S 231 
MET C    C N N 232 
MET O    O N N 233 
MET CB   C N N 234 
MET CG   C N N 235 
MET SD   S N N 236 
MET CE   C N N 237 
MET OXT  O N N 238 
MET H    H N N 239 
MET H2   H N N 240 
MET HA   H N N 241 
MET HB2  H N N 242 
MET HB3  H N N 243 
MET HG2  H N N 244 
MET HG3  H N N 245 
MET HE1  H N N 246 
MET HE2  H N N 247 
MET HE3  H N N 248 
MET HXT  H N N 249 
NAG C1   C N R 250 
NAG C2   C N R 251 
NAG C3   C N R 252 
NAG C4   C N S 253 
NAG C5   C N R 254 
NAG C6   C N N 255 
NAG C7   C N N 256 
NAG C8   C N N 257 
NAG N2   N N N 258 
NAG O1   O N N 259 
NAG O3   O N N 260 
NAG O4   O N N 261 
NAG O5   O N N 262 
NAG O6   O N N 263 
NAG O7   O N N 264 
NAG H1   H N N 265 
NAG H2   H N N 266 
NAG H3   H N N 267 
NAG H4   H N N 268 
NAG H5   H N N 269 
NAG H61  H N N 270 
NAG H62  H N N 271 
NAG H81  H N N 272 
NAG H82  H N N 273 
NAG H83  H N N 274 
NAG HN2  H N N 275 
NAG HO1  H N N 276 
NAG HO3  H N N 277 
NAG HO4  H N N 278 
NAG HO6  H N N 279 
PHE N    N N N 280 
PHE CA   C N S 281 
PHE C    C N N 282 
PHE O    O N N 283 
PHE CB   C N N 284 
PHE CG   C Y N 285 
PHE CD1  C Y N 286 
PHE CD2  C Y N 287 
PHE CE1  C Y N 288 
PHE CE2  C Y N 289 
PHE CZ   C Y N 290 
PHE OXT  O N N 291 
PHE H    H N N 292 
PHE H2   H N N 293 
PHE HA   H N N 294 
PHE HB2  H N N 295 
PHE HB3  H N N 296 
PHE HD1  H N N 297 
PHE HD2  H N N 298 
PHE HE1  H N N 299 
PHE HE2  H N N 300 
PHE HZ   H N N 301 
PHE HXT  H N N 302 
PRO N    N N N 303 
PRO CA   C N S 304 
PRO C    C N N 305 
PRO O    O N N 306 
PRO CB   C N N 307 
PRO CG   C N N 308 
PRO CD   C N N 309 
PRO OXT  O N N 310 
PRO H    H N N 311 
PRO HA   H N N 312 
PRO HB2  H N N 313 
PRO HB3  H N N 314 
PRO HG2  H N N 315 
PRO HG3  H N N 316 
PRO HD2  H N N 317 
PRO HD3  H N N 318 
PRO HXT  H N N 319 
SER N    N N N 320 
SER CA   C N S 321 
SER C    C N N 322 
SER O    O N N 323 
SER CB   C N N 324 
SER OG   O N N 325 
SER OXT  O N N 326 
SER H    H N N 327 
SER H2   H N N 328 
SER HA   H N N 329 
SER HB2  H N N 330 
SER HB3  H N N 331 
SER HG   H N N 332 
SER HXT  H N N 333 
THR N    N N N 334 
THR CA   C N S 335 
THR C    C N N 336 
THR O    O N N 337 
THR CB   C N R 338 
THR OG1  O N N 339 
THR CG2  C N N 340 
THR OXT  O N N 341 
THR H    H N N 342 
THR H2   H N N 343 
THR HA   H N N 344 
THR HB   H N N 345 
THR HG1  H N N 346 
THR HG21 H N N 347 
THR HG22 H N N 348 
THR HG23 H N N 349 
THR HXT  H N N 350 
TRP N    N N N 351 
TRP CA   C N S 352 
TRP C    C N N 353 
TRP O    O N N 354 
TRP CB   C N N 355 
TRP CG   C Y N 356 
TRP CD1  C Y N 357 
TRP CD2  C Y N 358 
TRP NE1  N Y N 359 
TRP CE2  C Y N 360 
TRP CE3  C Y N 361 
TRP CZ2  C Y N 362 
TRP CZ3  C Y N 363 
TRP CH2  C Y N 364 
TRP OXT  O N N 365 
TRP H    H N N 366 
TRP H2   H N N 367 
TRP HA   H N N 368 
TRP HB2  H N N 369 
TRP HB3  H N N 370 
TRP HD1  H N N 371 
TRP HE1  H N N 372 
TRP HE3  H N N 373 
TRP HZ2  H N N 374 
TRP HZ3  H N N 375 
TRP HH2  H N N 376 
TRP HXT  H N N 377 
TYR N    N N N 378 
TYR CA   C N S 379 
TYR C    C N N 380 
TYR O    O N N 381 
TYR CB   C N N 382 
TYR CG   C Y N 383 
TYR CD1  C Y N 384 
TYR CD2  C Y N 385 
TYR CE1  C Y N 386 
TYR CE2  C Y N 387 
TYR CZ   C Y N 388 
TYR OH   O N N 389 
TYR OXT  O N N 390 
TYR H    H N N 391 
TYR H2   H N N 392 
TYR HA   H N N 393 
TYR HB2  H N N 394 
TYR HB3  H N N 395 
TYR HD1  H N N 396 
TYR HD2  H N N 397 
TYR HE1  H N N 398 
TYR HE2  H N N 399 
TYR HH   H N N 400 
TYR HXT  H N N 401 
VAL N    N N N 402 
VAL CA   C N S 403 
VAL C    C N N 404 
VAL O    O N N 405 
VAL CB   C N N 406 
VAL CG1  C N N 407 
VAL CG2  C N N 408 
VAL OXT  O N N 409 
VAL H    H N N 410 
VAL H2   H N N 411 
VAL HA   H N N 412 
VAL HB   H N N 413 
VAL HG11 H N N 414 
VAL HG12 H N N 415 
VAL HG13 H N N 416 
VAL HG21 H N N 417 
VAL HG22 H N N 418 
VAL HG23 H N N 419 
VAL HXT  H N N 420 
# 
loop_
_chem_comp_bond.comp_id 
_chem_comp_bond.atom_id_1 
_chem_comp_bond.atom_id_2 
_chem_comp_bond.value_order 
_chem_comp_bond.pdbx_aromatic_flag 
_chem_comp_bond.pdbx_stereo_config 
_chem_comp_bond.pdbx_ordinal 
ALA N   CA   sing N N 1   
ALA N   H    sing N N 2   
ALA N   H2   sing N N 3   
ALA CA  C    sing N N 4   
ALA CA  CB   sing N N 5   
ALA CA  HA   sing N N 6   
ALA C   O    doub N N 7   
ALA C   OXT  sing N N 8   
ALA CB  HB1  sing N N 9   
ALA CB  HB2  sing N N 10  
ALA CB  HB3  sing N N 11  
ALA OXT HXT  sing N N 12  
ARG N   CA   sing N N 13  
ARG N   H    sing N N 14  
ARG N   H2   sing N N 15  
ARG CA  C    sing N N 16  
ARG CA  CB   sing N N 17  
ARG CA  HA   sing N N 18  
ARG C   O    doub N N 19  
ARG C   OXT  sing N N 20  
ARG CB  CG   sing N N 21  
ARG CB  HB2  sing N N 22  
ARG CB  HB3  sing N N 23  
ARG CG  CD   sing N N 24  
ARG CG  HG2  sing N N 25  
ARG CG  HG3  sing N N 26  
ARG CD  NE   sing N N 27  
ARG CD  HD2  sing N N 28  
ARG CD  HD3  sing N N 29  
ARG NE  CZ   sing N N 30  
ARG NE  HE   sing N N 31  
ARG CZ  NH1  sing N N 32  
ARG CZ  NH2  doub N N 33  
ARG NH1 HH11 sing N N 34  
ARG NH1 HH12 sing N N 35  
ARG NH2 HH21 sing N N 36  
ARG NH2 HH22 sing N N 37  
ARG OXT HXT  sing N N 38  
ASN N   CA   sing N N 39  
ASN N   H    sing N N 40  
ASN N   H2   sing N N 41  
ASN CA  C    sing N N 42  
ASN CA  CB   sing N N 43  
ASN CA  HA   sing N N 44  
ASN C   O    doub N N 45  
ASN C   OXT  sing N N 46  
ASN CB  CG   sing N N 47  
ASN CB  HB2  sing N N 48  
ASN CB  HB3  sing N N 49  
ASN CG  OD1  doub N N 50  
ASN CG  ND2  sing N N 51  
ASN ND2 HD21 sing N N 52  
ASN ND2 HD22 sing N N 53  
ASN OXT HXT  sing N N 54  
ASP N   CA   sing N N 55  
ASP N   H    sing N N 56  
ASP N   H2   sing N N 57  
ASP CA  C    sing N N 58  
ASP CA  CB   sing N N 59  
ASP CA  HA   sing N N 60  
ASP C   O    doub N N 61  
ASP C   OXT  sing N N 62  
ASP CB  CG   sing N N 63  
ASP CB  HB2  sing N N 64  
ASP CB  HB3  sing N N 65  
ASP CG  OD1  doub N N 66  
ASP CG  OD2  sing N N 67  
ASP OD2 HD2  sing N N 68  
ASP OXT HXT  sing N N 69  
CYS N   CA   sing N N 70  
CYS N   H    sing N N 71  
CYS N   H2   sing N N 72  
CYS CA  C    sing N N 73  
CYS CA  CB   sing N N 74  
CYS CA  HA   sing N N 75  
CYS C   O    doub N N 76  
CYS C   OXT  sing N N 77  
CYS CB  SG   sing N N 78  
CYS CB  HB2  sing N N 79  
CYS CB  HB3  sing N N 80  
CYS SG  HG   sing N N 81  
CYS OXT HXT  sing N N 82  
GLN N   CA   sing N N 83  
GLN N   H    sing N N 84  
GLN N   H2   sing N N 85  
GLN CA  C    sing N N 86  
GLN CA  CB   sing N N 87  
GLN CA  HA   sing N N 88  
GLN C   O    doub N N 89  
GLN C   OXT  sing N N 90  
GLN CB  CG   sing N N 91  
GLN CB  HB2  sing N N 92  
GLN CB  HB3  sing N N 93  
GLN CG  CD   sing N N 94  
GLN CG  HG2  sing N N 95  
GLN CG  HG3  sing N N 96  
GLN CD  OE1  doub N N 97  
GLN CD  NE2  sing N N 98  
GLN NE2 HE21 sing N N 99  
GLN NE2 HE22 sing N N 100 
GLN OXT HXT  sing N N 101 
GLU N   CA   sing N N 102 
GLU N   H    sing N N 103 
GLU N   H2   sing N N 104 
GLU CA  C    sing N N 105 
GLU CA  CB   sing N N 106 
GLU CA  HA   sing N N 107 
GLU C   O    doub N N 108 
GLU C   OXT  sing N N 109 
GLU CB  CG   sing N N 110 
GLU CB  HB2  sing N N 111 
GLU CB  HB3  sing N N 112 
GLU CG  CD   sing N N 113 
GLU CG  HG2  sing N N 114 
GLU CG  HG3  sing N N 115 
GLU CD  OE1  doub N N 116 
GLU CD  OE2  sing N N 117 
GLU OE2 HE2  sing N N 118 
GLU OXT HXT  sing N N 119 
GLY N   CA   sing N N 120 
GLY N   H    sing N N 121 
GLY N   H2   sing N N 122 
GLY CA  C    sing N N 123 
GLY CA  HA2  sing N N 124 
GLY CA  HA3  sing N N 125 
GLY C   O    doub N N 126 
GLY C   OXT  sing N N 127 
GLY OXT HXT  sing N N 128 
HIS N   CA   sing N N 129 
HIS N   H    sing N N 130 
HIS N   H2   sing N N 131 
HIS CA  C    sing N N 132 
HIS CA  CB   sing N N 133 
HIS CA  HA   sing N N 134 
HIS C   O    doub N N 135 
HIS C   OXT  sing N N 136 
HIS CB  CG   sing N N 137 
HIS CB  HB2  sing N N 138 
HIS CB  HB3  sing N N 139 
HIS CG  ND1  sing Y N 140 
HIS CG  CD2  doub Y N 141 
HIS ND1 CE1  doub Y N 142 
HIS ND1 HD1  sing N N 143 
HIS CD2 NE2  sing Y N 144 
HIS CD2 HD2  sing N N 145 
HIS CE1 NE2  sing Y N 146 
HIS CE1 HE1  sing N N 147 
HIS NE2 HE2  sing N N 148 
HIS OXT HXT  sing N N 149 
HOH O   H1   sing N N 150 
HOH O   H2   sing N N 151 
ILE N   CA   sing N N 152 
ILE N   H    sing N N 153 
ILE N   H2   sing N N 154 
ILE CA  C    sing N N 155 
ILE CA  CB   sing N N 156 
ILE CA  HA   sing N N 157 
ILE C   O    doub N N 158 
ILE C   OXT  sing N N 159 
ILE CB  CG1  sing N N 160 
ILE CB  CG2  sing N N 161 
ILE CB  HB   sing N N 162 
ILE CG1 CD1  sing N N 163 
ILE CG1 HG12 sing N N 164 
ILE CG1 HG13 sing N N 165 
ILE CG2 HG21 sing N N 166 
ILE CG2 HG22 sing N N 167 
ILE CG2 HG23 sing N N 168 
ILE CD1 HD11 sing N N 169 
ILE CD1 HD12 sing N N 170 
ILE CD1 HD13 sing N N 171 
ILE OXT HXT  sing N N 172 
LEU N   CA   sing N N 173 
LEU N   H    sing N N 174 
LEU N   H2   sing N N 175 
LEU CA  C    sing N N 176 
LEU CA  CB   sing N N 177 
LEU CA  HA   sing N N 178 
LEU C   O    doub N N 179 
LEU C   OXT  sing N N 180 
LEU CB  CG   sing N N 181 
LEU CB  HB2  sing N N 182 
LEU CB  HB3  sing N N 183 
LEU CG  CD1  sing N N 184 
LEU CG  CD2  sing N N 185 
LEU CG  HG   sing N N 186 
LEU CD1 HD11 sing N N 187 
LEU CD1 HD12 sing N N 188 
LEU CD1 HD13 sing N N 189 
LEU CD2 HD21 sing N N 190 
LEU CD2 HD22 sing N N 191 
LEU CD2 HD23 sing N N 192 
LEU OXT HXT  sing N N 193 
LYS N   CA   sing N N 194 
LYS N   H    sing N N 195 
LYS N   H2   sing N N 196 
LYS CA  C    sing N N 197 
LYS CA  CB   sing N N 198 
LYS CA  HA   sing N N 199 
LYS C   O    doub N N 200 
LYS C   OXT  sing N N 201 
LYS CB  CG   sing N N 202 
LYS CB  HB2  sing N N 203 
LYS CB  HB3  sing N N 204 
LYS CG  CD   sing N N 205 
LYS CG  HG2  sing N N 206 
LYS CG  HG3  sing N N 207 
LYS CD  CE   sing N N 208 
LYS CD  HD2  sing N N 209 
LYS CD  HD3  sing N N 210 
LYS CE  NZ   sing N N 211 
LYS CE  HE2  sing N N 212 
LYS CE  HE3  sing N N 213 
LYS NZ  HZ1  sing N N 214 
LYS NZ  HZ2  sing N N 215 
LYS NZ  HZ3  sing N N 216 
LYS OXT HXT  sing N N 217 
MET N   CA   sing N N 218 
MET N   H    sing N N 219 
MET N   H2   sing N N 220 
MET CA  C    sing N N 221 
MET CA  CB   sing N N 222 
MET CA  HA   sing N N 223 
MET C   O    doub N N 224 
MET C   OXT  sing N N 225 
MET CB  CG   sing N N 226 
MET CB  HB2  sing N N 227 
MET CB  HB3  sing N N 228 
MET CG  SD   sing N N 229 
MET CG  HG2  sing N N 230 
MET CG  HG3  sing N N 231 
MET SD  CE   sing N N 232 
MET CE  HE1  sing N N 233 
MET CE  HE2  sing N N 234 
MET CE  HE3  sing N N 235 
MET OXT HXT  sing N N 236 
NAG C1  C2   sing N N 237 
NAG C1  O1   sing N N 238 
NAG C1  O5   sing N N 239 
NAG C1  H1   sing N N 240 
NAG C2  C3   sing N N 241 
NAG C2  N2   sing N N 242 
NAG C2  H2   sing N N 243 
NAG C3  C4   sing N N 244 
NAG C3  O3   sing N N 245 
NAG C3  H3   sing N N 246 
NAG C4  C5   sing N N 247 
NAG C4  O4   sing N N 248 
NAG C4  H4   sing N N 249 
NAG C5  C6   sing N N 250 
NAG C5  O5   sing N N 251 
NAG C5  H5   sing N N 252 
NAG C6  O6   sing N N 253 
NAG C6  H61  sing N N 254 
NAG C6  H62  sing N N 255 
NAG C7  C8   sing N N 256 
NAG C7  N2   sing N N 257 
NAG C7  O7   doub N N 258 
NAG C8  H81  sing N N 259 
NAG C8  H82  sing N N 260 
NAG C8  H83  sing N N 261 
NAG N2  HN2  sing N N 262 
NAG O1  HO1  sing N N 263 
NAG O3  HO3  sing N N 264 
NAG O4  HO4  sing N N 265 
NAG O6  HO6  sing N N 266 
PHE N   CA   sing N N 267 
PHE N   H    sing N N 268 
PHE N   H2   sing N N 269 
PHE CA  C    sing N N 270 
PHE CA  CB   sing N N 271 
PHE CA  HA   sing N N 272 
PHE C   O    doub N N 273 
PHE C   OXT  sing N N 274 
PHE CB  CG   sing N N 275 
PHE CB  HB2  sing N N 276 
PHE CB  HB3  sing N N 277 
PHE CG  CD1  doub Y N 278 
PHE CG  CD2  sing Y N 279 
PHE CD1 CE1  sing Y N 280 
PHE CD1 HD1  sing N N 281 
PHE CD2 CE2  doub Y N 282 
PHE CD2 HD2  sing N N 283 
PHE CE1 CZ   doub Y N 284 
PHE CE1 HE1  sing N N 285 
PHE CE2 CZ   sing Y N 286 
PHE CE2 HE2  sing N N 287 
PHE CZ  HZ   sing N N 288 
PHE OXT HXT  sing N N 289 
PRO N   CA   sing N N 290 
PRO N   CD   sing N N 291 
PRO N   H    sing N N 292 
PRO CA  C    sing N N 293 
PRO CA  CB   sing N N 294 
PRO CA  HA   sing N N 295 
PRO C   O    doub N N 296 
PRO C   OXT  sing N N 297 
PRO CB  CG   sing N N 298 
PRO CB  HB2  sing N N 299 
PRO CB  HB3  sing N N 300 
PRO CG  CD   sing N N 301 
PRO CG  HG2  sing N N 302 
PRO CG  HG3  sing N N 303 
PRO CD  HD2  sing N N 304 
PRO CD  HD3  sing N N 305 
PRO OXT HXT  sing N N 306 
SER N   CA   sing N N 307 
SER N   H    sing N N 308 
SER N   H2   sing N N 309 
SER CA  C    sing N N 310 
SER CA  CB   sing N N 311 
SER CA  HA   sing N N 312 
SER C   O    doub N N 313 
SER C   OXT  sing N N 314 
SER CB  OG   sing N N 315 
SER CB  HB2  sing N N 316 
SER CB  HB3  sing N N 317 
SER OG  HG   sing N N 318 
SER OXT HXT  sing N N 319 
THR N   CA   sing N N 320 
THR N   H    sing N N 321 
THR N   H2   sing N N 322 
THR CA  C    sing N N 323 
THR CA  CB   sing N N 324 
THR CA  HA   sing N N 325 
THR C   O    doub N N 326 
THR C   OXT  sing N N 327 
THR CB  OG1  sing N N 328 
THR CB  CG2  sing N N 329 
THR CB  HB   sing N N 330 
THR OG1 HG1  sing N N 331 
THR CG2 HG21 sing N N 332 
THR CG2 HG22 sing N N 333 
THR CG2 HG23 sing N N 334 
THR OXT HXT  sing N N 335 
TRP N   CA   sing N N 336 
TRP N   H    sing N N 337 
TRP N   H2   sing N N 338 
TRP CA  C    sing N N 339 
TRP CA  CB   sing N N 340 
TRP CA  HA   sing N N 341 
TRP C   O    doub N N 342 
TRP C   OXT  sing N N 343 
TRP CB  CG   sing N N 344 
TRP CB  HB2  sing N N 345 
TRP CB  HB3  sing N N 346 
TRP CG  CD1  doub Y N 347 
TRP CG  CD2  sing Y N 348 
TRP CD1 NE1  sing Y N 349 
TRP CD1 HD1  sing N N 350 
TRP CD2 CE2  doub Y N 351 
TRP CD2 CE3  sing Y N 352 
TRP NE1 CE2  sing Y N 353 
TRP NE1 HE1  sing N N 354 
TRP CE2 CZ2  sing Y N 355 
TRP CE3 CZ3  doub Y N 356 
TRP CE3 HE3  sing N N 357 
TRP CZ2 CH2  doub Y N 358 
TRP CZ2 HZ2  sing N N 359 
TRP CZ3 CH2  sing Y N 360 
TRP CZ3 HZ3  sing N N 361 
TRP CH2 HH2  sing N N 362 
TRP OXT HXT  sing N N 363 
TYR N   CA   sing N N 364 
TYR N   H    sing N N 365 
TYR N   H2   sing N N 366 
TYR CA  C    sing N N 367 
TYR CA  CB   sing N N 368 
TYR CA  HA   sing N N 369 
TYR C   O    doub N N 370 
TYR C   OXT  sing N N 371 
TYR CB  CG   sing N N 372 
TYR CB  HB2  sing N N 373 
TYR CB  HB3  sing N N 374 
TYR CG  CD1  doub Y N 375 
TYR CG  CD2  sing Y N 376 
TYR CD1 CE1  sing Y N 377 
TYR CD1 HD1  sing N N 378 
TYR CD2 CE2  doub Y N 379 
TYR CD2 HD2  sing N N 380 
TYR CE1 CZ   doub Y N 381 
TYR CE1 HE1  sing N N 382 
TYR CE2 CZ   sing Y N 383 
TYR CE2 HE2  sing N N 384 
TYR CZ  OH   sing N N 385 
TYR OH  HH   sing N N 386 
TYR OXT HXT  sing N N 387 
VAL N   CA   sing N N 388 
VAL N   H    sing N N 389 
VAL N   H2   sing N N 390 
VAL CA  C    sing N N 391 
VAL CA  CB   sing N N 392 
VAL CA  HA   sing N N 393 
VAL C   O    doub N N 394 
VAL C   OXT  sing N N 395 
VAL CB  CG1  sing N N 396 
VAL CB  CG2  sing N N 397 
VAL CB  HB   sing N N 398 
VAL CG1 HG11 sing N N 399 
VAL CG1 HG12 sing N N 400 
VAL CG1 HG13 sing N N 401 
VAL CG2 HG21 sing N N 402 
VAL CG2 HG22 sing N N 403 
VAL CG2 HG23 sing N N 404 
VAL OXT HXT  sing N N 405 
# 
_pdbx_initial_refinement_model.accession_code   ? 
_pdbx_initial_refinement_model.id               1 
_pdbx_initial_refinement_model.entity_id_list   ? 
_pdbx_initial_refinement_model.type             'experimental model' 
_pdbx_initial_refinement_model.source_name      Other 
_pdbx_initial_refinement_model.details          'Crystal structure of liganded CD21 (complex with C3d)' 
# 
_atom_sites.entry_id                    1LY2 
_atom_sites.fract_transf_matrix[1][1]   -0.02126260 
_atom_sites.fract_transf_matrix[1][2]   0.01900890 
_atom_sites.fract_transf_matrix[1][3]   0.02743363 
_atom_sites.fract_transf_matrix[2][1]   0.01158096 
_atom_sites.fract_transf_matrix[2][2]   0.02985211 
_atom_sites.fract_transf_matrix[2][3]   0.01412620 
_atom_sites.fract_transf_matrix[3][1]   -0.01657661 
_atom_sites.fract_transf_matrix[3][2]   0.01817055 
_atom_sites.fract_transf_matrix[3][3]   -0.00924244 
_atom_sites.fract_transf_vector[1]      0.570014 
_atom_sites.fract_transf_vector[2]      0.817087 
_atom_sites.fract_transf_vector[3]      0.866314 
# 
loop_
_atom_type.symbol 
C 
N 
O 
S 
# 
loop_
_atom_site.group_PDB 
_atom_site.id 
_atom_site.type_symbol 
_atom_site.label_atom_id 
_atom_site.label_alt_id 
_atom_site.label_comp_id 
_atom_site.label_asym_id 
_atom_site.label_entity_id 
_atom_site.label_seq_id 
_atom_site.pdbx_PDB_ins_code 
_atom_site.Cartn_x 
_atom_site.Cartn_y 
_atom_site.Cartn_z 
_atom_site.occupancy 
_atom_site.B_iso_or_equiv 
_atom_site.pdbx_formal_charge 
_atom_site.auth_seq_id 
_atom_site.auth_comp_id 
_atom_site.auth_asym_id 
_atom_site.auth_atom_id 
_atom_site.pdbx_PDB_model_num 
ATOM   1    N N   . GLU A 1 1   ? 21.401  -18.332 -5.187  1.00 30.63 ? 0    GLU A N   1 
ATOM   2    C CA  . GLU A 1 1   ? 20.654  -17.478 -4.269  1.00 28.28 ? 0    GLU A CA  1 
ATOM   3    C C   . GLU A 1 1   ? 19.163  -17.461 -4.591  1.00 24.07 ? 0    GLU A C   1 
ATOM   4    O O   . GLU A 1 1   ? 18.764  -17.737 -5.717  1.00 22.40 ? 0    GLU A O   1 
ATOM   5    C CB  . GLU A 1 1   ? 21.191  -16.042 -4.300  1.00 30.64 ? 0    GLU A CB  1 
ATOM   6    C CG  . GLU A 1 1   ? 22.600  -15.878 -3.745  1.00 29.63 ? 0    GLU A CG  1 
ATOM   7    C CD  . GLU A 1 1   ? 22.779  -16.528 -2.383  1.00 36.05 ? 0    GLU A CD  1 
ATOM   8    O OE1 . GLU A 1 1   ? 21.889  -16.383 -1.515  1.00 40.95 ? 0    GLU A OE1 1 
ATOM   9    O OE2 . GLU A 1 1   ? 23.819  -17.193 -2.185  1.00 34.80 ? 0    GLU A OE2 1 
ATOM   10   N N   . ALA A 1 2   ? 18.341  -17.156 -3.591  1.00 25.08 ? 1    ALA A N   1 
ATOM   11   C CA  . ALA A 1 2   ? 16.896  -17.092 -3.793  1.00 24.74 ? 1    ALA A CA  1 
ATOM   12   C C   . ALA A 1 2   ? 16.578  -15.919 -4.719  1.00 22.78 ? 1    ALA A C   1 
ATOM   13   O O   . ALA A 1 2   ? 17.336  -14.941 -4.787  1.00 23.07 ? 1    ALA A O   1 
ATOM   14   C CB  . ALA A 1 2   ? 16.179  -16.919 -2.457  1.00 20.65 ? 1    ALA A CB  1 
ATOM   15   N N   . SER A 1 3   ? 15.471  -16.022 -5.441  1.00 21.11 ? 2    SER A N   1 
ATOM   16   C CA  . SER A 1 3   ? 15.058  -14.960 -6.348  1.00 21.61 ? 2    SER A CA  1 
ATOM   17   C C   . SER A 1 3   ? 13.532  -14.931 -6.445  1.00 22.48 ? 2    SER A C   1 
ATOM   18   O O   . SER A 1 3   ? 12.860  -15.890 -6.049  1.00 17.43 ? 2    SER A O   1 
ATOM   19   C CB  . SER A 1 3   ? 15.687  -15.169 -7.729  1.00 19.98 ? 2    SER A CB  1 
ATOM   20   O OG  . SER A 1 3   ? 15.265  -16.394 -8.303  1.00 23.42 ? 2    SER A OG  1 
ATOM   21   N N   . CYS A 1 4   ? 12.994  -13.817 -6.929  1.00 17.09 ? 3    CYS A N   1 
ATOM   22   C CA  . CYS A 1 4   ? 11.553  -13.655 -7.078  1.00 19.87 ? 3    CYS A CA  1 
ATOM   23   C C   . CYS A 1 4   ? 11.103  -13.842 -8.517  1.00 20.51 ? 3    CYS A C   1 
ATOM   24   O O   . CYS A 1 4   ? 11.880  -13.639 -9.455  1.00 21.33 ? 3    CYS A O   1 
ATOM   25   C CB  . CYS A 1 4   ? 11.115  -12.265 -6.601  1.00 16.67 ? 3    CYS A CB  1 
ATOM   26   S SG  . CYS A 1 4   ? 11.076  -12.070 -4.793  1.00 32.71 ? 3    CYS A SG  1 
ATOM   27   N N   . GLY A 1 5   ? 9.848   -14.248 -8.682  1.00 15.81 ? 4    GLY A N   1 
ATOM   28   C CA  . GLY A 1 5   ? 9.294   -14.409 -10.010 1.00 15.32 ? 4    GLY A CA  1 
ATOM   29   C C   . GLY A 1 5   ? 8.823   -13.046 -10.487 1.00 19.07 ? 4    GLY A C   1 
ATOM   30   O O   . GLY A 1 5   ? 8.988   -12.044 -9.777  1.00 15.95 ? 4    GLY A O   1 
ATOM   31   N N   . SER A 1 6   ? 8.230   -13.006 -11.676 1.00 19.86 ? 5    SER A N   1 
ATOM   32   C CA  . SER A 1 6   ? 7.719   -11.762 -12.255 1.00 24.96 ? 5    SER A CA  1 
ATOM   33   C C   . SER A 1 6   ? 6.813   -11.042 -11.256 1.00 21.13 ? 5    SER A C   1 
ATOM   34   O O   . SER A 1 6   ? 6.043   -11.680 -10.530 1.00 24.38 ? 5    SER A O   1 
ATOM   35   C CB  . SER A 1 6   ? 6.912   -12.062 -13.527 1.00 24.82 ? 5    SER A CB  1 
ATOM   36   O OG  . SER A 1 6   ? 7.620   -12.928 -14.404 1.00 40.57 ? 5    SER A OG  1 
ATOM   37   N N   . PRO A 1 7   ? 6.903   -9.702  -11.198 1.00 14.68 ? 6    PRO A N   1 
ATOM   38   C CA  . PRO A 1 7   ? 6.096   -8.880  -10.291 1.00 17.21 ? 6    PRO A CA  1 
ATOM   39   C C   . PRO A 1 7   ? 4.635   -8.991  -10.690 1.00 19.24 ? 6    PRO A C   1 
ATOM   40   O O   . PRO A 1 7   ? 4.334   -9.303  -11.845 1.00 19.26 ? 6    PRO A O   1 
ATOM   41   C CB  . PRO A 1 7   ? 6.591   -7.465  -10.586 1.00 16.48 ? 6    PRO A CB  1 
ATOM   42   C CG  . PRO A 1 7   ? 7.963   -7.663  -11.120 1.00 20.62 ? 6    PRO A CG  1 
ATOM   43   C CD  . PRO A 1 7   ? 7.799   -8.858  -11.999 1.00 19.60 ? 6    PRO A CD  1 
ATOM   44   N N   . PRO A 1 8   ? 3.706   -8.787  -9.739  1.00 19.98 ? 7    PRO A N   1 
ATOM   45   C CA  . PRO A 1 8   ? 2.289   -8.880  -10.123 1.00 18.35 ? 7    PRO A CA  1 
ATOM   46   C C   . PRO A 1 8   ? 1.955   -7.741  -11.101 1.00 21.66 ? 7    PRO A C   1 
ATOM   47   O O   . PRO A 1 8   ? 2.291   -6.573  -10.845 1.00 12.43 ? 7    PRO A O   1 
ATOM   48   C CB  . PRO A 1 8   ? 1.552   -8.706  -8.783  1.00 11.53 ? 7    PRO A CB  1 
ATOM   49   C CG  . PRO A 1 8   ? 2.539   -9.258  -7.776  1.00 17.47 ? 7    PRO A CG  1 
ATOM   50   C CD  . PRO A 1 8   ? 3.855   -8.687  -8.273  1.00 17.74 ? 7    PRO A CD  1 
ATOM   51   N N   . PRO A 1 9   ? 1.374   -8.073  -12.268 1.00 17.91 ? 8    PRO A N   1 
ATOM   52   C CA  . PRO A 1 9   ? 1.035   -7.023  -13.236 1.00 18.10 ? 8    PRO A CA  1 
ATOM   53   C C   . PRO A 1 9   ? -0.024  -6.037  -12.718 1.00 20.24 ? 8    PRO A C   1 
ATOM   54   O O   . PRO A 1 9   ? -0.658  -6.280  -11.680 1.00 11.92 ? 8    PRO A O   1 
ATOM   55   C CB  . PRO A 1 9   ? 0.570   -7.820  -14.458 1.00 24.52 ? 8    PRO A CB  1 
ATOM   56   C CG  . PRO A 1 9   ? 0.110   -9.131  -13.876 1.00 26.48 ? 8    PRO A CG  1 
ATOM   57   C CD  . PRO A 1 9   ? 1.112   -9.416  -12.817 1.00 18.64 ? 8    PRO A CD  1 
ATOM   58   N N   . ILE A 1 10  ? -0.161  -4.901  -13.404 1.00 17.01 ? 9    ILE A N   1 
ATOM   59   C CA  . ILE A 1 10  ? -1.123  -3.871  -13.017 1.00 11.97 ? 9    ILE A CA  1 
ATOM   60   C C   . ILE A 1 10  ? -1.900  -3.284  -14.209 1.00 12.79 ? 9    ILE A C   1 
ATOM   61   O O   . ILE A 1 10  ? -1.325  -2.691  -15.125 1.00 10.55 ? 9    ILE A O   1 
ATOM   62   C CB  . ILE A 1 10  ? -0.437  -2.723  -12.206 1.00 15.82 ? 9    ILE A CB  1 
ATOM   63   C CG1 . ILE A 1 10  ? -1.477  -1.711  -11.734 1.00 12.62 ? 9    ILE A CG1 1 
ATOM   64   C CG2 . ILE A 1 10  ? 0.645   -2.038  -13.031 1.00 10.41 ? 9    ILE A CG2 1 
ATOM   65   C CD1 . ILE A 1 10  ? -0.946  -0.717  -10.718 1.00 13.67 ? 9    ILE A CD1 1 
ATOM   66   N N   . LEU A 1 11  ? -3.217  -3.442  -14.180 1.00 14.08 ? 10   LEU A N   1 
ATOM   67   C CA  . LEU A 1 11  ? -4.074  -2.914  -15.242 1.00 14.49 ? 10   LEU A CA  1 
ATOM   68   C C   . LEU A 1 11  ? -3.986  -1.385  -15.280 1.00 14.84 ? 10   LEU A C   1 
ATOM   69   O O   . LEU A 1 11  ? -4.099  -0.729  -14.238 1.00 11.67 ? 10   LEU A O   1 
ATOM   70   C CB  . LEU A 1 11  ? -5.529  -3.328  -14.992 1.00 11.45 ? 10   LEU A CB  1 
ATOM   71   C CG  . LEU A 1 11  ? -6.575  -2.846  -16.003 1.00 11.18 ? 10   LEU A CG  1 
ATOM   72   C CD1 . LEU A 1 11  ? -6.309  -3.456  -17.373 1.00 15.91 ? 10   LEU A CD1 1 
ATOM   73   C CD2 . LEU A 1 11  ? -7.958  -3.225  -15.510 1.00 11.88 ? 10   LEU A CD2 1 
ATOM   74   N N   . ASN A 1 12  ? -3.760  -0.830  -16.471 1.00 13.94 ? 11   ASN A N   1 
ATOM   75   C CA  . ASN A 1 12  ? -3.670  0.617   -16.668 1.00 10.74 ? 11   ASN A CA  1 
ATOM   76   C C   . ASN A 1 12  ? -2.575  1.301   -15.849 1.00 12.37 ? 11   ASN A C   1 
ATOM   77   O O   . ASN A 1 12  ? -2.659  2.498   -15.567 1.00 16.79 ? 11   ASN A O   1 
ATOM   78   C CB  . ASN A 1 12  ? -5.025  1.281   -16.371 1.00 10.38 ? 11   ASN A CB  1 
ATOM   79   C CG  . ASN A 1 12  ? -6.098  0.897   -17.374 1.00 15.15 ? 11   ASN A CG  1 
ATOM   80   O OD1 . ASN A 1 12  ? -7.159  0.400   -17.000 1.00 16.88 ? 11   ASN A OD1 1 
ATOM   81   N ND2 . ASN A 1 12  ? -5.829  1.125   -18.651 1.00 18.44 ? 11   ASN A ND2 1 
ATOM   82   N N   . GLY A 1 13  ? -1.552  0.543   -15.469 1.00 13.92 ? 12   GLY A N   1 
ATOM   83   C CA  . GLY A 1 13  ? -0.466  1.114   -14.686 1.00 10.32 ? 12   GLY A CA  1 
ATOM   84   C C   . GLY A 1 13  ? 0.880   0.741   -15.273 1.00 10.43 ? 12   GLY A C   1 
ATOM   85   O O   . GLY A 1 13  ? 0.944   0.059   -16.302 1.00 11.11 ? 12   GLY A O   1 
ATOM   86   N N   . ARG A 1 14  ? 1.955   1.173   -14.618 1.00 11.47 ? 13   ARG A N   1 
ATOM   87   C CA  . ARG A 1 14  ? 3.316   0.892   -15.073 1.00 12.53 ? 13   ARG A CA  1 
ATOM   88   C C   . ARG A 1 14  ? 4.176   0.439   -13.895 1.00 7.22  ? 13   ARG A C   1 
ATOM   89   O O   . ARG A 1 14  ? 3.912   0.809   -12.744 1.00 7.00  ? 13   ARG A O   1 
ATOM   90   C CB  . ARG A 1 14  ? 3.945   2.154   -15.678 1.00 16.25 ? 13   ARG A CB  1 
ATOM   91   C CG  . ARG A 1 14  ? 3.172   2.776   -16.840 1.00 27.89 ? 13   ARG A CG  1 
ATOM   92   C CD  . ARG A 1 14  ? 3.789   2.442   -18.188 1.00 39.92 ? 13   ARG A CD  1 
ATOM   93   N NE  . ARG A 1 14  ? 3.641   1.037   -18.567 1.00 46.44 ? 13   ARG A NE  1 
ATOM   94   C CZ  . ARG A 1 14  ? 4.632   0.267   -19.018 1.00 50.67 ? 13   ARG A CZ  1 
ATOM   95   N NH1 . ARG A 1 14  ? 5.867   0.750   -19.146 1.00 37.15 ? 13   ARG A NH1 1 
ATOM   96   N NH2 . ARG A 1 14  ? 4.383   -0.987  -19.375 1.00 49.00 ? 13   ARG A NH2 1 
ATOM   97   N N   . ILE A 1 15  ? 5.218   -0.331  -14.196 1.00 8.39  ? 14   ILE A N   1 
ATOM   98   C CA  . ILE A 1 15  ? 6.146   -0.821  -13.181 1.00 8.12  ? 14   ILE A CA  1 
ATOM   99   C C   . ILE A 1 15  ? 7.529   -0.276  -13.546 1.00 9.90  ? 14   ILE A C   1 
ATOM   100  O O   . ILE A 1 15  ? 7.854   -0.160  -14.736 1.00 9.09  ? 14   ILE A O   1 
ATOM   101  C CB  . ILE A 1 15  ? 6.174   -2.377  -13.154 1.00 10.48 ? 14   ILE A CB  1 
ATOM   102  C CG1 . ILE A 1 15  ? 4.780   -2.923  -12.829 1.00 11.67 ? 14   ILE A CG1 1 
ATOM   103  C CG2 . ILE A 1 15  ? 7.164   -2.884  -12.108 1.00 8.24  ? 14   ILE A CG2 1 
ATOM   104  C CD1 . ILE A 1 15  ? 4.695   -4.445  -12.831 1.00 9.27  ? 14   ILE A CD1 1 
ATOM   105  N N   . SER A 1 16  ? 8.301   0.133   -12.540 1.00 7.51  ? 15   SER A N   1 
ATOM   106  C CA  . SER A 1 16  ? 9.648   0.658   -12.768 1.00 7.35  ? 15   SER A CA  1 
ATOM   107  C C   . SER A 1 16  ? 10.590  -0.485  -13.150 1.00 7.11  ? 15   SER A C   1 
ATOM   108  O O   . SER A 1 16  ? 10.269  -1.667  -12.962 1.00 9.11  ? 15   SER A O   1 
ATOM   109  C CB  . SER A 1 16  ? 10.158  1.411   -11.529 1.00 12.23 ? 15   SER A CB  1 
ATOM   110  O OG  . SER A 1 16  ? 10.298  0.560   -10.403 1.00 9.85  ? 15   SER A OG  1 
ATOM   111  N N   . TYR A 1 17  ? 11.757  -0.130  -13.676 1.00 7.51  ? 16   TYR A N   1 
ATOM   112  C CA  . TYR A 1 17  ? 12.729  -1.119  -14.128 1.00 9.35  ? 16   TYR A CA  1 
ATOM   113  C C   . TYR A 1 17  ? 13.188  -2.150  -13.098 1.00 12.19 ? 16   TYR A C   1 
ATOM   114  O O   . TYR A 1 17  ? 13.458  -1.816  -11.944 1.00 8.17  ? 16   TYR A O   1 
ATOM   115  C CB  . TYR A 1 17  ? 13.969  -0.424  -14.712 1.00 6.24  ? 16   TYR A CB  1 
ATOM   116  C CG  . TYR A 1 17  ? 14.966  -1.401  -15.301 1.00 10.32 ? 16   TYR A CG  1 
ATOM   117  C CD1 . TYR A 1 17  ? 14.937  -1.725  -16.661 1.00 13.13 ? 16   TYR A CD1 1 
ATOM   118  C CD2 . TYR A 1 17  ? 15.911  -2.043  -14.489 1.00 16.36 ? 16   TYR A CD2 1 
ATOM   119  C CE1 . TYR A 1 17  ? 15.824  -2.667  -17.199 1.00 15.00 ? 16   TYR A CE1 1 
ATOM   120  C CE2 . TYR A 1 17  ? 16.798  -2.986  -15.016 1.00 16.52 ? 16   TYR A CE2 1 
ATOM   121  C CZ  . TYR A 1 17  ? 16.750  -3.292  -16.370 1.00 19.43 ? 16   TYR A CZ  1 
ATOM   122  O OH  . TYR A 1 17  ? 17.633  -4.219  -16.886 1.00 31.11 ? 16   TYR A OH  1 
ATOM   123  N N   . TYR A 1 18  ? 13.318  -3.393  -13.548 1.00 9.96  ? 17   TYR A N   1 
ATOM   124  C CA  . TYR A 1 18  ? 13.819  -4.481  -12.711 1.00 16.27 ? 17   TYR A CA  1 
ATOM   125  C C   . TYR A 1 18  ? 14.567  -5.486  -13.595 1.00 20.72 ? 17   TYR A C   1 
ATOM   126  O O   . TYR A 1 18  ? 14.154  -5.758  -14.725 1.00 13.73 ? 17   TYR A O   1 
ATOM   127  C CB  . TYR A 1 18  ? 12.700  -5.171  -11.912 1.00 17.73 ? 17   TYR A CB  1 
ATOM   128  C CG  . TYR A 1 18  ? 11.626  -5.830  -12.742 1.00 16.01 ? 17   TYR A CG  1 
ATOM   129  C CD1 . TYR A 1 18  ? 11.743  -7.162  -13.130 1.00 18.65 ? 17   TYR A CD1 1 
ATOM   130  C CD2 . TYR A 1 18  ? 10.500  -5.118  -13.149 1.00 20.95 ? 17   TYR A CD2 1 
ATOM   131  C CE1 . TYR A 1 18  ? 10.771  -7.769  -13.907 1.00 17.98 ? 17   TYR A CE1 1 
ATOM   132  C CE2 . TYR A 1 18  ? 9.523   -5.712  -13.925 1.00 25.88 ? 17   TYR A CE2 1 
ATOM   133  C CZ  . TYR A 1 18  ? 9.666   -7.040  -14.306 1.00 24.55 ? 17   TYR A CZ  1 
ATOM   134  O OH  . TYR A 1 18  ? 8.716   -7.624  -15.110 1.00 28.96 ? 17   TYR A OH  1 
ATOM   135  N N   . SER A 1 19  ? 15.706  -5.971  -13.111 1.00 20.07 ? 18   SER A N   1 
ATOM   136  C CA  . SER A 1 19  ? 16.493  -6.935  -13.869 1.00 26.16 ? 18   SER A CA  1 
ATOM   137  C C   . SER A 1 19  ? 16.172  -8.367  -13.439 1.00 28.72 ? 18   SER A C   1 
ATOM   138  O O   . SER A 1 19  ? 15.690  -8.597  -12.323 1.00 20.95 ? 18   SER A O   1 
ATOM   139  C CB  . SER A 1 19  ? 17.990  -6.646  -13.705 1.00 21.75 ? 18   SER A CB  1 
ATOM   140  O OG  . SER A 1 19  ? 18.341  -6.480  -12.341 1.00 29.91 ? 18   SER A OG  1 
ATOM   141  N N   . THR A 1 20  ? 16.431  -9.318  -14.330 1.00 28.15 ? 19   THR A N   1 
ATOM   142  C CA  . THR A 1 20  ? 16.193  -10.726 -14.049 1.00 28.49 ? 19   THR A CA  1 
ATOM   143  C C   . THR A 1 20  ? 17.525  -11.492 -14.108 1.00 29.69 ? 19   THR A C   1 
ATOM   144  O O   . THR A 1 20  ? 18.362  -11.204 -14.961 1.00 35.93 ? 19   THR A O   1 
ATOM   145  C CB  . THR A 1 20  ? 15.210  -11.323 -15.070 1.00 31.36 ? 19   THR A CB  1 
ATOM   146  O OG1 . THR A 1 20  ? 15.756  -11.199 -16.387 1.00 44.07 ? 19   THR A OG1 1 
ATOM   147  C CG2 . THR A 1 20  ? 13.881  -10.579 -15.023 1.00 26.87 ? 19   THR A CG2 1 
ATOM   148  N N   . PRO A 1 21  ? 17.754  -12.452 -13.188 1.00 33.43 ? 20   PRO A N   1 
ATOM   149  C CA  . PRO A 1 21  ? 16.868  -12.877 -12.094 1.00 26.28 ? 20   PRO A CA  1 
ATOM   150  C C   . PRO A 1 21  ? 16.688  -11.779 -11.044 1.00 17.98 ? 20   PRO A C   1 
ATOM   151  O O   . PRO A 1 21  ? 17.578  -10.952 -10.838 1.00 17.34 ? 20   PRO A O   1 
ATOM   152  C CB  . PRO A 1 21  ? 17.594  -14.101 -11.521 1.00 30.13 ? 20   PRO A CB  1 
ATOM   153  C CG  . PRO A 1 21  ? 19.036  -13.799 -11.791 1.00 32.19 ? 20   PRO A CG  1 
ATOM   154  C CD  . PRO A 1 21  ? 18.981  -13.269 -13.208 1.00 33.23 ? 20   PRO A CD  1 
ATOM   155  N N   . ILE A 1 22  ? 15.528  -11.773 -10.400 1.00 14.62 ? 21   ILE A N   1 
ATOM   156  C CA  . ILE A 1 22  ? 15.206  -10.774 -9.394  1.00 12.29 ? 21   ILE A CA  1 
ATOM   157  C C   . ILE A 1 22  ? 15.783  -11.176 -8.032  1.00 17.59 ? 21   ILE A C   1 
ATOM   158  O O   . ILE A 1 22  ? 15.277  -12.086 -7.372  1.00 18.53 ? 21   ILE A O   1 
ATOM   159  C CB  . ILE A 1 22  ? 13.679  -10.580 -9.318  1.00 10.63 ? 21   ILE A CB  1 
ATOM   160  C CG1 . ILE A 1 22  ? 13.138  -10.240 -10.712 1.00 16.02 ? 21   ILE A CG1 1 
ATOM   161  C CG2 . ILE A 1 22  ? 13.335  -9.490  -8.311  1.00 9.72  ? 21   ILE A CG2 1 
ATOM   162  C CD1 . ILE A 1 22  ? 11.637  -10.068 -10.790 1.00 16.30 ? 21   ILE A CD1 1 
ATOM   163  N N   . ALA A 1 23  ? 16.844  -10.491 -7.615  1.00 12.82 ? 22   ALA A N   1 
ATOM   164  C CA  . ALA A 1 23  ? 17.509  -10.796 -6.350  1.00 12.40 ? 22   ALA A CA  1 
ATOM   165  C C   . ALA A 1 23  ? 16.715  -10.348 -5.144  1.00 17.37 ? 22   ALA A C   1 
ATOM   166  O O   . ALA A 1 23  ? 15.874  -9.456  -5.231  1.00 14.51 ? 22   ALA A O   1 
ATOM   167  C CB  . ALA A 1 23  ? 18.883  -10.161 -6.319  1.00 14.88 ? 22   ALA A CB  1 
ATOM   168  N N   . VAL A 1 24  ? 16.974  -10.997 -4.015  1.00 16.10 ? 23   VAL A N   1 
ATOM   169  C CA  . VAL A 1 24  ? 16.320  -10.649 -2.761  1.00 14.63 ? 23   VAL A CA  1 
ATOM   170  C C   . VAL A 1 24  ? 16.858  -9.270  -2.386  1.00 13.66 ? 23   VAL A C   1 
ATOM   171  O O   . VAL A 1 24  ? 18.076  -9.051  -2.355  1.00 13.59 ? 23   VAL A O   1 
ATOM   172  C CB  . VAL A 1 24  ? 16.642  -11.684 -1.650  1.00 10.53 ? 23   VAL A CB  1 
ATOM   173  C CG1 . VAL A 1 24  ? 16.165  -11.182 -0.300  1.00 9.18  ? 23   VAL A CG1 1 
ATOM   174  C CG2 . VAL A 1 24  ? 15.976  -13.010 -1.976  1.00 13.65 ? 23   VAL A CG2 1 
ATOM   175  N N   . GLY A 1 25  ? 15.946  -8.343  -2.129  1.00 13.00 ? 24   GLY A N   1 
ATOM   176  C CA  . GLY A 1 25  ? 16.330  -6.986  -1.800  1.00 11.54 ? 24   GLY A CA  1 
ATOM   177  C C   . GLY A 1 25  ? 15.853  -6.057  -2.903  1.00 8.47  ? 24   GLY A C   1 
ATOM   178  O O   . GLY A 1 25  ? 15.811  -4.844  -2.724  1.00 12.41 ? 24   GLY A O   1 
ATOM   179  N N   . THR A 1 26  ? 15.506  -6.626  -4.053  1.00 7.61  ? 25   THR A N   1 
ATOM   180  C CA  . THR A 1 26  ? 15.014  -5.833  -5.181  1.00 10.17 ? 25   THR A CA  1 
ATOM   181  C C   . THR A 1 26  ? 13.716  -5.117  -4.810  1.00 10.20 ? 25   THR A C   1 
ATOM   182  O O   . THR A 1 26  ? 12.841  -5.696  -4.155  1.00 10.99 ? 25   THR A O   1 
ATOM   183  C CB  . THR A 1 26  ? 14.726  -6.716  -6.430  1.00 10.31 ? 25   THR A CB  1 
ATOM   184  O OG1 . THR A 1 26  ? 15.918  -7.402  -6.830  1.00 13.34 ? 25   THR A OG1 1 
ATOM   185  C CG2 . THR A 1 26  ? 14.234  -5.855  -7.602  1.00 16.92 ? 25   THR A CG2 1 
ATOM   186  N N   . VAL A 1 27  ? 13.603  -3.866  -5.249  1.00 10.43 ? 26   VAL A N   1 
ATOM   187  C CA  . VAL A 1 27  ? 12.414  -3.047  -5.026  1.00 5.39  ? 26   VAL A CA  1 
ATOM   188  C C   . VAL A 1 27  ? 11.935  -2.576  -6.401  1.00 10.86 ? 26   VAL A C   1 
ATOM   189  O O   . VAL A 1 27  ? 12.753  -2.283  -7.278  1.00 8.78  ? 26   VAL A O   1 
ATOM   190  C CB  . VAL A 1 27  ? 12.739  -1.792  -4.185  1.00 10.65 ? 26   VAL A CB  1 
ATOM   191  C CG1 . VAL A 1 27  ? 11.540  -0.834  -4.155  1.00 10.59 ? 26   VAL A CG1 1 
ATOM   192  C CG2 . VAL A 1 27  ? 13.153  -2.191  -2.780  1.00 6.43  ? 26   VAL A CG2 1 
ATOM   193  N N   . ILE A 1 28  ? 10.622  -2.540  -6.590  1.00 5.92  ? 27   ILE A N   1 
ATOM   194  C CA  . ILE A 1 28  ? 10.014  -2.077  -7.837  1.00 9.25  ? 27   ILE A CA  1 
ATOM   195  C C   . ILE A 1 28  ? 8.915   -1.104  -7.424  1.00 9.42  ? 27   ILE A C   1 
ATOM   196  O O   . ILE A 1 28  ? 8.341   -1.255  -6.335  1.00 10.71 ? 27   ILE A O   1 
ATOM   197  C CB  . ILE A 1 28  ? 9.387   -3.236  -8.651  1.00 15.32 ? 27   ILE A CB  1 
ATOM   198  C CG1 . ILE A 1 28  ? 8.460   -4.068  -7.755  1.00 16.78 ? 27   ILE A CG1 1 
ATOM   199  C CG2 . ILE A 1 28  ? 10.475  -4.090  -9.280  1.00 12.46 ? 27   ILE A CG2 1 
ATOM   200  C CD1 . ILE A 1 28  ? 7.662   -5.094  -8.480  1.00 11.51 ? 27   ILE A CD1 1 
ATOM   201  N N   . ARG A 1 29  ? 8.647   -0.108  -8.272  1.00 7.85  ? 28   ARG A N   1 
ATOM   202  C CA  . ARG A 1 29  ? 7.630   0.912   -8.010  1.00 6.30  ? 28   ARG A CA  1 
ATOM   203  C C   . ARG A 1 29  ? 6.509   0.829   -9.038  1.00 7.30  ? 28   ARG A C   1 
ATOM   204  O O   . ARG A 1 29  ? 6.760   0.607   -10.223 1.00 7.11  ? 28   ARG A O   1 
ATOM   205  C CB  . ARG A 1 29  ? 8.215   2.325   -8.100  1.00 8.98  ? 28   ARG A CB  1 
ATOM   206  C CG  . ARG A 1 29  ? 9.622   2.499   -7.583  1.00 17.07 ? 28   ARG A CG  1 
ATOM   207  C CD  . ARG A 1 29  ? 9.657   2.603   -6.082  1.00 16.12 ? 28   ARG A CD  1 
ATOM   208  N NE  . ARG A 1 29  ? 11.000  2.939   -5.616  1.00 10.09 ? 28   ARG A NE  1 
ATOM   209  C CZ  . ARG A 1 29  ? 11.350  2.993   -4.337  1.00 15.33 ? 28   ARG A CZ  1 
ATOM   210  N NH1 . ARG A 1 29  ? 10.449  2.742   -3.390  1.00 7.26  ? 28   ARG A NH1 1 
ATOM   211  N NH2 . ARG A 1 29  ? 12.607  3.247   -4.006  1.00 14.51 ? 28   ARG A NH2 1 
ATOM   212  N N   . TYR A 1 30  ? 5.281   1.041   -8.571  1.00 7.82  ? 29   TYR A N   1 
ATOM   213  C CA  . TYR A 1 30  ? 4.089   1.024   -9.411  1.00 6.50  ? 29   TYR A CA  1 
ATOM   214  C C   . TYR A 1 30  ? 3.586   2.467   -9.539  1.00 8.66  ? 29   TYR A C   1 
ATOM   215  O O   . TYR A 1 30  ? 3.773   3.284   -8.624  1.00 9.66  ? 29   TYR A O   1 
ATOM   216  C CB  . TYR A 1 30  ? 2.993   0.163   -8.762  1.00 4.99  ? 29   TYR A CB  1 
ATOM   217  C CG  . TYR A 1 30  ? 3.240   -1.325  -8.829  1.00 9.04  ? 29   TYR A CG  1 
ATOM   218  C CD1 . TYR A 1 30  ? 4.189   -1.937  -8.002  1.00 8.38  ? 29   TYR A CD1 1 
ATOM   219  C CD2 . TYR A 1 30  ? 2.539   -2.123  -9.727  1.00 6.95  ? 29   TYR A CD2 1 
ATOM   220  C CE1 . TYR A 1 30  ? 4.431   -3.301  -8.075  1.00 8.09  ? 29   TYR A CE1 1 
ATOM   221  C CE2 . TYR A 1 30  ? 2.773   -3.492  -9.809  1.00 8.38  ? 29   TYR A CE2 1 
ATOM   222  C CZ  . TYR A 1 30  ? 3.721   -4.073  -8.981  1.00 10.54 ? 29   TYR A CZ  1 
ATOM   223  O OH  . TYR A 1 30  ? 3.964   -5.424  -9.065  1.00 11.23 ? 29   TYR A OH  1 
ATOM   224  N N   . SER A 1 31  ? 2.947   2.778   -10.664 1.00 7.76  ? 30   SER A N   1 
ATOM   225  C CA  . SER A 1 31  ? 2.405   4.117   -10.905 1.00 10.17 ? 30   SER A CA  1 
ATOM   226  C C   . SER A 1 31  ? 1.241   4.001   -11.884 1.00 14.04 ? 30   SER A C   1 
ATOM   227  O O   . SER A 1 31  ? 1.136   3.001   -12.602 1.00 8.07  ? 30   SER A O   1 
ATOM   228  C CB  . SER A 1 31  ? 3.486   5.046   -11.472 1.00 8.35  ? 30   SER A CB  1 
ATOM   229  O OG  . SER A 1 31  ? 4.075   4.495   -12.643 1.00 13.21 ? 30   SER A OG  1 
ATOM   230  N N   . CYS A 1 32  ? 0.383   5.018   -11.916 1.00 13.90 ? 31   CYS A N   1 
ATOM   231  C CA  . CYS A 1 32  ? -0.786  5.033   -12.795 1.00 17.44 ? 31   CYS A CA  1 
ATOM   232  C C   . CYS A 1 32  ? -0.753  6.250   -13.687 1.00 14.54 ? 31   CYS A C   1 
ATOM   233  O O   . CYS A 1 32  ? -0.068  7.224   -13.387 1.00 23.34 ? 31   CYS A O   1 
ATOM   234  C CB  . CYS A 1 32  ? -2.087  5.113   -11.974 1.00 13.19 ? 31   CYS A CB  1 
ATOM   235  S SG  . CYS A 1 32  ? -2.358  3.760   -10.785 1.00 31.77 ? 31   CYS A SG  1 
ATOM   236  N N   . SER A 1 33  ? -1.531  6.203   -14.766 1.00 26.88 ? 32   SER A N   1 
ATOM   237  C CA  . SER A 1 33  ? -1.635  7.333   -15.678 1.00 31.60 ? 32   SER A CA  1 
ATOM   238  C C   . SER A 1 33  ? -2.464  8.419   -14.974 1.00 33.75 ? 32   SER A C   1 
ATOM   239  O O   . SER A 1 33  ? -3.126  8.149   -13.971 1.00 31.93 ? 32   SER A O   1 
ATOM   240  C CB  . SER A 1 33  ? -2.301  6.910   -16.985 1.00 38.70 ? 32   SER A CB  1 
ATOM   241  O OG  . SER A 1 33  ? -2.242  7.965   -17.925 1.00 55.47 ? 32   SER A OG  1 
ATOM   242  N N   . GLY A 1 34  ? -2.451  9.632   -15.516 1.00 34.52 ? 33   GLY A N   1 
ATOM   243  C CA  . GLY A 1 34  ? -3.164  10.744  -14.907 1.00 19.86 ? 33   GLY A CA  1 
ATOM   244  C C   . GLY A 1 34  ? -4.643  10.597  -14.599 1.00 23.66 ? 33   GLY A C   1 
ATOM   245  O O   . GLY A 1 34  ? -5.114  11.158  -13.616 1.00 31.45 ? 33   GLY A O   1 
ATOM   246  N N   . THR A 1 35  ? -5.386  9.872   -15.428 1.00 20.87 ? 34   THR A N   1 
ATOM   247  C CA  . THR A 1 35  ? -6.825  9.713   -15.196 1.00 26.52 ? 34   THR A CA  1 
ATOM   248  C C   . THR A 1 35  ? -7.191  8.560   -14.243 1.00 23.78 ? 34   THR A C   1 
ATOM   249  O O   . THR A 1 35  ? -8.376  8.213   -14.080 1.00 18.19 ? 34   THR A O   1 
ATOM   250  C CB  . THR A 1 35  ? -7.604  9.601   -16.540 1.00 29.48 ? 34   THR A CB  1 
ATOM   251  O OG1 . THR A 1 35  ? -7.091  8.512   -17.322 1.00 30.06 ? 34   THR A OG1 1 
ATOM   252  C CG2 . THR A 1 35  ? -7.464  10.894  -17.341 1.00 29.23 ? 34   THR A CG2 1 
ATOM   253  N N   . PHE A 1 36  ? -6.171  7.978   -13.613 1.00 12.51 ? 35   PHE A N   1 
ATOM   254  C CA  . PHE A 1 36  ? -6.356  6.874   -12.669 1.00 13.93 ? 35   PHE A CA  1 
ATOM   255  C C   . PHE A 1 36  ? -5.690  7.262   -11.359 1.00 12.89 ? 35   PHE A C   1 
ATOM   256  O O   . PHE A 1 36  ? -4.841  8.153   -11.325 1.00 18.29 ? 35   PHE A O   1 
ATOM   257  C CB  . PHE A 1 36  ? -5.701  5.586   -13.181 1.00 14.10 ? 35   PHE A CB  1 
ATOM   258  C CG  . PHE A 1 36  ? -6.362  4.998   -14.388 1.00 18.23 ? 35   PHE A CG  1 
ATOM   259  C CD1 . PHE A 1 36  ? -5.968  5.376   -15.667 1.00 18.90 ? 35   PHE A CD1 1 
ATOM   260  C CD2 . PHE A 1 36  ? -7.383  4.068   -14.245 1.00 11.13 ? 35   PHE A CD2 1 
ATOM   261  C CE1 . PHE A 1 36  ? -6.589  4.836   -16.782 1.00 18.07 ? 35   PHE A CE1 1 
ATOM   262  C CE2 . PHE A 1 36  ? -8.010  3.522   -15.355 1.00 16.05 ? 35   PHE A CE2 1 
ATOM   263  C CZ  . PHE A 1 36  ? -7.615  3.907   -16.625 1.00 14.82 ? 35   PHE A CZ  1 
ATOM   264  N N   . ARG A 1 37  ? -6.059  6.573   -10.288 1.00 12.13 ? 36   ARG A N   1 
ATOM   265  C CA  . ARG A 1 37  ? -5.482  6.844   -8.979  1.00 11.98 ? 36   ARG A CA  1 
ATOM   266  C C   . ARG A 1 37  ? -4.935  5.533   -8.440  1.00 12.15 ? 36   ARG A C   1 
ATOM   267  O O   . ARG A 1 37  ? -5.617  4.507   -8.487  1.00 10.05 ? 36   ARG A O   1 
ATOM   268  C CB  . ARG A 1 37  ? -6.550  7.404   -8.029  1.00 11.09 ? 36   ARG A CB  1 
ATOM   269  C CG  . ARG A 1 37  ? -7.110  8.762   -8.447  1.00 11.52 ? 36   ARG A CG  1 
ATOM   270  C CD  . ARG A 1 37  ? -5.999  9.815   -8.461  1.00 14.44 ? 36   ARG A CD  1 
ATOM   271  N NE  . ARG A 1 37  ? -6.509  11.163  -8.708  1.00 16.28 ? 36   ARG A NE  1 
ATOM   272  C CZ  . ARG A 1 37  ? -6.687  11.692  -9.915  1.00 17.83 ? 36   ARG A CZ  1 
ATOM   273  N NH1 . ARG A 1 37  ? -6.405  10.991  -11.011 1.00 12.57 ? 36   ARG A NH1 1 
ATOM   274  N NH2 . ARG A 1 37  ? -7.118  12.940  -10.024 1.00 21.72 ? 36   ARG A NH2 1 
ATOM   275  N N   . LEU A 1 38  ? -3.687  5.558   -7.985  1.00 10.29 ? 37   LEU A N   1 
ATOM   276  C CA  . LEU A 1 38  ? -3.047  4.368   -7.430  1.00 9.12  ? 37   LEU A CA  1 
ATOM   277  C C   . LEU A 1 38  ? -3.603  4.108   -6.027  1.00 7.39  ? 37   LEU A C   1 
ATOM   278  O O   . LEU A 1 38  ? -3.626  5.003   -5.170  1.00 9.86  ? 37   LEU A O   1 
ATOM   279  C CB  . LEU A 1 38  ? -1.520  4.552   -7.375  1.00 8.63  ? 37   LEU A CB  1 
ATOM   280  C CG  . LEU A 1 38  ? -0.722  3.279   -7.114  1.00 10.54 ? 37   LEU A CG  1 
ATOM   281  C CD1 . LEU A 1 38  ? -0.906  2.310   -8.277  1.00 14.87 ? 37   LEU A CD1 1 
ATOM   282  C CD2 . LEU A 1 38  ? 0.734   3.620   -6.933  1.00 14.96 ? 37   LEU A CD2 1 
ATOM   283  N N   . ILE A 1 39  ? -4.071  2.886   -5.811  1.00 8.14  ? 38   ILE A N   1 
ATOM   284  C CA  . ILE A 1 39  ? -4.636  2.479   -4.533  1.00 9.14  ? 38   ILE A CA  1 
ATOM   285  C C   . ILE A 1 39  ? -3.747  1.393   -3.937  1.00 8.38  ? 38   ILE A C   1 
ATOM   286  O O   . ILE A 1 39  ? -3.582  0.320   -4.531  1.00 7.30  ? 38   ILE A O   1 
ATOM   287  C CB  . ILE A 1 39  ? -6.088  1.942   -4.720  1.00 11.45 ? 38   ILE A CB  1 
ATOM   288  C CG1 . ILE A 1 39  ? -6.972  3.029   -5.347  1.00 8.96  ? 38   ILE A CG1 1 
ATOM   289  C CG2 . ILE A 1 39  ? -6.670  1.452   -3.388  1.00 8.50  ? 38   ILE A CG2 1 
ATOM   290  C CD1 . ILE A 1 39  ? -7.026  4.323   -4.556  1.00 11.68 ? 38   ILE A CD1 1 
ATOM   291  N N   . GLY A 1 40  ? -3.164  1.683   -2.777  1.00 8.07  ? 39   GLY A N   1 
ATOM   292  C CA  . GLY A 1 40  ? -2.294  0.723   -2.114  1.00 6.08  ? 39   GLY A CA  1 
ATOM   293  C C   . GLY A 1 40  ? -0.830  1.128   -2.178  1.00 9.47  ? 39   GLY A C   1 
ATOM   294  O O   . GLY A 1 40  ? -0.469  2.001   -2.963  1.00 5.19  ? 39   GLY A O   1 
ATOM   295  N N   . GLU A 1 41  ? 0.011   0.528   -1.336  1.00 9.73  ? 40   GLU A N   1 
ATOM   296  C CA  . GLU A 1 41  ? 1.445   0.846   -1.324  1.00 10.39 ? 40   GLU A CA  1 
ATOM   297  C C   . GLU A 1 41  ? 2.064   0.669   -2.716  1.00 8.40  ? 40   GLU A C   1 
ATOM   298  O O   . GLU A 1 41  ? 1.926   -0.388  -3.337  1.00 10.44 ? 40   GLU A O   1 
ATOM   299  C CB  . GLU A 1 41  ? 2.190   -0.028  -0.305  1.00 7.17  ? 40   GLU A CB  1 
ATOM   300  C CG  . GLU A 1 41  ? 1.860   0.257   1.164   1.00 15.71 ? 40   GLU A CG  1 
ATOM   301  C CD  . GLU A 1 41  ? 2.430   1.581   1.688   1.00 24.23 ? 40   GLU A CD  1 
ATOM   302  O OE1 . GLU A 1 41  ? 3.264   2.220   1.003   1.00 15.59 ? 40   GLU A OE1 1 
ATOM   303  O OE2 . GLU A 1 41  ? 2.051   1.980   2.809   1.00 18.39 ? 40   GLU A OE2 1 
ATOM   304  N N   . LYS A 1 42  ? 2.794   1.683   -3.178  1.00 11.71 ? 41   LYS A N   1 
ATOM   305  C CA  . LYS A 1 42  ? 3.393   1.629   -4.511  1.00 10.69 ? 41   LYS A CA  1 
ATOM   306  C C   . LYS A 1 42  ? 4.667   0.812   -4.676  1.00 11.42 ? 41   LYS A C   1 
ATOM   307  O O   . LYS A 1 42  ? 4.989   0.418   -5.792  1.00 8.93  ? 41   LYS A O   1 
ATOM   308  C CB  . LYS A 1 42  ? 3.629   3.042   -5.077  1.00 14.13 ? 41   LYS A CB  1 
ATOM   309  C CG  . LYS A 1 42  ? 4.776   3.826   -4.453  1.00 13.38 ? 41   LYS A CG  1 
ATOM   310  C CD  . LYS A 1 42  ? 5.079   5.075   -5.265  1.00 17.07 ? 41   LYS A CD  1 
ATOM   311  C CE  . LYS A 1 42  ? 5.402   6.261   -4.364  1.00 37.06 ? 41   LYS A CE  1 
ATOM   312  N NZ  . LYS A 1 42  ? 6.557   6.025   -3.442  1.00 47.64 ? 41   LYS A NZ  1 
ATOM   313  N N   . SER A 1 43  ? 5.372   0.534   -3.582  1.00 9.39  ? 42   SER A N   1 
ATOM   314  C CA  . SER A 1 43  ? 6.631   -0.204  -3.668  1.00 13.09 ? 42   SER A CA  1 
ATOM   315  C C   . SER A 1 43  ? 6.593   -1.637  -3.149  1.00 12.58 ? 42   SER A C   1 
ATOM   316  O O   . SER A 1 43  ? 6.099   -1.900  -2.046  1.00 8.53  ? 42   SER A O   1 
ATOM   317  C CB  . SER A 1 43  ? 7.730   0.581   -2.948  1.00 3.83  ? 42   SER A CB  1 
ATOM   318  O OG  . SER A 1 43  ? 7.758   1.927   -3.391  1.00 10.23 ? 42   SER A OG  1 
ATOM   319  N N   . LEU A 1 44  ? 7.111   -2.555  -3.958  1.00 9.72  ? 43   LEU A N   1 
ATOM   320  C CA  . LEU A 1 44  ? 7.183   -3.971  -3.608  1.00 8.90  ? 43   LEU A CA  1 
ATOM   321  C C   . LEU A 1 44  ? 8.646   -4.371  -3.423  1.00 13.36 ? 43   LEU A C   1 
ATOM   322  O O   . LEU A 1 44  ? 9.529   -3.920  -4.164  1.00 9.17  ? 43   LEU A O   1 
ATOM   323  C CB  . LEU A 1 44  ? 6.515   -4.840  -4.681  1.00 8.98  ? 43   LEU A CB  1 
ATOM   324  C CG  . LEU A 1 44  ? 5.068   -5.278  -4.414  1.00 15.33 ? 43   LEU A CG  1 
ATOM   325  C CD1 . LEU A 1 44  ? 4.126   -4.076  -4.251  1.00 9.20  ? 43   LEU A CD1 1 
ATOM   326  C CD2 . LEU A 1 44  ? 4.606   -6.180  -5.544  1.00 16.91 ? 43   LEU A CD2 1 
ATOM   327  N N   . LEU A 1 45  ? 8.886   -5.217  -2.431  1.00 11.55 ? 44   LEU A N   1 
ATOM   328  C CA  . LEU A 1 45  ? 10.228  -5.678  -2.089  1.00 9.33  ? 44   LEU A CA  1 
ATOM   329  C C   . LEU A 1 45  ? 10.319  -7.195  -2.175  1.00 11.76 ? 44   LEU A C   1 
ATOM   330  O O   . LEU A 1 45  ? 9.430   -7.896  -1.682  1.00 10.43 ? 44   LEU A O   1 
ATOM   331  C CB  . LEU A 1 45  ? 10.570  -5.231  -0.659  1.00 11.23 ? 44   LEU A CB  1 
ATOM   332  C CG  . LEU A 1 45  ? 11.838  -5.802  -0.026  1.00 10.05 ? 44   LEU A CG  1 
ATOM   333  C CD1 . LEU A 1 45  ? 13.057  -5.175  -0.670  1.00 11.97 ? 44   LEU A CD1 1 
ATOM   334  C CD2 . LEU A 1 45  ? 11.839  -5.545  1.473   1.00 12.64 ? 44   LEU A CD2 1 
ATOM   335  N N   . CYS A 1 46  ? 11.376  -7.697  -2.817  1.00 10.32 ? 45   CYS A N   1 
ATOM   336  C CA  . CYS A 1 46  ? 11.600  -9.136  -2.935  1.00 15.09 ? 45   CYS A CA  1 
ATOM   337  C C   . CYS A 1 46  ? 12.286  -9.625  -1.648  1.00 17.91 ? 45   CYS A C   1 
ATOM   338  O O   . CYS A 1 46  ? 13.391  -9.177  -1.310  1.00 8.93  ? 45   CYS A O   1 
ATOM   339  C CB  . CYS A 1 46  ? 12.468  -9.456  -4.154  1.00 12.18 ? 45   CYS A CB  1 
ATOM   340  S SG  . CYS A 1 46  ? 12.867  -11.227 -4.320  1.00 18.00 ? 45   CYS A SG  1 
ATOM   341  N N   . ILE A 1 47  ? 11.606  -10.504 -0.917  1.00 15.85 ? 46   ILE A N   1 
ATOM   342  C CA  . ILE A 1 47  ? 12.123  -11.032 0.341   1.00 21.55 ? 46   ILE A CA  1 
ATOM   343  C C   . ILE A 1 47  ? 12.138  -12.553 0.309   1.00 20.30 ? 46   ILE A C   1 
ATOM   344  O O   . ILE A 1 47  ? 11.677  -13.168 -0.651  1.00 18.83 ? 46   ILE A O   1 
ATOM   345  C CB  . ILE A 1 47  ? 11.235  -10.608 1.535   1.00 11.97 ? 46   ILE A CB  1 
ATOM   346  C CG1 . ILE A 1 47  ? 9.855   -11.272 1.415   1.00 21.07 ? 46   ILE A CG1 1 
ATOM   347  C CG2 . ILE A 1 47  ? 11.117  -9.084  1.597   1.00 13.07 ? 46   ILE A CG2 1 
ATOM   348  C CD1 . ILE A 1 47  ? 8.960   -11.119 2.633   1.00 22.19 ? 46   ILE A CD1 1 
ATOM   349  N N   . THR A 1 48  ? 12.692  -13.154 1.357   1.00 20.67 ? 47   THR A N   1 
ATOM   350  C CA  . THR A 1 48  ? 12.731  -14.607 1.468   1.00 23.12 ? 47   THR A CA  1 
ATOM   351  C C   . THR A 1 48  ? 12.554  -14.986 2.936   1.00 28.77 ? 47   THR A C   1 
ATOM   352  O O   . THR A 1 48  ? 13.184  -14.404 3.822   1.00 30.15 ? 47   THR A O   1 
ATOM   353  C CB  . THR A 1 48  ? 14.038  -15.221 0.889   1.00 25.96 ? 47   THR A CB  1 
ATOM   354  O OG1 . THR A 1 48  ? 13.955  -16.652 0.939   1.00 22.33 ? 47   THR A OG1 1 
ATOM   355  C CG2 . THR A 1 48  ? 15.265  -14.752 1.667   1.00 22.29 ? 47   THR A CG2 1 
ATOM   356  N N   . LYS A 1 49  ? 11.650  -15.926 3.191   1.00 31.31 ? 48   LYS A N   1 
ATOM   357  C CA  . LYS A 1 49  ? 11.374  -16.376 4.546   1.00 36.82 ? 48   LYS A CA  1 
ATOM   358  C C   . LYS A 1 49  ? 12.277  -17.543 4.935   1.00 38.91 ? 48   LYS A C   1 
ATOM   359  O O   . LYS A 1 49  ? 12.689  -17.654 6.089   1.00 42.25 ? 48   LYS A O   1 
ATOM   360  C CB  . LYS A 1 49  ? 9.911   -16.799 4.661   1.00 39.74 ? 48   LYS A CB  1 
ATOM   361  C CG  . LYS A 1 49  ? 9.293   -16.557 6.028   1.00 47.49 ? 48   LYS A CG  1 
ATOM   362  C CD  . LYS A 1 49  ? 7.794   -16.854 6.016   1.00 49.74 ? 48   LYS A CD  1 
ATOM   363  C CE  . LYS A 1 49  ? 7.069   -16.143 4.860   1.00 46.47 ? 48   LYS A CE  1 
ATOM   364  N NZ  . LYS A 1 49  ? 7.240   -14.660 4.853   1.00 40.23 ? 48   LYS A NZ  1 
ATOM   365  N N   . ASP A 1 50  ? 12.611  -18.378 3.953   1.00 34.31 ? 49   ASP A N   1 
ATOM   366  C CA  . ASP A 1 50  ? 13.445  -19.563 4.169   1.00 33.10 ? 49   ASP A CA  1 
ATOM   367  C C   . ASP A 1 50  ? 14.809  -19.548 3.458   1.00 34.33 ? 49   ASP A C   1 
ATOM   368  O O   . ASP A 1 50  ? 15.545  -20.533 3.500   1.00 31.68 ? 49   ASP A O   1 
ATOM   369  C CB  . ASP A 1 50  ? 12.665  -20.822 3.744   1.00 32.89 ? 49   ASP A CB  1 
ATOM   370  C CG  . ASP A 1 50  ? 12.182  -20.770 2.276   1.00 42.70 ? 49   ASP A CG  1 
ATOM   371  O OD1 . ASP A 1 50  ? 12.594  -19.867 1.509   1.00 43.88 ? 49   ASP A OD1 1 
ATOM   372  O OD2 . ASP A 1 50  ? 11.381  -21.648 1.886   1.00 39.68 ? 49   ASP A OD2 1 
ATOM   373  N N   . LYS A 1 51  ? 15.125  -18.452 2.775   1.00 31.98 ? 50   LYS A N   1 
ATOM   374  C CA  . LYS A 1 51  ? 16.385  -18.325 2.039   1.00 31.91 ? 50   LYS A CA  1 
ATOM   375  C C   . LYS A 1 51  ? 16.509  -19.258 0.824   1.00 29.23 ? 50   LYS A C   1 
ATOM   376  O O   . LYS A 1 51  ? 17.569  -19.335 0.192   1.00 32.48 ? 50   LYS A O   1 
ATOM   377  C CB  . LYS A 1 51  ? 17.591  -18.447 2.985   1.00 32.32 ? 50   LYS A CB  1 
ATOM   378  C CG  . LYS A 1 51  ? 17.841  -17.161 3.755   1.00 38.65 ? 50   LYS A CG  1 
ATOM   379  C CD  . LYS A 1 51  ? 18.601  -17.370 5.047   1.00 42.03 ? 50   LYS A CD  1 
ATOM   380  C CE  . LYS A 1 51  ? 18.621  -16.068 5.838   1.00 45.32 ? 50   LYS A CE  1 
ATOM   381  N NZ  . LYS A 1 51  ? 19.072  -16.236 7.245   1.00 47.84 ? 50   LYS A NZ  1 
ATOM   382  N N   . VAL A 1 52  ? 15.408  -19.921 0.473   1.00 27.47 ? 51   VAL A N   1 
ATOM   383  C CA  . VAL A 1 52  ? 15.377  -20.815 -0.685  1.00 28.80 ? 51   VAL A CA  1 
ATOM   384  C C   . VAL A 1 52  ? 14.504  -20.224 -1.799  1.00 28.27 ? 51   VAL A C   1 
ATOM   385  O O   . VAL A 1 52  ? 14.932  -20.143 -2.951  1.00 25.31 ? 51   VAL A O   1 
ATOM   386  C CB  . VAL A 1 52  ? 14.856  -22.229 -0.319  1.00 31.35 ? 51   VAL A CB  1 
ATOM   387  C CG1 . VAL A 1 52  ? 14.847  -23.126 -1.554  1.00 25.68 ? 51   VAL A CG1 1 
ATOM   388  C CG2 . VAL A 1 52  ? 15.730  -22.848 0.758   1.00 23.29 ? 51   VAL A CG2 1 
ATOM   389  N N   . ASP A 1 53  ? 13.285  -19.809 -1.449  1.00 23.51 ? 52   ASP A N   1 
ATOM   390  C CA  . ASP A 1 53  ? 12.358  -19.220 -2.420  1.00 28.36 ? 52   ASP A CA  1 
ATOM   391  C C   . ASP A 1 53  ? 12.175  -17.727 -2.160  1.00 27.05 ? 52   ASP A C   1 
ATOM   392  O O   . ASP A 1 53  ? 12.087  -17.304 -1.004  1.00 21.05 ? 52   ASP A O   1 
ATOM   393  C CB  . ASP A 1 53  ? 10.976  -19.894 -2.344  1.00 34.02 ? 52   ASP A CB  1 
ATOM   394  C CG  . ASP A 1 53  ? 11.009  -21.366 -2.722  1.00 40.18 ? 52   ASP A CG  1 
ATOM   395  O OD1 . ASP A 1 53  ? 11.567  -21.704 -3.789  1.00 41.60 ? 52   ASP A OD1 1 
ATOM   396  O OD2 . ASP A 1 53  ? 10.459  -22.184 -1.952  1.00 44.10 ? 52   ASP A OD2 1 
ATOM   397  N N   . GLY A 1 54  ? 12.117  -16.940 -3.232  1.00 19.09 ? 53   GLY A N   1 
ATOM   398  C CA  . GLY A 1 54  ? 11.913  -15.510 -3.087  1.00 17.89 ? 53   GLY A CA  1 
ATOM   399  C C   . GLY A 1 54  ? 10.449  -15.186 -3.326  1.00 19.78 ? 53   GLY A C   1 
ATOM   400  O O   . GLY A 1 54  ? 9.802   -15.833 -4.152  1.00 21.35 ? 53   GLY A O   1 
ATOM   401  N N   . THR A 1 55  ? 9.923   -14.208 -2.595  1.00 14.72 ? 54   THR A N   1 
ATOM   402  C CA  . THR A 1 55  ? 8.529   -13.801 -2.735  1.00 19.47 ? 54   THR A CA  1 
ATOM   403  C C   . THR A 1 55  ? 8.401   -12.292 -2.549  1.00 15.45 ? 54   THR A C   1 
ATOM   404  O O   . THR A 1 55  ? 9.227   -11.672 -1.870  1.00 14.21 ? 54   THR A O   1 
ATOM   405  C CB  . THR A 1 55  ? 7.612   -14.542 -1.703  1.00 27.83 ? 54   THR A CB  1 
ATOM   406  O OG1 . THR A 1 55  ? 6.237   -14.218 -1.953  1.00 36.05 ? 54   THR A OG1 1 
ATOM   407  C CG2 . THR A 1 55  ? 7.955   -14.144 -0.268  1.00 26.62 ? 54   THR A CG2 1 
ATOM   408  N N   . TRP A 1 56  ? 7.408   -11.685 -3.196  1.00 10.17 ? 55   TRP A N   1 
ATOM   409  C CA  . TRP A 1 56  ? 7.200   -10.247 -3.037  1.00 7.78  ? 55   TRP A CA  1 
ATOM   410  C C   . TRP A 1 56  ? 6.551   -10.028 -1.666  1.00 8.82  ? 55   TRP A C   1 
ATOM   411  O O   . TRP A 1 56  ? 5.711   -10.822 -1.237  1.00 14.79 ? 55   TRP A O   1 
ATOM   412  C CB  . TRP A 1 56  ? 6.361   -9.671  -4.183  1.00 9.64  ? 55   TRP A CB  1 
ATOM   413  C CG  . TRP A 1 56  ? 7.087   -9.724  -5.509  1.00 10.15 ? 55   TRP A CG  1 
ATOM   414  C CD1 . TRP A 1 56  ? 6.880   -10.619 -6.519  1.00 12.19 ? 55   TRP A CD1 1 
ATOM   415  C CD2 . TRP A 1 56  ? 8.178   -8.891  -5.933  1.00 13.08 ? 55   TRP A CD2 1 
ATOM   416  N NE1 . TRP A 1 56  ? 7.774   -10.401 -7.535  1.00 18.48 ? 55   TRP A NE1 1 
ATOM   417  C CE2 . TRP A 1 56  ? 8.584   -9.349  -7.204  1.00 17.61 ? 55   TRP A CE2 1 
ATOM   418  C CE3 . TRP A 1 56  ? 8.856   -7.810  -5.357  1.00 7.79  ? 55   TRP A CE3 1 
ATOM   419  C CZ2 . TRP A 1 56  ? 9.640   -8.765  -7.912  1.00 12.60 ? 55   TRP A CZ2 1 
ATOM   420  C CZ3 . TRP A 1 56  ? 9.905   -7.230  -6.056  1.00 10.29 ? 55   TRP A CZ3 1 
ATOM   421  C CH2 . TRP A 1 56  ? 10.287  -7.710  -7.322  1.00 11.37 ? 55   TRP A CH2 1 
ATOM   422  N N   . ASP A 1 57  ? 6.953   -8.968  -0.973  1.00 9.80  ? 56   ASP A N   1 
ATOM   423  C CA  . ASP A 1 57  ? 6.462   -8.714  0.379   1.00 10.39 ? 56   ASP A CA  1 
ATOM   424  C C   . ASP A 1 57  ? 4.991   -8.332  0.544   1.00 17.39 ? 56   ASP A C   1 
ATOM   425  O O   . ASP A 1 57  ? 4.467   -8.356  1.658   1.00 12.68 ? 56   ASP A O   1 
ATOM   426  C CB  . ASP A 1 57  ? 7.365   -7.695  1.092   1.00 12.85 ? 56   ASP A CB  1 
ATOM   427  C CG  . ASP A 1 57  ? 7.183   -6.271  0.577   1.00 22.38 ? 56   ASP A CG  1 
ATOM   428  O OD1 . ASP A 1 57  ? 6.881   -6.089  -0.619  1.00 16.80 ? 56   ASP A OD1 1 
ATOM   429  O OD2 . ASP A 1 57  ? 7.347   -5.325  1.377   1.00 24.36 ? 56   ASP A OD2 1 
ATOM   430  N N   . LYS A 1 58  ? 4.320   -7.993  -0.552  1.00 11.74 ? 57   LYS A N   1 
ATOM   431  C CA  . LYS A 1 58  ? 2.923   -7.597  -0.462  1.00 13.85 ? 57   LYS A CA  1 
ATOM   432  C C   . LYS A 1 58  ? 2.255   -7.661  -1.832  1.00 10.73 ? 57   LYS A C   1 
ATOM   433  O O   . LYS A 1 58  ? 2.933   -7.828  -2.852  1.00 9.46  ? 57   LYS A O   1 
ATOM   434  C CB  . LYS A 1 58  ? 2.830   -6.167  0.099   1.00 15.26 ? 57   LYS A CB  1 
ATOM   435  C CG  . LYS A 1 58  ? 3.412   -5.085  -0.806  1.00 15.14 ? 57   LYS A CG  1 
ATOM   436  C CD  . LYS A 1 58  ? 3.146   -3.690  -0.258  1.00 20.17 ? 57   LYS A CD  1 
ATOM   437  C CE  . LYS A 1 58  ? 4.031   -3.361  0.920   1.00 17.80 ? 57   LYS A CE  1 
ATOM   438  N NZ  . LYS A 1 58  ? 5.448   -3.141  0.499   1.00 19.62 ? 57   LYS A NZ  1 
ATOM   439  N N   . PRO A 1 59  ? 0.910   -7.642  -1.861  1.00 13.94 ? 58   PRO A N   1 
ATOM   440  C CA  . PRO A 1 59  ? 0.200   -7.684  -3.142  1.00 9.31  ? 58   PRO A CA  1 
ATOM   441  C C   . PRO A 1 59  ? 0.528   -6.398  -3.883  1.00 6.92  ? 58   PRO A C   1 
ATOM   442  O O   . PRO A 1 59  ? 0.921   -5.401  -3.272  1.00 8.93  ? 58   PRO A O   1 
ATOM   443  C CB  . PRO A 1 59  ? -1.274  -7.671  -2.720  1.00 7.30  ? 58   PRO A CB  1 
ATOM   444  C CG  . PRO A 1 59  ? -1.256  -8.354  -1.392  1.00 17.26 ? 58   PRO A CG  1 
ATOM   445  C CD  . PRO A 1 59  ? -0.039  -7.739  -0.734  1.00 15.17 ? 58   PRO A CD  1 
ATOM   446  N N   . ALA A 1 60  ? 0.350   -6.411  -5.196  1.00 10.85 ? 59   ALA A N   1 
ATOM   447  C CA  . ALA A 1 60  ? 0.591   -5.221  -5.988  1.00 9.05  ? 59   ALA A CA  1 
ATOM   448  C C   . ALA A 1 60  ? -0.597  -4.288  -5.797  1.00 10.62 ? 59   ALA A C   1 
ATOM   449  O O   . ALA A 1 60  ? -1.697  -4.735  -5.464  1.00 9.39  ? 59   ALA A O   1 
ATOM   450  C CB  . ALA A 1 60  ? 0.710   -5.593  -7.451  1.00 10.91 ? 59   ALA A CB  1 
ATOM   451  N N   . PRO A 1 61  ? -0.374  -2.974  -5.938  1.00 7.04  ? 60   PRO A N   1 
ATOM   452  C CA  . PRO A 1 61  ? -1.464  -2.003  -5.791  1.00 7.45  ? 60   PRO A CA  1 
ATOM   453  C C   . PRO A 1 61  ? -2.277  -2.050  -7.095  1.00 12.45 ? 60   PRO A C   1 
ATOM   454  O O   . PRO A 1 61  ? -1.936  -2.812  -8.009  1.00 11.49 ? 60   PRO A O   1 
ATOM   455  C CB  . PRO A 1 61  ? -0.711  -0.677  -5.650  1.00 7.08  ? 60   PRO A CB  1 
ATOM   456  C CG  . PRO A 1 61  ? 0.503   -0.893  -6.519  1.00 6.19  ? 60   PRO A CG  1 
ATOM   457  C CD  . PRO A 1 61  ? 0.923   -2.302  -6.162  1.00 5.71  ? 60   PRO A CD  1 
ATOM   458  N N   . LYS A 1 62  ? -3.315  -1.228  -7.206  1.00 9.55  ? 61   LYS A N   1 
ATOM   459  C CA  . LYS A 1 62  ? -4.131  -1.214  -8.421  1.00 14.20 ? 61   LYS A CA  1 
ATOM   460  C C   . LYS A 1 62  ? -4.448  0.218   -8.822  1.00 11.82 ? 61   LYS A C   1 
ATOM   461  O O   . LYS A 1 62  ? -4.343  1.132   -8.003  1.00 9.74  ? 61   LYS A O   1 
ATOM   462  C CB  . LYS A 1 62  ? -5.427  -2.007  -8.213  1.00 15.53 ? 61   LYS A CB  1 
ATOM   463  C CG  . LYS A 1 62  ? -6.324  -1.465  -7.114  1.00 28.62 ? 61   LYS A CG  1 
ATOM   464  C CD  . LYS A 1 62  ? -7.496  -2.396  -6.855  1.00 34.16 ? 61   LYS A CD  1 
ATOM   465  C CE  . LYS A 1 62  ? -8.287  -1.960  -5.632  1.00 44.40 ? 61   LYS A CE  1 
ATOM   466  N NZ  . LYS A 1 62  ? -9.430  -2.881  -5.368  1.00 50.88 ? 61   LYS A NZ  1 
ATOM   467  N N   . CYS A 1 63  ? -4.809  0.409   -10.084 1.00 9.17  ? 62   CYS A N   1 
ATOM   468  C CA  . CYS A 1 63  ? -5.158  1.726   -10.616 1.00 7.40  ? 62   CYS A CA  1 
ATOM   469  C C   . CYS A 1 63  ? -6.669  1.805   -10.813 1.00 10.56 ? 62   CYS A C   1 
ATOM   470  O O   . CYS A 1 63  ? -7.229  1.056   -11.611 1.00 16.62 ? 62   CYS A O   1 
ATOM   471  C CB  . CYS A 1 63  ? -4.490  1.959   -11.974 1.00 9.03  ? 62   CYS A CB  1 
ATOM   472  S SG  . CYS A 1 63  ? -2.684  2.092   -11.917 1.00 20.38 ? 62   CYS A SG  1 
ATOM   473  N N   . GLU A 1 64  ? -7.327  2.699   -10.087 1.00 12.53 ? 63   GLU A N   1 
ATOM   474  C CA  . GLU A 1 64  ? -8.769  2.866   -10.216 1.00 12.42 ? 63   GLU A CA  1 
ATOM   475  C C   . GLU A 1 64  ? -9.082  4.118   -11.036 1.00 8.46  ? 63   GLU A C   1 
ATOM   476  O O   . GLU A 1 64  ? -8.497  5.181   -10.797 1.00 9.73  ? 63   GLU A O   1 
ATOM   477  C CB  . GLU A 1 64  ? -9.416  2.995   -8.831  1.00 8.99  ? 63   GLU A CB  1 
ATOM   478  C CG  . GLU A 1 64  ? -9.444  1.709   -8.008  1.00 10.62 ? 63   GLU A CG  1 
ATOM   479  C CD  . GLU A 1 64  ? -10.254 1.853   -6.727  1.00 13.50 ? 63   GLU A CD  1 
ATOM   480  O OE1 . GLU A 1 64  ? -10.615 0.821   -6.129  1.00 14.72 ? 63   GLU A OE1 1 
ATOM   481  O OE2 . GLU A 1 64  ? -10.529 2.999   -6.309  1.00 12.49 ? 63   GLU A OE2 1 
ATOM   482  N N   . TYR A 1 65  ? -10.010 4.004   -11.985 1.00 11.56 ? 64   TYR A N   1 
ATOM   483  C CA  . TYR A 1 65  ? -10.386 5.155   -12.804 1.00 10.35 ? 64   TYR A CA  1 
ATOM   484  C C   . TYR A 1 65  ? -10.898 6.237   -11.850 1.00 8.57  ? 64   TYR A C   1 
ATOM   485  O O   . TYR A 1 65  ? -11.730 5.961   -10.987 1.00 13.09 ? 64   TYR A O   1 
ATOM   486  C CB  . TYR A 1 65  ? -11.471 4.775   -13.823 1.00 15.05 ? 64   TYR A CB  1 
ATOM   487  C CG  . TYR A 1 65  ? -11.734 5.860   -14.850 1.00 27.18 ? 64   TYR A CG  1 
ATOM   488  C CD1 . TYR A 1 65  ? -10.758 6.208   -15.794 1.00 30.08 ? 64   TYR A CD1 1 
ATOM   489  C CD2 . TYR A 1 65  ? -12.944 6.562   -14.865 1.00 30.11 ? 64   TYR A CD2 1 
ATOM   490  C CE1 . TYR A 1 65  ? -10.980 7.231   -16.729 1.00 34.29 ? 64   TYR A CE1 1 
ATOM   491  C CE2 . TYR A 1 65  ? -13.178 7.587   -15.794 1.00 35.34 ? 64   TYR A CE2 1 
ATOM   492  C CZ  . TYR A 1 65  ? -12.192 7.915   -16.723 1.00 38.85 ? 64   TYR A CZ  1 
ATOM   493  O OH  . TYR A 1 65  ? -12.417 8.925   -17.640 1.00 35.63 ? 64   TYR A OH  1 
ATOM   494  N N   . PHE A 1 66  ? -10.369 7.450   -11.970 1.00 9.48  ? 65   PHE A N   1 
ATOM   495  C CA  . PHE A 1 66  ? -10.752 8.541   -11.087 1.00 8.34  ? 65   PHE A CA  1 
ATOM   496  C C   . PHE A 1 66  ? -12.255 8.797   -11.020 1.00 15.40 ? 65   PHE A C   1 
ATOM   497  O O   . PHE A 1 66  ? -12.918 8.930   -12.050 1.00 16.72 ? 65   PHE A O   1 
ATOM   498  C CB  . PHE A 1 66  ? -10.036 9.830   -11.495 1.00 8.58  ? 65   PHE A CB  1 
ATOM   499  C CG  . PHE A 1 66  ? -10.270 10.993  -10.552 1.00 13.61 ? 65   PHE A CG  1 
ATOM   500  C CD1 . PHE A 1 66  ? -10.073 10.853  -9.179  1.00 13.44 ? 65   PHE A CD1 1 
ATOM   501  C CD2 . PHE A 1 66  ? -10.668 12.237  -11.045 1.00 11.87 ? 65   PHE A CD2 1 
ATOM   502  C CE1 . PHE A 1 66  ? -10.266 11.937  -8.312  1.00 16.46 ? 65   PHE A CE1 1 
ATOM   503  C CE2 . PHE A 1 66  ? -10.863 13.324  -10.185 1.00 9.44  ? 65   PHE A CE2 1 
ATOM   504  C CZ  . PHE A 1 66  ? -10.662 13.174  -8.818  1.00 12.27 ? 65   PHE A CZ  1 
ATOM   505  N N   . ASN A 1 67  ? -12.783 8.813   -9.798  1.00 12.20 ? 66   ASN A N   1 
ATOM   506  C CA  . ASN A 1 67  ? -14.188 9.121   -9.556  1.00 11.78 ? 66   ASN A CA  1 
ATOM   507  C C   . ASN A 1 67  ? -14.128 10.394  -8.711  1.00 14.47 ? 66   ASN A C   1 
ATOM   508  O O   . ASN A 1 67  ? -13.836 10.344  -7.511  1.00 12.20 ? 66   ASN A O   1 
ATOM   509  C CB  . ASN A 1 67  ? -14.897 7.988   -8.806  1.00 8.81  ? 66   ASN A CB  1 
ATOM   510  C CG  . ASN A 1 67  ? -16.363 8.295   -8.540  1.00 12.45 ? 66   ASN A CG  1 
ATOM   511  O OD1 . ASN A 1 67  ? -16.719 9.429   -8.226  1.00 9.69  ? 66   ASN A OD1 1 
ATOM   512  N ND2 . ASN A 1 67  ? -17.214 7.284   -8.642  1.00 14.28 ? 66   ASN A ND2 1 
ATOM   513  N N   . LYS A 1 68  ? -14.380 11.535  -9.347  1.00 10.64 ? 67   LYS A N   1 
ATOM   514  C CA  . LYS A 1 68  ? -14.312 12.823  -8.670  1.00 11.75 ? 67   LYS A CA  1 
ATOM   515  C C   . LYS A 1 68  ? -15.322 13.091  -7.562  1.00 8.20  ? 67   LYS A C   1 
ATOM   516  O O   . LYS A 1 68  ? -15.182 14.066  -6.824  1.00 15.80 ? 67   LYS A O   1 
ATOM   517  C CB  . LYS A 1 68  ? -14.367 13.962  -9.691  1.00 13.38 ? 67   LYS A CB  1 
ATOM   518  C CG  . LYS A 1 68  ? -15.664 14.058  -10.469 1.00 11.43 ? 67   LYS A CG  1 
ATOM   519  C CD  . LYS A 1 68  ? -15.550 15.148  -11.523 1.00 15.92 ? 67   LYS A CD  1 
ATOM   520  C CE  . LYS A 1 68  ? -16.784 15.228  -12.398 1.00 16.51 ? 67   LYS A CE  1 
ATOM   521  N NZ  . LYS A 1 68  ? -16.596 16.228  -13.485 1.00 10.27 ? 67   LYS A NZ  1 
ATOM   522  N N   . TYR A 1 69  ? -16.352 12.260  -7.456  1.00 7.50  ? 68   TYR A N   1 
ATOM   523  C CA  . TYR A 1 69  ? -17.377 12.464  -6.432  1.00 9.63  ? 68   TYR A CA  1 
ATOM   524  C C   . TYR A 1 69  ? -17.071 11.711  -5.140  1.00 7.13  ? 68   TYR A C   1 
ATOM   525  O O   . TYR A 1 69  ? -17.609 12.031  -4.085  1.00 13.43 ? 68   TYR A O   1 
ATOM   526  C CB  . TYR A 1 69  ? -18.737 11.990  -6.943  1.00 9.38  ? 68   TYR A CB  1 
ATOM   527  C CG  . TYR A 1 69  ? -19.062 12.417  -8.355  1.00 12.39 ? 68   TYR A CG  1 
ATOM   528  C CD1 . TYR A 1 69  ? -19.171 11.471  -9.379  1.00 13.86 ? 68   TYR A CD1 1 
ATOM   529  C CD2 . TYR A 1 69  ? -19.291 13.761  -8.667  1.00 15.39 ? 68   TYR A CD2 1 
ATOM   530  C CE1 . TYR A 1 69  ? -19.507 11.852  -10.681 1.00 11.73 ? 68   TYR A CE1 1 
ATOM   531  C CE2 . TYR A 1 69  ? -19.627 14.151  -9.961  1.00 18.11 ? 68   TYR A CE2 1 
ATOM   532  C CZ  . TYR A 1 69  ? -19.736 13.192  -10.959 1.00 18.43 ? 68   TYR A CZ  1 
ATOM   533  O OH  . TYR A 1 69  ? -20.091 13.571  -12.232 1.00 16.30 ? 68   TYR A OH  1 
ATOM   534  N N   . SER A 1 70  ? -16.214 10.709  -5.232  1.00 8.02  ? 69   SER A N   1 
ATOM   535  C CA  . SER A 1 70  ? -15.880 9.886   -4.076  1.00 12.20 ? 69   SER A CA  1 
ATOM   536  C C   . SER A 1 70  ? -15.182 10.638  -2.949  1.00 11.79 ? 69   SER A C   1 
ATOM   537  O O   . SER A 1 70  ? -14.430 11.588  -3.193  1.00 16.29 ? 69   SER A O   1 
ATOM   538  C CB  . SER A 1 70  ? -15.045 8.679   -4.515  1.00 9.11  ? 69   SER A CB  1 
ATOM   539  O OG  . SER A 1 70  ? -15.791 7.846   -5.396  1.00 12.68 ? 69   SER A OG  1 
ATOM   540  N N   . SER A 1 71  ? -15.475 10.229  -1.718  1.00 15.60 ? 70   SER A N   1 
ATOM   541  C CA  . SER A 1 71  ? -14.865 10.813  -0.526  1.00 13.54 ? 70   SER A CA  1 
ATOM   542  C C   . SER A 1 71  ? -14.992 9.793   0.605   1.00 15.76 ? 70   SER A C   1 
ATOM   543  O O   . SER A 1 71  ? -15.923 8.982   0.623   1.00 14.38 ? 70   SER A O   1 
ATOM   544  C CB  . SER A 1 71  ? -15.511 12.156  -0.148  1.00 21.47 ? 70   SER A CB  1 
ATOM   545  O OG  . SER A 1 71  ? -16.850 12.008  0.280   1.00 23.25 ? 70   SER A OG  1 
ATOM   546  N N   . CYS A 1 72  ? -14.048 9.825   1.535   1.00 14.86 ? 71   CYS A N   1 
ATOM   547  C CA  . CYS A 1 72  ? -14.040 8.878   2.636   1.00 13.03 ? 71   CYS A CA  1 
ATOM   548  C C   . CYS A 1 72  ? -14.156 9.582   3.976   1.00 13.30 ? 71   CYS A C   1 
ATOM   549  O O   . CYS A 1 72  ? -13.714 10.720  4.115   1.00 15.18 ? 71   CYS A O   1 
ATOM   550  C CB  . CYS A 1 72  ? -12.739 8.072   2.589   1.00 15.95 ? 71   CYS A CB  1 
ATOM   551  S SG  . CYS A 1 72  ? -12.553 7.041   1.097   1.00 30.47 ? 71   CYS A SG  1 
ATOM   552  N N   . PRO A 1 73  ? -14.812 8.942   4.960   1.00 12.05 ? 72   PRO A N   1 
ATOM   553  C CA  . PRO A 1 73  ? -14.956 9.548   6.287   1.00 17.91 ? 72   PRO A CA  1 
ATOM   554  C C   . PRO A 1 73  ? -13.605 9.490   7.024   1.00 14.70 ? 72   PRO A C   1 
ATOM   555  O O   . PRO A 1 73  ? -12.696 8.779   6.605   1.00 12.18 ? 72   PRO A O   1 
ATOM   556  C CB  . PRO A 1 73  ? -15.998 8.646   6.955   1.00 12.29 ? 72   PRO A CB  1 
ATOM   557  C CG  . PRO A 1 73  ? -15.706 7.307   6.365   1.00 20.39 ? 72   PRO A CG  1 
ATOM   558  C CD  . PRO A 1 73  ? -15.520 7.651   4.895   1.00 20.05 ? 72   PRO A CD  1 
ATOM   559  N N   . GLU A 1 74  ? -13.475 10.238  8.112   1.00 16.90 ? 73   GLU A N   1 
ATOM   560  C CA  . GLU A 1 74  ? -12.239 10.250  8.899   1.00 18.69 ? 73   GLU A CA  1 
ATOM   561  C C   . GLU A 1 74  ? -11.923 8.839   9.409   1.00 13.08 ? 73   GLU A C   1 
ATOM   562  O O   . GLU A 1 74  ? -12.732 8.237   10.112  1.00 18.76 ? 73   GLU A O   1 
ATOM   563  C CB  . GLU A 1 74  ? -12.407 11.192  10.098  1.00 25.61 ? 73   GLU A CB  1 
ATOM   564  C CG  . GLU A 1 74  ? -11.160 11.373  10.958  1.00 25.85 ? 73   GLU A CG  1 
ATOM   565  C CD  . GLU A 1 74  ? -10.122 12.275  10.306  1.00 35.22 ? 73   GLU A CD  1 
ATOM   566  O OE1 . GLU A 1 74  ? -8.914  11.991  10.454  1.00 35.89 ? 73   GLU A OE1 1 
ATOM   567  O OE2 . GLU A 1 74  ? -10.506 13.278  9.658   1.00 34.19 ? 73   GLU A OE2 1 
ATOM   568  N N   . PRO A 1 75  ? -10.773 8.265   9.010   1.00 13.29 ? 74   PRO A N   1 
ATOM   569  C CA  . PRO A 1 75  ? -10.465 6.915   9.499   1.00 12.80 ? 74   PRO A CA  1 
ATOM   570  C C   . PRO A 1 75  ? -9.935  7.024   10.932  1.00 12.96 ? 74   PRO A C   1 
ATOM   571  O O   . PRO A 1 75  ? -9.161  7.930   11.245  1.00 12.98 ? 74   PRO A O   1 
ATOM   572  C CB  . PRO A 1 75  ? -9.401  6.435   8.512   1.00 8.83  ? 74   PRO A CB  1 
ATOM   573  C CG  . PRO A 1 75  ? -8.654  7.705   8.202   1.00 9.14  ? 74   PRO A CG  1 
ATOM   574  C CD  . PRO A 1 75  ? -9.746  8.741   8.062   1.00 13.39 ? 74   PRO A CD  1 
ATOM   575  N N   . ILE A 1 76  ? -10.362 6.117   11.797  1.00 13.95 ? 75   ILE A N   1 
ATOM   576  C CA  . ILE A 1 76  ? -9.948  6.148   13.194  1.00 13.82 ? 75   ILE A CA  1 
ATOM   577  C C   . ILE A 1 76  ? -9.330  4.818   13.621  1.00 11.60 ? 75   ILE A C   1 
ATOM   578  O O   . ILE A 1 76  ? -9.866  3.749   13.322  1.00 9.82  ? 75   ILE A O   1 
ATOM   579  C CB  . ILE A 1 76  ? -11.162 6.483   14.102  1.00 19.04 ? 75   ILE A CB  1 
ATOM   580  C CG1 . ILE A 1 76  ? -11.609 7.926   13.863  1.00 17.10 ? 75   ILE A CG1 1 
ATOM   581  C CG2 . ILE A 1 76  ? -10.838 6.260   15.563  1.00 18.37 ? 75   ILE A CG2 1 
ATOM   582  C CD1 . ILE A 1 76  ? -12.945 8.251   14.475  1.00 32.02 ? 75   ILE A CD1 1 
ATOM   583  N N   . VAL A 1 77  ? -8.178  4.902   14.285  1.00 8.45  ? 76   VAL A N   1 
ATOM   584  C CA  . VAL A 1 77  ? -7.470  3.726   14.779  1.00 7.46  ? 76   VAL A CA  1 
ATOM   585  C C   . VAL A 1 77  ? -7.250  3.914   16.290  1.00 8.97  ? 76   VAL A C   1 
ATOM   586  O O   . VAL A 1 77  ? -6.469  4.773   16.702  1.00 11.64 ? 76   VAL A O   1 
ATOM   587  C CB  . VAL A 1 77  ? -6.087  3.557   14.080  1.00 7.35  ? 76   VAL A CB  1 
ATOM   588  C CG1 . VAL A 1 77  ? -5.268  2.477   14.777  1.00 16.02 ? 76   VAL A CG1 1 
ATOM   589  C CG2 . VAL A 1 77  ? -6.261  3.208   12.596  1.00 7.74  ? 76   VAL A CG2 1 
ATOM   590  N N   . PRO A 1 78  ? -8.015  3.196   17.131  1.00 10.39 ? 77   PRO A N   1 
ATOM   591  C CA  . PRO A 1 78  ? -7.853  3.321   18.587  1.00 12.67 ? 77   PRO A CA  1 
ATOM   592  C C   . PRO A 1 78  ? -6.405  2.979   18.969  1.00 12.06 ? 77   PRO A C   1 
ATOM   593  O O   . PRO A 1 78  ? -5.829  2.013   18.443  1.00 10.57 ? 77   PRO A O   1 
ATOM   594  C CB  . PRO A 1 78  ? -8.841  2.280   19.128  1.00 10.39 ? 77   PRO A CB  1 
ATOM   595  C CG  . PRO A 1 78  ? -9.934  2.301   18.102  1.00 9.82  ? 77   PRO A CG  1 
ATOM   596  C CD  . PRO A 1 78  ? -9.142  2.304   16.805  1.00 11.60 ? 77   PRO A CD  1 
ATOM   597  N N   . GLY A 1 79  ? -5.823  3.778   19.862  1.00 8.69  ? 78   GLY A N   1 
ATOM   598  C CA  . GLY A 1 79  ? -4.446  3.562   20.278  1.00 8.60  ? 78   GLY A CA  1 
ATOM   599  C C   . GLY A 1 79  ? -3.418  4.123   19.299  1.00 9.82  ? 78   GLY A C   1 
ATOM   600  O O   . GLY A 1 79  ? -2.205  4.028   19.531  1.00 14.20 ? 78   GLY A O   1 
ATOM   601  N N   . GLY A 1 80  ? -3.891  4.710   18.203  1.00 9.99  ? 79   GLY A N   1 
ATOM   602  C CA  . GLY A 1 80  ? -2.994  5.278   17.218  1.00 6.80  ? 79   GLY A CA  1 
ATOM   603  C C   . GLY A 1 80  ? -3.437  6.671   16.839  1.00 9.57  ? 79   GLY A C   1 
ATOM   604  O O   . GLY A 1 80  ? -4.472  7.154   17.304  1.00 8.44  ? 79   GLY A O   1 
ATOM   605  N N   . TYR A 1 81  ? -2.673  7.314   15.968  1.00 7.11  ? 80   TYR A N   1 
ATOM   606  C CA  . TYR A 1 81  ? -2.986  8.660   15.534  1.00 10.16 ? 80   TYR A CA  1 
ATOM   607  C C   . TYR A 1 81  ? -2.481  8.926   14.117  1.00 14.93 ? 80   TYR A C   1 
ATOM   608  O O   . TYR A 1 81  ? -1.486  8.344   13.666  1.00 11.73 ? 80   TYR A O   1 
ATOM   609  C CB  . TYR A 1 81  ? -2.427  9.701   16.535  1.00 12.78 ? 80   TYR A CB  1 
ATOM   610  C CG  . TYR A 1 81  ? -0.910  9.751   16.675  1.00 14.56 ? 80   TYR A CG  1 
ATOM   611  C CD1 . TYR A 1 81  ? -0.175  10.792  16.102  1.00 11.93 ? 80   TYR A CD1 1 
ATOM   612  C CD2 . TYR A 1 81  ? -0.210  8.757   17.367  1.00 9.00  ? 80   TYR A CD2 1 
ATOM   613  C CE1 . TYR A 1 81  ? 1.211   10.839  16.210  1.00 9.42  ? 80   TYR A CE1 1 
ATOM   614  C CE2 . TYR A 1 81  ? 1.182   8.797   17.478  1.00 11.84 ? 80   TYR A CE2 1 
ATOM   615  C CZ  . TYR A 1 81  ? 1.882   9.837   16.896  1.00 8.15  ? 80   TYR A CZ  1 
ATOM   616  O OH  . TYR A 1 81  ? 3.258   9.867   16.958  1.00 10.49 ? 80   TYR A OH  1 
ATOM   617  N N   . LYS A 1 82  ? -3.206  9.780   13.407  1.00 9.55  ? 81   LYS A N   1 
ATOM   618  C CA  . LYS A 1 82  ? -2.865  10.150  12.047  1.00 11.49 ? 81   LYS A CA  1 
ATOM   619  C C   . LYS A 1 82  ? -1.613  11.030  12.026  1.00 14.25 ? 81   LYS A C   1 
ATOM   620  O O   . LYS A 1 82  ? -1.520  12.000  12.776  1.00 19.35 ? 81   LYS A O   1 
ATOM   621  C CB  . LYS A 1 82  ? -4.047  10.903  11.427  1.00 14.24 ? 81   LYS A CB  1 
ATOM   622  C CG  . LYS A 1 82  ? -3.897  11.237  9.960   1.00 27.22 ? 81   LYS A CG  1 
ATOM   623  C CD  . LYS A 1 82  ? -5.137  11.960  9.426   1.00 22.13 ? 81   LYS A CD  1 
ATOM   624  C CE  . LYS A 1 82  ? -5.339  13.287  10.140  1.00 28.03 ? 81   LYS A CE  1 
ATOM   625  N NZ  . LYS A 1 82  ? -6.430  14.097  9.550   1.00 23.46 ? 81   LYS A NZ  1 
ATOM   626  N N   . ILE A 1 83  ? -0.636  10.668  11.197  1.00 12.75 ? 82   ILE A N   1 
ATOM   627  C CA  . ILE A 1 83  ? 0.593   11.451  11.077  1.00 16.71 ? 82   ILE A CA  1 
ATOM   628  C C   . ILE A 1 83  ? 0.720   12.118  9.703   1.00 19.01 ? 82   ILE A C   1 
ATOM   629  O O   . ILE A 1 83  ? 1.642   12.907  9.460   1.00 13.10 ? 82   ILE A O   1 
ATOM   630  C CB  . ILE A 1 83  ? 1.854   10.599  11.332  1.00 9.30  ? 82   ILE A CB  1 
ATOM   631  C CG1 . ILE A 1 83  ? 1.972   9.481   10.292  1.00 12.71 ? 82   ILE A CG1 1 
ATOM   632  C CG2 . ILE A 1 83  ? 1.804   10.024  12.734  1.00 23.43 ? 82   ILE A CG2 1 
ATOM   633  C CD1 . ILE A 1 83  ? 3.248   8.659   10.395  1.00 17.67 ? 82   ILE A CD1 1 
ATOM   634  N N   . ARG A 1 84  ? -0.230  11.830  8.822   1.00 13.91 ? 83   ARG A N   1 
ATOM   635  C CA  . ARG A 1 84  ? -0.213  12.391  7.484   1.00 13.50 ? 83   ARG A CA  1 
ATOM   636  C C   . ARG A 1 84  ? -1.614  12.222  6.900   1.00 16.93 ? 83   ARG A C   1 
ATOM   637  O O   . ARG A 1 84  ? -2.261  11.196  7.126   1.00 13.00 ? 83   ARG A O   1 
ATOM   638  C CB  . ARG A 1 84  ? 0.813   11.624  6.642   1.00 20.12 ? 83   ARG A CB  1 
ATOM   639  C CG  . ARG A 1 84  ? 1.588   12.457  5.628   1.00 39.68 ? 83   ARG A CG  1 
ATOM   640  C CD  . ARG A 1 84  ? 1.121   12.169  4.218   1.00 41.89 ? 83   ARG A CD  1 
ATOM   641  N NE  . ARG A 1 84  ? 0.881   10.742  4.043   1.00 47.57 ? 83   ARG A NE  1 
ATOM   642  C CZ  . ARG A 1 84  ? -0.209  10.238  3.478   1.00 41.39 ? 83   ARG A CZ  1 
ATOM   643  N NH1 . ARG A 1 84  ? -1.154  11.045  3.013   1.00 40.16 ? 83   ARG A NH1 1 
ATOM   644  N NH2 . ARG A 1 84  ? -0.394  8.928   3.461   1.00 23.92 ? 83   ARG A NH2 1 
ATOM   645  N N   . GLY A 1 85  ? -2.091  13.237  6.188   1.00 15.31 ? 84   GLY A N   1 
ATOM   646  C CA  . GLY A 1 85  ? -3.408  13.158  5.585   1.00 20.56 ? 84   GLY A CA  1 
ATOM   647  C C   . GLY A 1 85  ? -4.272  14.298  6.064   1.00 25.96 ? 84   GLY A C   1 
ATOM   648  O O   . GLY A 1 85  ? -4.306  14.594  7.261   1.00 31.86 ? 84   GLY A O   1 
ATOM   649  N N   . SER A 1 86  ? -4.983  14.927  5.135   1.00 28.65 ? 85   SER A N   1 
ATOM   650  C CA  . SER A 1 86  ? -5.842  16.059  5.459   1.00 29.49 ? 85   SER A CA  1 
ATOM   651  C C   . SER A 1 86  ? -7.206  15.943  4.793   1.00 25.81 ? 85   SER A C   1 
ATOM   652  O O   . SER A 1 86  ? -7.321  15.479  3.665   1.00 26.95 ? 85   SER A O   1 
ATOM   653  C CB  . SER A 1 86  ? -5.174  17.365  5.024   1.00 29.55 ? 85   SER A CB  1 
ATOM   654  O OG  . SER A 1 86  ? -5.946  18.486  5.418   1.00 42.29 ? 85   SER A OG  1 
ATOM   655  N N   . THR A 1 87  ? -8.234  16.353  5.521   1.00 28.93 ? 86   THR A N   1 
ATOM   656  C CA  . THR A 1 87  ? -9.604  16.324  5.036   1.00 28.71 ? 86   THR A CA  1 
ATOM   657  C C   . THR A 1 87  ? -9.821  17.511  4.081   1.00 26.66 ? 86   THR A C   1 
ATOM   658  O O   . THR A 1 87  ? -9.165  18.545  4.224   1.00 27.03 ? 86   THR A O   1 
ATOM   659  C CB  . THR A 1 87  ? -10.582 16.407  6.232   1.00 34.21 ? 86   THR A CB  1 
ATOM   660  O OG1 . THR A 1 87  ? -11.930 16.285  5.769   1.00 40.85 ? 86   THR A OG1 1 
ATOM   661  C CG2 . THR A 1 87  ? -10.412 17.730  6.982   1.00 32.73 ? 86   THR A CG2 1 
ATOM   662  N N   . PRO A 1 88  ? -10.685 17.355  3.055   1.00 28.18 ? 87   PRO A N   1 
ATOM   663  C CA  . PRO A 1 88  ? -11.476 16.165  2.703   1.00 20.89 ? 87   PRO A CA  1 
ATOM   664  C C   . PRO A 1 88  ? -10.642 15.070  2.026   1.00 15.97 ? 87   PRO A C   1 
ATOM   665  O O   . PRO A 1 88  ? -9.657  15.349  1.340   1.00 17.89 ? 87   PRO A O   1 
ATOM   666  C CB  . PRO A 1 88  ? -12.526 16.733  1.747   1.00 25.01 ? 87   PRO A CB  1 
ATOM   667  C CG  . PRO A 1 88  ? -11.766 17.816  1.034   1.00 24.65 ? 87   PRO A CG  1 
ATOM   668  C CD  . PRO A 1 88  ? -11.050 18.493  2.187   1.00 27.32 ? 87   PRO A CD  1 
ATOM   669  N N   . TYR A 1 89  ? -11.048 13.822  2.223   1.00 15.28 ? 88   TYR A N   1 
ATOM   670  C CA  . TYR A 1 89  ? -10.352 12.687  1.641   1.00 12.22 ? 88   TYR A CA  1 
ATOM   671  C C   . TYR A 1 89  ? -11.058 12.290  0.349   1.00 21.63 ? 88   TYR A C   1 
ATOM   672  O O   . TYR A 1 89  ? -12.174 11.763  0.372   1.00 25.14 ? 88   TYR A O   1 
ATOM   673  C CB  . TYR A 1 89  ? -10.338 11.520  2.626   1.00 14.56 ? 88   TYR A CB  1 
ATOM   674  C CG  . TYR A 1 89  ? -9.785  11.895  3.985   1.00 10.80 ? 88   TYR A CG  1 
ATOM   675  C CD1 . TYR A 1 89  ? -10.629 12.026  5.086   1.00 17.26 ? 88   TYR A CD1 1 
ATOM   676  C CD2 . TYR A 1 89  ? -8.425  12.138  4.165   1.00 16.41 ? 88   TYR A CD2 1 
ATOM   677  C CE1 . TYR A 1 89  ? -10.136 12.389  6.335   1.00 20.29 ? 88   TYR A CE1 1 
ATOM   678  C CE2 . TYR A 1 89  ? -7.919  12.502  5.412   1.00 21.85 ? 88   TYR A CE2 1 
ATOM   679  C CZ  . TYR A 1 89  ? -8.781  12.627  6.490   1.00 23.57 ? 88   TYR A CZ  1 
ATOM   680  O OH  . TYR A 1 89  ? -8.296  13.006  7.721   1.00 21.36 ? 88   TYR A OH  1 
ATOM   681  N N   . ARG A 1 90  ? -10.434 12.624  -0.775  1.00 16.03 ? 89   ARG A N   1 
ATOM   682  C CA  . ARG A 1 90  ? -10.982 12.313  -2.089  1.00 17.19 ? 89   ARG A CA  1 
ATOM   683  C C   . ARG A 1 90  ? -10.355 11.022  -2.599  1.00 16.61 ? 89   ARG A C   1 
ATOM   684  O O   . ARG A 1 90  ? -9.447  10.476  -1.970  1.00 9.76  ? 89   ARG A O   1 
ATOM   685  C CB  . ARG A 1 90  ? -10.709 13.457  -3.079  1.00 15.27 ? 89   ARG A CB  1 
ATOM   686  C CG  . ARG A 1 90  ? -11.118 14.853  -2.594  1.00 27.58 ? 89   ARG A CG  1 
ATOM   687  C CD  . ARG A 1 90  ? -12.581 14.928  -2.178  1.00 35.05 ? 89   ARG A CD  1 
ATOM   688  N NE  . ARG A 1 90  ? -13.500 14.834  -3.313  1.00 43.62 ? 89   ARG A NE  1 
ATOM   689  C CZ  . ARG A 1 90  ? -14.826 14.767  -3.205  1.00 40.57 ? 89   ARG A CZ  1 
ATOM   690  N NH1 . ARG A 1 90  ? -15.405 14.778  -2.010  1.00 40.34 ? 89   ARG A NH1 1 
ATOM   691  N NH2 . ARG A 1 90  ? -15.579 14.701  -4.292  1.00 28.51 ? 89   ARG A NH2 1 
ATOM   692  N N   . HIS A 1 91  ? -10.823 10.564  -3.756  1.00 14.16 ? 90   HIS A N   1 
ATOM   693  C CA  . HIS A 1 91  ? -10.342 9.335   -4.376  1.00 8.20  ? 90   HIS A CA  1 
ATOM   694  C C   . HIS A 1 91  ? -8.841  9.388   -4.648  1.00 10.89 ? 90   HIS A C   1 
ATOM   695  O O   . HIS A 1 91  ? -8.354  10.293  -5.323  1.00 9.73  ? 90   HIS A O   1 
ATOM   696  C CB  . HIS A 1 91  ? -11.120 9.082   -5.677  1.00 18.64 ? 90   HIS A CB  1 
ATOM   697  C CG  . HIS A 1 91  ? -10.805 7.773   -6.339  1.00 14.77 ? 90   HIS A CG  1 
ATOM   698  N ND1 . HIS A 1 91  ? -10.863 7.600   -7.706  1.00 9.35  ? 90   HIS A ND1 1 
ATOM   699  C CD2 . HIS A 1 91  ? -10.434 6.574   -5.825  1.00 10.28 ? 90   HIS A CD2 1 
ATOM   700  C CE1 . HIS A 1 91  ? -10.544 6.355   -8.008  1.00 11.98 ? 90   HIS A CE1 1 
ATOM   701  N NE2 . HIS A 1 91  ? -10.277 5.713   -6.885  1.00 12.36 ? 90   HIS A NE2 1 
ATOM   702  N N   . GLY A 1 92  ? -8.113  8.412   -4.116  1.00 11.26 ? 91   GLY A N   1 
ATOM   703  C CA  . GLY A 1 92  ? -6.673  8.373   -4.309  1.00 8.18  ? 91   GLY A CA  1 
ATOM   704  C C   . GLY A 1 92  ? -5.893  8.953   -3.137  1.00 7.99  ? 91   GLY A C   1 
ATOM   705  O O   . GLY A 1 92  ? -4.693  8.700   -3.015  1.00 8.32  ? 91   GLY A O   1 
ATOM   706  N N   . ASP A 1 93  ? -6.555  9.728   -2.276  1.00 5.57  ? 92   ASP A N   1 
ATOM   707  C CA  . ASP A 1 93  ? -5.881  10.320  -1.118  1.00 10.15 ? 92   ASP A CA  1 
ATOM   708  C C   . ASP A 1 93  ? -5.563  9.239   -0.089  1.00 7.89  ? 92   ASP A C   1 
ATOM   709  O O   . ASP A 1 93  ? -6.296  8.254   0.043   1.00 9.31  ? 92   ASP A O   1 
ATOM   710  C CB  . ASP A 1 93  ? -6.744  11.395  -0.446  1.00 11.32 ? 92   ASP A CB  1 
ATOM   711  C CG  . ASP A 1 93  ? -6.874  12.669  -1.281  1.00 17.54 ? 92   ASP A CG  1 
ATOM   712  O OD1 . ASP A 1 93  ? -6.139  12.843  -2.278  1.00 17.30 ? 92   ASP A OD1 1 
ATOM   713  O OD2 . ASP A 1 93  ? -7.730  13.503  -0.929  1.00 14.49 ? 92   ASP A OD2 1 
ATOM   714  N N   . SER A 1 94  ? -4.479  9.432   0.650   1.00 12.00 ? 93   SER A N   1 
ATOM   715  C CA  . SER A 1 94  ? -4.107  8.467   1.666   1.00 12.05 ? 93   SER A CA  1 
ATOM   716  C C   . SER A 1 94  ? -3.923  9.114   3.039   1.00 14.06 ? 93   SER A C   1 
ATOM   717  O O   . SER A 1 94  ? -3.848  10.345  3.165   1.00 8.85  ? 93   SER A O   1 
ATOM   718  C CB  . SER A 1 94  ? -2.839  7.718   1.257   1.00 13.59 ? 93   SER A CB  1 
ATOM   719  O OG  . SER A 1 94  ? -1.777  8.619   1.011   1.00 17.02 ? 93   SER A OG  1 
ATOM   720  N N   . VAL A 1 95  ? -3.922  8.269   4.062   1.00 10.16 ? 94   VAL A N   1 
ATOM   721  C CA  . VAL A 1 95  ? -3.728  8.684   5.440   1.00 10.36 ? 94   VAL A CA  1 
ATOM   722  C C   . VAL A 1 95  ? -2.712  7.684   5.985   1.00 15.21 ? 94   VAL A C   1 
ATOM   723  O O   . VAL A 1 95  ? -2.718  6.520   5.571   1.00 11.54 ? 94   VAL A O   1 
ATOM   724  C CB  . VAL A 1 95  ? -5.044  8.562   6.263   1.00 15.02 ? 94   VAL A CB  1 
ATOM   725  C CG1 . VAL A 1 95  ? -4.754  8.630   7.757   1.00 20.31 ? 94   VAL A CG1 1 
ATOM   726  C CG2 . VAL A 1 95  ? -6.008  9.678   5.883   1.00 16.01 ? 94   VAL A CG2 1 
ATOM   727  N N   . THR A 1 96  ? -1.815  8.151   6.851   1.00 9.35  ? 95   THR A N   1 
ATOM   728  C CA  . THR A 1 96  ? -0.803  7.295   7.472   1.00 8.13  ? 95   THR A CA  1 
ATOM   729  C C   . THR A 1 96  ? -0.977  7.435   8.988   1.00 5.84  ? 95   THR A C   1 
ATOM   730  O O   . THR A 1 96  ? -1.264  8.529   9.487   1.00 5.07  ? 95   THR A O   1 
ATOM   731  C CB  . THR A 1 96  ? 0.631   7.700   7.058   1.00 8.55  ? 95   THR A CB  1 
ATOM   732  O OG1 . THR A 1 96  ? 0.730   7.693   5.626   1.00 14.10 ? 95   THR A OG1 1 
ATOM   733  C CG2 . THR A 1 96  ? 1.654   6.711   7.619   1.00 9.53  ? 95   THR A CG2 1 
ATOM   734  N N   . PHE A 1 97  ? -0.831  6.322   9.700   1.00 8.35  ? 96   PHE A N   1 
ATOM   735  C CA  . PHE A 1 97  ? -0.979  6.296   11.155  1.00 7.25  ? 96   PHE A CA  1 
ATOM   736  C C   . PHE A 1 97  ? 0.309   5.868   11.844  1.00 10.59 ? 96   PHE A C   1 
ATOM   737  O O   . PHE A 1 97  ? 1.165   5.221   11.236  1.00 10.18 ? 96   PHE A O   1 
ATOM   738  C CB  . PHE A 1 97  ? -2.049  5.277   11.564  1.00 6.43  ? 96   PHE A CB  1 
ATOM   739  C CG  . PHE A 1 97  ? -3.438  5.635   11.136  1.00 7.90  ? 96   PHE A CG  1 
ATOM   740  C CD1 . PHE A 1 97  ? -3.930  5.210   9.895   1.00 11.53 ? 96   PHE A CD1 1 
ATOM   741  C CD2 . PHE A 1 97  ? -4.263  6.387   11.971  1.00 11.97 ? 96   PHE A CD2 1 
ATOM   742  C CE1 . PHE A 1 97  ? -5.227  5.533   9.499   1.00 11.50 ? 96   PHE A CE1 1 
ATOM   743  C CE2 . PHE A 1 97  ? -5.563  6.718   11.585  1.00 16.65 ? 96   PHE A CE2 1 
ATOM   744  C CZ  . PHE A 1 97  ? -6.045  6.288   10.347  1.00 13.46 ? 96   PHE A CZ  1 
ATOM   745  N N   . ALA A 1 98  ? 0.410   6.215   13.124  1.00 12.32 ? 97   ALA A N   1 
ATOM   746  C CA  . ALA A 1 98  ? 1.523   5.823   13.990  1.00 8.94  ? 97   ALA A CA  1 
ATOM   747  C C   . ALA A 1 98  ? 0.834   5.421   15.285  1.00 13.53 ? 97   ALA A C   1 
ATOM   748  O O   . ALA A 1 98  ? -0.250  5.928   15.592  1.00 11.31 ? 97   ALA A O   1 
ATOM   749  C CB  . ALA A 1 98  ? 2.456   6.986   14.248  1.00 10.88 ? 97   ALA A CB  1 
ATOM   750  N N   . CYS A 1 99  ? 1.400   4.466   16.012  1.00 13.26 ? 98   CYS A N   1 
ATOM   751  C CA  . CYS A 1 99  ? 0.777   4.088   17.265  1.00 14.56 ? 98   CYS A CA  1 
ATOM   752  C C   . CYS A 1 99  ? 1.265   5.000   18.391  1.00 12.03 ? 98   CYS A C   1 
ATOM   753  O O   . CYS A 1 99  ? 2.363   5.559   18.325  1.00 11.05 ? 98   CYS A O   1 
ATOM   754  C CB  . CYS A 1 99  ? 1.015   2.611   17.593  1.00 17.69 ? 98   CYS A CB  1 
ATOM   755  S SG  . CYS A 1 99  ? 0.206   1.439   16.444  1.00 20.57 ? 98   CYS A SG  1 
ATOM   756  N N   . LYS A 1 100 ? 0.410   5.213   19.384  1.00 6.98  ? 99   LYS A N   1 
ATOM   757  C CA  . LYS A 1 100 ? 0.765   6.054   20.516  1.00 6.23  ? 99   LYS A CA  1 
ATOM   758  C C   . LYS A 1 100 ? 1.862   5.370   21.314  1.00 12.44 ? 99   LYS A C   1 
ATOM   759  O O   . LYS A 1 100 ? 2.201   4.202   21.063  1.00 12.06 ? 99   LYS A O   1 
ATOM   760  C CB  . LYS A 1 100 ? -0.454  6.304   21.411  1.00 13.62 ? 99   LYS A CB  1 
ATOM   761  C CG  . LYS A 1 100 ? -1.527  7.138   20.738  1.00 9.54  ? 99   LYS A CG  1 
ATOM   762  C CD  . LYS A 1 100 ? -2.731  7.349   21.615  1.00 18.50 ? 99   LYS A CD  1 
ATOM   763  C CE  . LYS A 1 100 ? -3.781  8.145   20.860  1.00 31.57 ? 99   LYS A CE  1 
ATOM   764  N NZ  . LYS A 1 100 ? -5.002  8.391   21.675  1.00 40.27 ? 99   LYS A NZ  1 
ATOM   765  N N   . THR A 1 101 ? 2.441   6.115   22.248  1.00 9.95  ? 100  THR A N   1 
ATOM   766  C CA  . THR A 1 101 ? 3.500   5.596   23.103  1.00 11.22 ? 100  THR A CA  1 
ATOM   767  C C   . THR A 1 101 ? 2.968   4.367   23.851  1.00 9.29  ? 100  THR A C   1 
ATOM   768  O O   . THR A 1 101 ? 1.845   4.384   24.368  1.00 13.60 ? 100  THR A O   1 
ATOM   769  C CB  . THR A 1 101 ? 3.971   6.695   24.093  1.00 13.97 ? 100  THR A CB  1 
ATOM   770  O OG1 . THR A 1 101 ? 4.621   7.749   23.359  1.00 14.90 ? 100  THR A OG1 1 
ATOM   771  C CG2 . THR A 1 101 ? 4.926   6.128   25.137  1.00 12.64 ? 100  THR A CG2 1 
ATOM   772  N N   . ASN A 1 102 ? 3.745   3.287   23.820  1.00 7.63  ? 101  ASN A N   1 
ATOM   773  C CA  . ASN A 1 102 ? 3.400   2.024   24.479  1.00 19.92 ? 101  ASN A CA  1 
ATOM   774  C C   . ASN A 1 102 ? 2.388   1.155   23.727  1.00 18.10 ? 101  ASN A C   1 
ATOM   775  O O   . ASN A 1 102 ? 1.809   0.222   24.293  1.00 13.82 ? 101  ASN A O   1 
ATOM   776  C CB  . ASN A 1 102 ? 2.953   2.249   25.934  1.00 19.38 ? 101  ASN A CB  1 
ATOM   777  C CG  . ASN A 1 102 ? 4.129   2.498   26.875  1.00 27.01 ? 101  ASN A CG  1 
ATOM   778  O OD1 . ASN A 1 102 ? 4.061   3.372   27.740  1.00 35.35 ? 101  ASN A OD1 1 
ATOM   779  N ND2 . ASN A 1 102 ? 5.192   1.707   26.725  1.00 35.30 ? 101  ASN A ND2 1 
ATOM   780  N N   . PHE A 1 103 ? 2.181   1.477   22.456  1.00 12.78 ? 102  PHE A N   1 
ATOM   781  C CA  . PHE A 1 103 ? 1.287   0.722   21.589  1.00 9.35  ? 102  PHE A CA  1 
ATOM   782  C C   . PHE A 1 103 ? 2.136   0.247   20.424  1.00 9.08  ? 102  PHE A C   1 
ATOM   783  O O   . PHE A 1 103 ? 3.091   0.923   20.040  1.00 11.64 ? 102  PHE A O   1 
ATOM   784  C CB  . PHE A 1 103 ? 0.130   1.595   21.080  1.00 10.56 ? 102  PHE A CB  1 
ATOM   785  C CG  . PHE A 1 103 ? -1.005  1.727   22.056  1.00 11.04 ? 102  PHE A CG  1 
ATOM   786  C CD1 . PHE A 1 103 ? -0.928  2.618   23.119  1.00 13.94 ? 102  PHE A CD1 1 
ATOM   787  C CD2 . PHE A 1 103 ? -2.154  0.958   21.910  1.00 11.60 ? 102  PHE A CD2 1 
ATOM   788  C CE1 . PHE A 1 103 ? -1.982  2.743   24.027  1.00 15.42 ? 102  PHE A CE1 1 
ATOM   789  C CE2 . PHE A 1 103 ? -3.210  1.075   22.807  1.00 11.39 ? 102  PHE A CE2 1 
ATOM   790  C CZ  . PHE A 1 103 ? -3.124  1.971   23.871  1.00 11.33 ? 102  PHE A CZ  1 
ATOM   791  N N   . SER A 1 104 ? 1.795   -0.914  19.876  1.00 8.35  ? 103  SER A N   1 
ATOM   792  C CA  . SER A 1 104 ? 2.520   -1.503  18.755  1.00 10.30 ? 103  SER A CA  1 
ATOM   793  C C   . SER A 1 104 ? 1.518   -1.797  17.638  1.00 11.42 ? 103  SER A C   1 
ATOM   794  O O   . SER A 1 104 ? 0.411   -2.266  17.895  1.00 9.08  ? 103  SER A O   1 
ATOM   795  C CB  . SER A 1 104 ? 3.215   -2.792  19.197  1.00 7.47  ? 103  SER A CB  1 
ATOM   796  O OG  . SER A 1 104 ? 3.907   -3.392  18.119  1.00 13.07 ? 103  SER A OG  1 
ATOM   797  N N   . MET A 1 105 ? 1.918   -1.521  16.403  1.00 10.36 ? 104  MET A N   1 
ATOM   798  C CA  . MET A 1 105 ? 1.046   -1.706  15.256  1.00 6.80  ? 104  MET A CA  1 
ATOM   799  C C   . MET A 1 105 ? 1.086   -3.067  14.583  1.00 9.25  ? 104  MET A C   1 
ATOM   800  O O   . MET A 1 105 ? 2.128   -3.719  14.518  1.00 10.67 ? 104  MET A O   1 
ATOM   801  C CB  . MET A 1 105 ? 1.357   -0.630  14.208  1.00 9.37  ? 104  MET A CB  1 
ATOM   802  C CG  . MET A 1 105 ? 0.402   -0.613  13.018  1.00 8.17  ? 104  MET A CG  1 
ATOM   803  S SD  . MET A 1 105 ? 0.853   0.651   11.794  1.00 14.13 ? 104  MET A SD  1 
ATOM   804  C CE  . MET A 1 105 ? 0.328   2.128   12.662  1.00 12.40 ? 104  MET A CE  1 
ATOM   805  N N   . ASN A 1 106 ? -0.076  -3.478  14.086  1.00 10.84 ? 105  ASN A N   1 
ATOM   806  C CA  . ASN A 1 106 ? -0.245  -4.707  13.317  1.00 10.65 ? 105  ASN A CA  1 
ATOM   807  C C   . ASN A 1 106 ? -0.916  -4.227  12.031  1.00 7.07  ? 105  ASN A C   1 
ATOM   808  O O   . ASN A 1 106 ? -1.957  -3.568  12.077  1.00 5.91  ? 105  ASN A O   1 
ATOM   809  C CB  . ASN A 1 106 ? -1.188  -5.703  14.002  1.00 10.79 ? 105  ASN A CB  1 
ATOM   810  C CG  . ASN A 1 106 ? -0.616  -6.262  15.276  1.00 13.33 ? 105  ASN A CG  1 
ATOM   811  O OD1 . ASN A 1 106 ? 0.573   -6.550  15.359  1.00 11.50 ? 105  ASN A OD1 1 
ATOM   812  N ND2 . ASN A 1 106 ? -1.465  -6.433  16.277  1.00 12.48 ? 105  ASN A ND2 1 
ATOM   813  N N   . GLY A 1 107 ? -0.311  -4.517  10.892  1.00 8.14  ? 106  GLY A N   1 
ATOM   814  C CA  . GLY A 1 107 ? -0.903  -4.097  9.639   1.00 8.00  ? 106  GLY A CA  1 
ATOM   815  C C   . GLY A 1 107 ? -0.199  -2.940  8.971   1.00 13.84 ? 106  GLY A C   1 
ATOM   816  O O   . GLY A 1 107 ? 0.804   -2.421  9.459   1.00 13.08 ? 106  GLY A O   1 
ATOM   817  N N   . ASN A 1 108 ? -0.741  -2.552  7.829   1.00 15.72 ? 107  ASN A N   1 
ATOM   818  C CA  . ASN A 1 108 ? -0.204  -1.474  7.024   1.00 16.38 ? 107  ASN A CA  1 
ATOM   819  C C   . ASN A 1 108 ? -0.533  -0.146  7.648   1.00 9.79  ? 107  ASN A C   1 
ATOM   820  O O   . ASN A 1 108 ? -1.684  0.112   7.996   1.00 13.94 ? 107  ASN A O   1 
ATOM   821  C CB  . ASN A 1 108 ? -0.795  -1.540  5.619   1.00 15.78 ? 107  ASN A CB  1 
ATOM   822  C CG  . ASN A 1 108 ? -0.108  -2.569  4.754   1.00 34.25 ? 107  ASN A CG  1 
ATOM   823  O OD1 . ASN A 1 108 ? 0.961   -2.298  4.201   1.00 47.05 ? 107  ASN A OD1 1 
ATOM   824  N ND2 . ASN A 1 108 ? -0.764  -3.717  4.579   1.00 33.28 ? 107  ASN A ND2 1 
ATOM   825  N N   . LYS A 1 109 ? 0.477   0.712   7.755   1.00 9.05  ? 108  LYS A N   1 
ATOM   826  C CA  . LYS A 1 109 ? 0.304   2.021   8.350   1.00 11.19 ? 108  LYS A CA  1 
ATOM   827  C C   . LYS A 1 109 ? -0.500  3.008   7.505   1.00 9.46  ? 108  LYS A C   1 
ATOM   828  O O   . LYS A 1 109 ? -1.021  3.989   8.038   1.00 10.12 ? 108  LYS A O   1 
ATOM   829  C CB  . LYS A 1 109 ? 1.659   2.626   8.710   1.00 14.70 ? 108  LYS A CB  1 
ATOM   830  C CG  . LYS A 1 109 ? 2.573   2.856   7.524   1.00 15.49 ? 108  LYS A CG  1 
ATOM   831  C CD  . LYS A 1 109 ? 3.775   3.686   7.930   1.00 24.74 ? 108  LYS A CD  1 
ATOM   832  C CE  . LYS A 1 109 ? 4.750   3.839   6.776   1.00 28.06 ? 108  LYS A CE  1 
ATOM   833  N NZ  . LYS A 1 109 ? 5.831   4.810   7.118   1.00 47.82 ? 108  LYS A NZ  1 
ATOM   834  N N   . SER A 1 110 ? -0.607  2.753   6.203   1.00 12.57 ? 109  SER A N   1 
ATOM   835  C CA  . SER A 1 110 ? -1.345  3.657   5.318   1.00 12.11 ? 109  SER A CA  1 
ATOM   836  C C   . SER A 1 110 ? -2.511  3.001   4.597   1.00 8.48  ? 109  SER A C   1 
ATOM   837  O O   . SER A 1 110 ? -2.430  1.834   4.203   1.00 8.38  ? 109  SER A O   1 
ATOM   838  C CB  . SER A 1 110 ? -0.413  4.252   4.267   1.00 8.09  ? 109  SER A CB  1 
ATOM   839  O OG  . SER A 1 110 ? 0.651   4.972   4.863   1.00 12.44 ? 109  SER A OG  1 
ATOM   840  N N   . VAL A 1 111 ? -3.586  3.767   4.425   1.00 9.30  ? 110  VAL A N   1 
ATOM   841  C CA  . VAL A 1 111 ? -4.779  3.323   3.711   1.00 8.38  ? 110  VAL A CA  1 
ATOM   842  C C   . VAL A 1 111 ? -5.157  4.414   2.709   1.00 7.21  ? 110  VAL A C   1 
ATOM   843  O O   . VAL A 1 111 ? -4.784  5.582   2.877   1.00 6.53  ? 110  VAL A O   1 
ATOM   844  C CB  . VAL A 1 111 ? -5.974  3.030   4.649   1.00 6.39  ? 110  VAL A CB  1 
ATOM   845  C CG1 . VAL A 1 111 ? -5.749  1.709   5.376   1.00 14.26 ? 110  VAL A CG1 1 
ATOM   846  C CG2 . VAL A 1 111 ? -6.176  4.174   5.632   1.00 10.43 ? 110  VAL A CG2 1 
ATOM   847  N N   . TRP A 1 112 ? -5.872  4.014   1.663   1.00 11.38 ? 111  TRP A N   1 
ATOM   848  C CA  . TRP A 1 112 ? -6.279  4.917   0.585   1.00 10.21 ? 111  TRP A CA  1 
ATOM   849  C C   . TRP A 1 112 ? -7.788  5.011   0.448   1.00 10.39 ? 111  TRP A C   1 
ATOM   850  O O   . TRP A 1 112 ? -8.512  4.054   0.729   1.00 9.51  ? 111  TRP A O   1 
ATOM   851  C CB  . TRP A 1 112 ? -5.714  4.432   -0.759  1.00 6.95  ? 111  TRP A CB  1 
ATOM   852  C CG  . TRP A 1 112 ? -4.266  4.728   -0.957  1.00 8.61  ? 111  TRP A CG  1 
ATOM   853  C CD1 . TRP A 1 112 ? -3.733  5.740   -1.707  1.00 7.24  ? 111  TRP A CD1 1 
ATOM   854  C CD2 . TRP A 1 112 ? -3.164  4.062   -0.335  1.00 6.29  ? 111  TRP A CD2 1 
ATOM   855  N NE1 . TRP A 1 112 ? -2.365  5.754   -1.573  1.00 7.03  ? 111  TRP A NE1 1 
ATOM   856  C CE2 . TRP A 1 112 ? -1.990  4.738   -0.736  1.00 6.21  ? 111  TRP A CE2 1 
ATOM   857  C CE3 . TRP A 1 112 ? -3.056  2.966   0.530   1.00 7.67  ? 111  TRP A CE3 1 
ATOM   858  C CZ2 . TRP A 1 112 ? -0.718  4.356   -0.295  1.00 6.97  ? 111  TRP A CZ2 1 
ATOM   859  C CZ3 . TRP A 1 112 ? -1.792  2.585   0.971   1.00 9.35  ? 111  TRP A CZ3 1 
ATOM   860  C CH2 . TRP A 1 112 ? -0.641  3.281   0.557   1.00 11.76 ? 111  TRP A CH2 1 
ATOM   861  N N   . CYS A 1 113 ? -8.247  6.181   0.028   1.00 8.18  ? 112  CYS A N   1 
ATOM   862  C CA  . CYS A 1 113 ? -9.661  6.416   -0.195  1.00 10.91 ? 112  CYS A CA  1 
ATOM   863  C C   . CYS A 1 113 ? -9.998  5.825   -1.570  1.00 9.46  ? 112  CYS A C   1 
ATOM   864  O O   . CYS A 1 113 ? -9.491  6.289   -2.596  1.00 12.43 ? 112  CYS A O   1 
ATOM   865  C CB  . CYS A 1 113 ? -9.952  7.911   -0.171  1.00 8.08  ? 112  CYS A CB  1 
ATOM   866  S SG  . CYS A 1 113 ? -11.728 8.250   -0.345  1.00 14.69 ? 112  CYS A SG  1 
ATOM   867  N N   . GLN A 1 114 ? -10.818 4.779   -1.581  1.00 9.97  ? 113  GLN A N   1 
ATOM   868  C CA  . GLN A 1 114 ? -11.195 4.098   -2.819  1.00 12.11 ? 113  GLN A CA  1 
ATOM   869  C C   . GLN A 1 114 ? -12.421 4.714   -3.502  1.00 12.35 ? 113  GLN A C   1 
ATOM   870  O O   . GLN A 1 114 ? -13.144 5.507   -2.905  1.00 11.26 ? 113  GLN A O   1 
ATOM   871  C CB  . GLN A 1 114 ? -11.442 2.613   -2.532  1.00 10.85 ? 113  GLN A CB  1 
ATOM   872  C CG  . GLN A 1 114 ? -10.252 1.909   -1.887  1.00 10.25 ? 113  GLN A CG  1 
ATOM   873  C CD  . GLN A 1 114 ? -10.576 0.501   -1.463  1.00 13.21 ? 113  GLN A CD  1 
ATOM   874  O OE1 . GLN A 1 114 ? -11.638 0.237   -0.901  1.00 21.45 ? 113  GLN A OE1 1 
ATOM   875  N NE2 . GLN A 1 114 ? -9.667  -0.415  -1.725  1.00 12.15 ? 113  GLN A NE2 1 
ATOM   876  N N   . ALA A 1 115 ? -12.662 4.329   -4.753  1.00 13.14 ? 114  ALA A N   1 
ATOM   877  C CA  . ALA A 1 115 ? -13.810 4.841   -5.503  1.00 12.03 ? 114  ALA A CA  1 
ATOM   878  C C   . ALA A 1 115 ? -15.139 4.456   -4.843  1.00 12.91 ? 114  ALA A C   1 
ATOM   879  O O   . ALA A 1 115 ? -16.137 5.162   -4.978  1.00 16.46 ? 114  ALA A O   1 
ATOM   880  C CB  . ALA A 1 115 ? -13.769 4.325   -6.926  1.00 12.27 ? 114  ALA A CB  1 
ATOM   881  N N   . ASN A 1 116 ? -15.150 3.335   -4.129  1.00 11.27 ? 115  ASN A N   1 
ATOM   882  C CA  . ASN A 1 116 ? -16.362 2.876   -3.450  1.00 13.22 ? 115  ASN A CA  1 
ATOM   883  C C   . ASN A 1 116 ? -16.580 3.603   -2.119  1.00 11.62 ? 115  ASN A C   1 
ATOM   884  O O   . ASN A 1 116 ? -17.388 3.178   -1.294  1.00 14.69 ? 115  ASN A O   1 
ATOM   885  C CB  . ASN A 1 116 ? -16.340 1.352   -3.239  1.00 7.69  ? 115  ASN A CB  1 
ATOM   886  C CG  . ASN A 1 116 ? -15.257 0.902   -2.259  1.00 14.77 ? 115  ASN A CG  1 
ATOM   887  O OD1 . ASN A 1 116 ? -14.454 1.705   -1.779  1.00 12.04 ? 115  ASN A OD1 1 
ATOM   888  N ND2 . ASN A 1 116 ? -15.231 -0.390  -1.965  1.00 18.08 ? 115  ASN A ND2 1 
ATOM   889  N N   . ASN A 1 117 ? -15.832 4.680   -1.910  1.00 7.90  ? 116  ASN A N   1 
ATOM   890  C CA  . ASN A 1 117 ? -15.945 5.501   -0.711  1.00 11.27 ? 116  ASN A CA  1 
ATOM   891  C C   . ASN A 1 117 ? -15.573 4.807   0.594   1.00 18.01 ? 116  ASN A C   1 
ATOM   892  O O   . ASN A 1 117 ? -16.089 5.142   1.666   1.00 15.18 ? 116  ASN A O   1 
ATOM   893  C CB  . ASN A 1 117 ? -17.350 6.101   -0.619  1.00 16.62 ? 116  ASN A CB  1 
ATOM   894  C CG  . ASN A 1 117 ? -17.714 6.903   -1.856  1.00 19.66 ? 116  ASN A CG  1 
ATOM   895  O OD1 . ASN A 1 117 ? -17.216 8.006   -2.050  1.00 18.54 ? 116  ASN A OD1 1 
ATOM   896  N ND2 . ASN A 1 117 ? -18.554 6.334   -2.714  1.00 17.19 ? 116  ASN A ND2 1 
ATOM   897  N N   . MET A 1 118 ? -14.668 3.844   0.507   1.00 9.22  ? 117  MET A N   1 
ATOM   898  C CA  . MET A 1 118 ? -14.206 3.122   1.679   1.00 16.10 ? 117  MET A CA  1 
ATOM   899  C C   . MET A 1 118 ? -12.695 3.132   1.680   1.00 19.54 ? 117  MET A C   1 
ATOM   900  O O   . MET A 1 118 ? -12.072 3.312   0.635   1.00 12.47 ? 117  MET A O   1 
ATOM   901  C CB  . MET A 1 118 ? -14.696 1.675   1.651   1.00 19.09 ? 117  MET A CB  1 
ATOM   902  C CG  . MET A 1 118 ? -16.111 1.489   2.163   1.00 32.82 ? 117  MET A CG  1 
ATOM   903  S SD  . MET A 1 118 ? -16.570 -0.246  2.137   1.00 45.54 ? 117  MET A SD  1 
ATOM   904  C CE  . MET A 1 118 ? -15.512 -0.910  3.465   1.00 44.35 ? 117  MET A CE  1 
ATOM   905  N N   . TRP A 1 119 ? -12.110 2.980   2.863   1.00 15.30 ? 118  TRP A N   1 
ATOM   906  C CA  . TRP A 1 119 ? -10.660 2.936   3.007   1.00 11.21 ? 118  TRP A CA  1 
ATOM   907  C C   . TRP A 1 119 ? -10.166 1.531   2.643   1.00 8.21  ? 118  TRP A C   1 
ATOM   908  O O   . TRP A 1 119 ? -10.808 0.528   2.971   1.00 10.34 ? 118  TRP A O   1 
ATOM   909  C CB  . TRP A 1 119 ? -10.266 3.293   4.446   1.00 7.09  ? 118  TRP A CB  1 
ATOM   910  C CG  . TRP A 1 119 ? -10.512 4.724   4.764   1.00 8.84  ? 118  TRP A CG  1 
ATOM   911  C CD1 . TRP A 1 119 ? -11.559 5.242   5.479   1.00 9.74  ? 118  TRP A CD1 1 
ATOM   912  C CD2 . TRP A 1 119 ? -9.733  5.845   4.325   1.00 11.66 ? 118  TRP A CD2 1 
ATOM   913  N NE1 . TRP A 1 119 ? -11.484 6.609   5.500   1.00 10.13 ? 118  TRP A NE1 1 
ATOM   914  C CE2 . TRP A 1 119 ? -10.375 7.010   4.802   1.00 10.58 ? 118  TRP A CE2 1 
ATOM   915  C CE3 . TRP A 1 119 ? -8.559  5.980   3.571   1.00 10.72 ? 118  TRP A CE3 1 
ATOM   916  C CZ2 . TRP A 1 119 ? -9.882  8.299   4.547   1.00 7.42  ? 118  TRP A CZ2 1 
ATOM   917  C CZ3 . TRP A 1 119 ? -8.066  7.268   3.317   1.00 9.34  ? 118  TRP A CZ3 1 
ATOM   918  C CH2 . TRP A 1 119 ? -8.730  8.406   3.805   1.00 6.73  ? 118  TRP A CH2 1 
ATOM   919  N N   . GLY A 1 120 ? -9.045  1.461   1.936   1.00 6.84  ? 119  GLY A N   1 
ATOM   920  C CA  . GLY A 1 120 ? -8.501  0.173   1.544   1.00 6.97  ? 119  GLY A CA  1 
ATOM   921  C C   . GLY A 1 120 ? -7.090  0.316   0.993   1.00 7.18  ? 119  GLY A C   1 
ATOM   922  O O   . GLY A 1 120 ? -6.491  1.382   1.134   1.00 9.14  ? 119  GLY A O   1 
ATOM   923  N N   . PRO A 1 121 ? -6.552  -0.711  0.313   1.00 8.68  ? 120  PRO A N   1 
ATOM   924  C CA  . PRO A 1 121 ? -7.211  -1.995  0.037   1.00 10.72 ? 120  PRO A CA  1 
ATOM   925  C C   . PRO A 1 121 ? -7.217  -2.976  1.220   1.00 12.84 ? 120  PRO A C   1 
ATOM   926  O O   . PRO A 1 121 ? -7.835  -4.041  1.153   1.00 12.11 ? 120  PRO A O   1 
ATOM   927  C CB  . PRO A 1 121 ? -6.395  -2.540  -1.133  1.00 13.79 ? 120  PRO A CB  1 
ATOM   928  C CG  . PRO A 1 121 ? -5.001  -2.094  -0.786  1.00 13.20 ? 120  PRO A CG  1 
ATOM   929  C CD  . PRO A 1 121 ? -5.211  -0.660  -0.312  1.00 8.92  ? 120  PRO A CD  1 
ATOM   930  N N   . THR A 1 122 ? -6.523  -2.617  2.295   1.00 11.73 ? 121  THR A N   1 
ATOM   931  C CA  . THR A 1 122 ? -6.450  -3.471  3.476   1.00 8.94  ? 121  THR A CA  1 
ATOM   932  C C   . THR A 1 122 ? -7.314  -2.906  4.593   1.00 9.72  ? 121  THR A C   1 
ATOM   933  O O   . THR A 1 122 ? -7.835  -1.795  4.494   1.00 10.27 ? 121  THR A O   1 
ATOM   934  C CB  . THR A 1 122 ? -5.011  -3.529  4.023   1.00 8.42  ? 121  THR A CB  1 
ATOM   935  O OG1 . THR A 1 122 ? -4.601  -2.215  4.443   1.00 11.12 ? 121  THR A OG1 1 
ATOM   936  C CG2 . THR A 1 122 ? -4.047  -4.043  2.963   1.00 8.24  ? 121  THR A CG2 1 
ATOM   937  N N   . ARG A 1 123 ? -7.444  -3.673  5.666   1.00 9.82  ? 122  ARG A N   1 
ATOM   938  C CA  . ARG A 1 123 ? -8.169  -3.216  6.842   1.00 10.21 ? 122  ARG A CA  1 
ATOM   939  C C   . ARG A 1 123 ? -7.294  -2.118  7.456   1.00 7.62  ? 122  ARG A C   1 
ATOM   940  O O   . ARG A 1 123 ? -6.093  -2.044  7.154   1.00 10.13 ? 122  ARG A O   1 
ATOM   941  C CB  . ARG A 1 123 ? -8.285  -4.361  7.850   1.00 6.21  ? 122  ARG A CB  1 
ATOM   942  C CG  . ARG A 1 123 ? -9.176  -5.484  7.396   1.00 8.89  ? 122  ARG A CG  1 
ATOM   943  C CD  . ARG A 1 123 ? -9.238  -6.570  8.431   1.00 12.04 ? 122  ARG A CD  1 
ATOM   944  N NE  . ARG A 1 123 ? -10.467 -7.343  8.308   1.00 16.81 ? 122  ARG A NE  1 
ATOM   945  C CZ  . ARG A 1 123 ? -10.513 -8.619  7.947   1.00 21.17 ? 122  ARG A CZ  1 
ATOM   946  N NH1 . ARG A 1 123 ? -9.398  -9.269  7.661   1.00 22.46 ? 122  ARG A NH1 1 
ATOM   947  N NH2 . ARG A 1 123 ? -11.673 -9.258  7.931   1.00 23.63 ? 122  ARG A NH2 1 
ATOM   948  N N   . LEU A 1 124 ? -7.883  -1.243  8.266   1.00 5.35  ? 123  LEU A N   1 
ATOM   949  C CA  . LEU A 1 124 ? -7.106  -0.206  8.944   1.00 5.60  ? 123  LEU A CA  1 
ATOM   950  C C   . LEU A 1 124 ? -6.186  -0.956  9.929   1.00 7.82  ? 123  LEU A C   1 
ATOM   951  O O   . LEU A 1 124 ? -6.531  -2.039  10.412  1.00 9.96  ? 123  LEU A O   1 
ATOM   952  C CB  . LEU A 1 124 ? -8.017  0.753   9.727   1.00 7.77  ? 123  LEU A CB  1 
ATOM   953  C CG  . LEU A 1 124 ? -9.107  1.561   9.011   1.00 9.22  ? 123  LEU A CG  1 
ATOM   954  C CD1 . LEU A 1 124 ? -9.625  2.637   9.958   1.00 12.32 ? 123  LEU A CD1 1 
ATOM   955  C CD2 . LEU A 1 124 ? -8.572  2.201   7.758   1.00 20.61 ? 123  LEU A CD2 1 
ATOM   956  N N   . PRO A 1 125 ? -5.003  -0.401  10.222  1.00 9.30  ? 124  PRO A N   1 
ATOM   957  C CA  . PRO A 1 125 ? -4.089  -1.078  11.153  1.00 9.28  ? 124  PRO A CA  1 
ATOM   958  C C   . PRO A 1 125 ? -4.624  -1.125  12.594  1.00 8.78  ? 124  PRO A C   1 
ATOM   959  O O   . PRO A 1 125 ? -5.520  -0.362  12.958  1.00 5.65  ? 124  PRO A O   1 
ATOM   960  C CB  . PRO A 1 125 ? -2.825  -0.219  11.060  1.00 11.95 ? 124  PRO A CB  1 
ATOM   961  C CG  . PRO A 1 125 ? -3.379  1.164   10.815  1.00 12.92 ? 124  PRO A CG  1 
ATOM   962  C CD  . PRO A 1 125 ? -4.449  0.892   9.774   1.00 5.16  ? 124  PRO A CD  1 
ATOM   963  N N   . THR A 1 126 ? -4.098  -2.052  13.391  1.00 10.13 ? 125  THR A N   1 
ATOM   964  C CA  . THR A 1 126 ? -4.497  -2.158  14.793  1.00 13.49 ? 125  THR A CA  1 
ATOM   965  C C   . THR A 1 126 ? -3.308  -1.754  15.661  1.00 11.77 ? 125  THR A C   1 
ATOM   966  O O   . THR A 1 126 ? -2.175  -2.154  15.381  1.00 12.85 ? 125  THR A O   1 
ATOM   967  C CB  . THR A 1 126 ? -4.900  -3.601  15.198  1.00 7.45  ? 125  THR A CB  1 
ATOM   968  O OG1 . THR A 1 126 ? -5.927  -4.084  14.319  1.00 9.98  ? 125  THR A OG1 1 
ATOM   969  C CG2 . THR A 1 126 ? -5.413  -3.634  16.670  1.00 6.50  ? 125  THR A CG2 1 
ATOM   970  N N   . CYS A 1 127 ? -3.557  -0.909  16.656  1.00 8.41  ? 126  CYS A N   1 
ATOM   971  C CA  . CYS A 1 127 ? -2.514  -0.498  17.595  1.00 7.43  ? 126  CYS A CA  1 
ATOM   972  C C   . CYS A 1 127 ? -2.845  -1.204  18.906  1.00 11.30 ? 126  CYS A C   1 
ATOM   973  O O   . CYS A 1 127 ? -3.939  -1.041  19.439  1.00 11.04 ? 126  CYS A O   1 
ATOM   974  C CB  . CYS A 1 127 ? -2.512  1.018   17.774  1.00 10.79 ? 126  CYS A CB  1 
ATOM   975  S SG  . CYS A 1 127 ? -1.782  1.924   16.368  1.00 10.97 ? 126  CYS A SG  1 
ATOM   976  N N   . VAL A 1 128 ? -1.929  -2.042  19.389  1.00 11.92 ? 127  VAL A N   1 
ATOM   977  C CA  . VAL A 1 128 ? -2.155  -2.804  20.617  1.00 13.23 ? 127  VAL A CA  1 
ATOM   978  C C   . VAL A 1 128 ? -1.215  -2.381  21.745  1.00 10.76 ? 127  VAL A C   1 
ATOM   979  O O   . VAL A 1 128 ? -0.012  -2.235  21.536  1.00 9.91  ? 127  VAL A O   1 
ATOM   980  C CB  . VAL A 1 128 ? -1.977  -4.335  20.361  1.00 10.47 ? 127  VAL A CB  1 
ATOM   981  C CG1 . VAL A 1 128 ? -2.363  -5.145  21.605  1.00 10.06 ? 127  VAL A CG1 1 
ATOM   982  C CG2 . VAL A 1 128 ? -2.816  -4.779  19.160  1.00 12.13 ? 127  VAL A CG2 1 
ATOM   983  N N   . SER A 1 129 ? -1.780  -2.171  22.930  1.00 14.86 ? 128  SER A N   1 
ATOM   984  C CA  . SER A 1 129 ? -1.007  -1.782  24.113  1.00 13.82 ? 128  SER A CA  1 
ATOM   985  C C   . SER A 1 129 ? -0.048  -2.917  24.484  1.00 16.40 ? 128  SER A C   1 
ATOM   986  O O   . SER A 1 129 ? -0.466  -4.080  24.581  1.00 16.47 ? 128  SER A O   1 
ATOM   987  C CB  . SER A 1 129 ? -1.962  -1.505  25.277  1.00 17.77 ? 128  SER A CB  1 
ATOM   988  O OG  . SER A 1 129 ? -1.267  -1.100  26.439  1.00 20.43 ? 128  SER A OG  1 
ATOM   989  N N   . ILE A 1 130 ? 1.235   -2.590  24.649  1.00 16.86 ? 129  ILE A N   1 
ATOM   990  C CA  . ILE A 1 130 ? 2.248   -3.596  25.005  1.00 28.10 ? 129  ILE A CA  1 
ATOM   991  C C   . ILE A 1 130 ? 2.882   -3.364  26.374  1.00 25.22 ? 129  ILE A C   1 
ATOM   992  O O   . ILE A 1 130 ? 2.551   -2.404  27.067  1.00 30.17 ? 129  ILE A O   1 
ATOM   993  C CB  . ILE A 1 130 ? 3.376   -3.700  23.945  1.00 27.86 ? 129  ILE A CB  1 
ATOM   994  C CG1 . ILE A 1 130 ? 3.922   -2.306  23.605  1.00 36.95 ? 129  ILE A CG1 1 
ATOM   995  C CG2 . ILE A 1 130 ? 2.879   -4.463  22.715  1.00 26.69 ? 129  ILE A CG2 1 
ATOM   996  C CD1 . ILE A 1 130 ? 4.978   -2.287  22.509  1.00 39.46 ? 129  ILE A CD1 1 
HETATM 997  C C1  . NAG B 2 .   ? 5.134   0.329   27.191  1.00 45.67 ? 1001 NAG A C1  1 
HETATM 998  C C2  . NAG B 2 .   ? 6.398   -0.446  26.799  1.00 48.64 ? 1001 NAG A C2  1 
HETATM 999  C C3  . NAG B 2 .   ? 6.236   -1.903  27.248  1.00 53.47 ? 1001 NAG A C3  1 
HETATM 1000 C C4  . NAG B 2 .   ? 5.895   -1.980  28.742  1.00 55.32 ? 1001 NAG A C4  1 
HETATM 1001 C C5  . NAG B 2 .   ? 4.729   -1.045  29.114  1.00 53.50 ? 1001 NAG A C5  1 
HETATM 1002 C C6  . NAG B 2 .   ? 4.550   -0.920  30.620  1.00 51.46 ? 1001 NAG A C6  1 
HETATM 1003 C C7  . NAG B 2 .   ? 7.706   0.170   24.849  1.00 52.44 ? 1001 NAG A C7  1 
HETATM 1004 C C8  . NAG B 2 .   ? 7.820   0.161   23.328  1.00 50.88 ? 1001 NAG A C8  1 
HETATM 1005 N N2  . NAG B 2 .   ? 6.612   -0.394  25.361  1.00 51.26 ? 1001 NAG A N2  1 
HETATM 1006 O O3  . NAG B 2 .   ? 7.432   -2.632  26.992  1.00 55.58 ? 1001 NAG A O3  1 
HETATM 1007 O O4  . NAG B 2 .   ? 5.544   -3.320  29.069  1.00 61.03 ? 1001 NAG A O4  1 
HETATM 1008 O O5  . NAG B 2 .   ? 4.961   0.290   28.613  1.00 50.39 ? 1001 NAG A O5  1 
HETATM 1009 O O6  . NAG B 2 .   ? 5.684   -0.305  31.221  1.00 46.60 ? 1001 NAG A O6  1 
HETATM 1010 O O7  . NAG B 2 .   ? 8.587   0.688   25.548  1.00 49.14 ? 1001 NAG A O7  1 
HETATM 1011 C C1  . NAG C 2 .   ? -0.186  -5.020  4.890   1.00 36.34 ? 1002 NAG A C1  1 
HETATM 1012 C C2  . NAG C 2 .   ? 0.581   -5.591  3.689   1.00 36.19 ? 1002 NAG A C2  1 
HETATM 1013 C C3  . NAG C 2 .   ? 1.067   -7.005  4.034   1.00 40.59 ? 1002 NAG A C3  1 
HETATM 1014 C C4  . NAG C 2 .   ? 1.900   -6.960  5.312   1.00 41.58 ? 1002 NAG A C4  1 
HETATM 1015 C C5  . NAG C 2 .   ? 1.057   -6.350  6.444   1.00 42.47 ? 1002 NAG A C5  1 
HETATM 1016 C C6  . NAG C 2 .   ? 1.789   -6.261  7.779   1.00 39.46 ? 1002 NAG A C6  1 
HETATM 1017 C C7  . NAG C 2 .   ? -0.384  -4.614  1.694   1.00 36.83 ? 1002 NAG A C7  1 
HETATM 1018 C C8  . NAG C 2 .   ? -1.339  -4.764  0.520   1.00 29.66 ? 1002 NAG A C8  1 
HETATM 1019 N N2  . NAG C 2 .   ? -0.299  -5.643  2.534   1.00 38.29 ? 1002 NAG A N2  1 
HETATM 1020 O O3  . NAG C 2 .   ? 1.845   -7.543  2.973   1.00 39.28 ? 1002 NAG A O3  1 
HETATM 1021 O O4  . NAG C 2 .   ? 2.320   -8.276  5.651   1.00 35.79 ? 1002 NAG A O4  1 
HETATM 1022 O O5  . NAG C 2 .   ? 0.632   -5.011  6.074   1.00 41.36 ? 1002 NAG A O5  1 
HETATM 1023 O O6  . NAG C 2 .   ? 2.867   -5.338  7.722   1.00 39.19 ? 1002 NAG A O6  1 
HETATM 1024 O O7  . NAG C 2 .   ? 0.281   -3.587  1.830   1.00 38.01 ? 1002 NAG A O7  1 
HETATM 1025 O O   . HOH D 3 .   ? 14.397  -11.079 3.081   1.00 21.90 ? 1003 HOH A O   1 
HETATM 1026 O O   . HOH D 3 .   ? 3.657   -12.202 -5.961  1.00 26.91 ? 1004 HOH A O   1 
HETATM 1027 O O   . HOH D 3 .   ? 18.275  -13.525 2.556   1.00 21.97 ? 1005 HOH A O   1 
HETATM 1028 O O   . HOH D 3 .   ? 18.584  -14.972 0.272   1.00 24.45 ? 1006 HOH A O   1 
HETATM 1029 O O   . HOH D 3 .   ? 20.141  -13.356 -1.294  1.00 26.49 ? 1007 HOH A O   1 
HETATM 1030 O O   . HOH D 3 .   ? 5.712   -13.614 -4.803  1.00 15.19 ? 1008 HOH A O   1 
HETATM 1031 O O   . HOH D 3 .   ? 5.225   -8.411  -14.235 1.00 31.55 ? 1009 HOH A O   1 
HETATM 1032 O O   . HOH D 3 .   ? -2.529  -4.906  -9.640  1.00 14.21 ? 1010 HOH A O   1 
HETATM 1033 O O   . HOH D 3 .   ? -0.225  4.026   -17.765 1.00 48.32 ? 1011 HOH A O   1 
HETATM 1034 O O   . HOH D 3 .   ? -5.153  -1.756  -11.790 1.00 12.96 ? 1012 HOH A O   1 
HETATM 1035 O O   . HOH D 3 .   ? -4.493  -4.256  -11.353 1.00 10.82 ? 1013 HOH A O   1 
HETATM 1036 O O   . HOH D 3 .   ? 8.243   2.391   -15.853 1.00 6.45  ? 1014 HOH A O   1 
HETATM 1037 O O   . HOH D 3 .   ? 16.170  -4.626  -10.407 1.00 30.12 ? 1015 HOH A O   1 
HETATM 1038 O O   . HOH D 3 .   ? 14.548  -2.563  -9.491  1.00 6.25  ? 1016 HOH A O   1 
HETATM 1039 O O   . HOH D 3 .   ? -1.670  7.710   -8.957  1.00 22.38 ? 1017 HOH A O   1 
HETATM 1040 O O   . HOH D 3 .   ? 0.939   6.955   -9.727  1.00 19.30 ? 1018 HOH A O   1 
HETATM 1041 O O   . HOH D 3 .   ? 3.272   6.005   -8.246  1.00 20.18 ? 1019 HOH A O   1 
HETATM 1042 O O   . HOH D 3 .   ? -2.067  8.753   -11.428 1.00 25.11 ? 1020 HOH A O   1 
HETATM 1043 O O   . HOH D 3 .   ? -3.223  7.682   -5.121  1.00 16.22 ? 1021 HOH A O   1 
HETATM 1044 O O   . HOH D 3 .   ? 0.727   -2.692  -2.293  1.00 11.22 ? 1022 HOH A O   1 
HETATM 1045 O O   . HOH D 3 .   ? -1.819  -2.730  -1.463  1.00 18.25 ? 1023 HOH A O   1 
HETATM 1046 O O   . HOH D 3 .   ? -1.399  -1.157  0.718   1.00 14.00 ? 1024 HOH A O   1 
HETATM 1047 O O   . HOH D 3 .   ? -3.170  -0.457  2.919   1.00 12.56 ? 1025 HOH A O   1 
HETATM 1048 O O   . HOH D 3 .   ? -3.331  -4.061  -3.179  1.00 14.66 ? 1026 HOH A O   1 
HETATM 1049 O O   . HOH D 3 .   ? 3.097   -11.297 -1.912  1.00 24.70 ? 1027 HOH A O   1 
HETATM 1050 O O   . HOH D 3 .   ? 2.340   -10.392 -4.241  1.00 15.61 ? 1028 HOH A O   1 
HETATM 1051 O O   . HOH D 3 .   ? -0.866  -8.851  -6.325  1.00 12.54 ? 1029 HOH A O   1 
HETATM 1052 O O   . HOH D 3 .   ? -4.890  -2.038  -4.137  1.00 23.46 ? 1030 HOH A O   1 
HETATM 1053 O O   . HOH D 3 .   ? -3.302  -9.595  -5.267  1.00 15.76 ? 1031 HOH A O   1 
HETATM 1054 O O   . HOH D 3 .   ? -5.473  -8.084  -6.672  1.00 39.73 ? 1032 HOH A O   1 
HETATM 1055 O O   . HOH D 3 .   ? -3.036  -7.192  -6.624  1.00 35.97 ? 1033 HOH A O   1 
HETATM 1056 O O   . HOH D 3 .   ? -13.534 3.877   -10.389 1.00 16.54 ? 1034 HOH A O   1 
HETATM 1057 O O   . HOH D 3 .   ? -16.326 4.818   -9.878  1.00 16.63 ? 1035 HOH A O   1 
HETATM 1058 O O   . HOH D 3 .   ? -15.765 7.698   -12.647 1.00 35.22 ? 1036 HOH A O   1 
HETATM 1059 O O   . HOH D 3 .   ? -12.904 12.062  -5.365  1.00 7.39  ? 1037 HOH A O   1 
HETATM 1060 O O   . HOH D 3 .   ? -13.604 13.506  3.370   1.00 20.20 ? 1038 HOH A O   1 
HETATM 1061 O O   . HOH D 3 .   ? -14.121 2.605   5.288   1.00 11.93 ? 1039 HOH A O   1 
HETATM 1062 O O   . HOH D 3 .   ? -2.781  -4.245  6.125   1.00 46.91 ? 1040 HOH A O   1 
HETATM 1063 O O   . HOH D 3 .   ? -3.601  -2.681  8.069   1.00 16.08 ? 1041 HOH A O   1 
HETATM 1064 O O   . HOH D 3 .   ? -6.252  -6.779  5.470   1.00 5.97  ? 1042 HOH A O   1 
HETATM 1065 O O   . HOH D 3 .   ? -9.871  0.969   13.461  1.00 14.13 ? 1043 HOH A O   1 
HETATM 1066 O O   . HOH D 3 .   ? -7.606  -0.086  14.649  1.00 7.43  ? 1044 HOH A O   1 
HETATM 1067 O O   . HOH D 3 .   ? -6.335  -0.231  16.964  1.00 8.09  ? 1045 HOH A O   1 
HETATM 1068 O O   . HOH D 3 .   ? -7.698  10.105  12.144  1.00 27.69 ? 1046 HOH A O   1 
HETATM 1069 O O   . HOH D 3 .   ? -6.212  9.971   14.557  1.00 23.40 ? 1047 HOH A O   1 
HETATM 1070 O O   . HOH D 3 .   ? -6.901  7.284   15.447  1.00 16.12 ? 1048 HOH A O   1 
HETATM 1071 O O   . HOH D 3 .   ? 3.448   -3.063  6.857   1.00 33.03 ? 1049 HOH A O   1 
HETATM 1072 O O   . HOH D 3 .   ? 0.392   0.667   4.261   1.00 15.61 ? 1050 HOH A O   1 
HETATM 1073 O O   . HOH D 3 .   ? 3.094   -0.495  7.527   1.00 17.68 ? 1051 HOH A O   1 
HETATM 1074 O O   . HOH D 3 .   ? -1.205  -9.602  4.744   1.00 59.55 ? 1052 HOH A O   1 
HETATM 1075 O O   . HOH D 3 .   ? 2.078   -6.053  11.010  1.00 22.05 ? 1053 HOH A O   1 
HETATM 1076 O O   . HOH D 3 .   ? 2.936   4.121   3.985   1.00 24.09 ? 1054 HOH A O   1 
HETATM 1077 O O   . HOH D 3 .   ? -0.371  4.339   -3.901  1.00 27.01 ? 1055 HOH A O   1 
HETATM 1078 O O   . HOH D 3 .   ? 3.042   4.026   -1.419  1.00 23.84 ? 1056 HOH A O   1 
HETATM 1079 O O   . HOH D 3 .   ? 5.175   1.555   -0.937  1.00 21.23 ? 1057 HOH A O   1 
HETATM 1080 O O   . HOH D 3 .   ? 6.928   3.662   -1.446  1.00 13.52 ? 1058 HOH A O   1 
HETATM 1081 O O   . HOH D 3 .   ? -7.230  6.191   20.535  1.00 34.15 ? 1059 HOH A O   1 
HETATM 1082 O O   . HOH D 3 .   ? 6.900   4.897   -9.650  1.00 21.27 ? 1060 HOH A O   1 
HETATM 1083 O O   . HOH D 3 .   ? 8.666   -5.783  3.930   1.00 35.52 ? 1061 HOH A O   1 
HETATM 1084 O O   . HOH D 3 .   ? 6.183   3.045   -11.665 1.00 10.15 ? 1062 HOH A O   1 
HETATM 1085 O O   . HOH D 3 .   ? 5.165   -1.860  -17.002 1.00 2.74  ? 1063 HOH A O   1 
HETATM 1086 O O   . HOH D 3 .   ? 1.497   -4.995  -15.669 1.00 26.97 ? 1064 HOH A O   1 
HETATM 1087 O O   . HOH D 3 .   ? 2.222   -2.690  -16.596 1.00 24.14 ? 1065 HOH A O   1 
HETATM 1088 O O   . HOH D 3 .   ? -0.748  -0.778  -18.426 1.00 36.50 ? 1066 HOH A O   1 
HETATM 1089 O O   . HOH D 3 .   ? -0.298  -5.214  -17.703 1.00 37.73 ? 1067 HOH A O   1 
HETATM 1090 O O   . HOH D 3 .   ? 7.839   -14.684 -6.348  1.00 28.13 ? 1068 HOH A O   1 
HETATM 1091 O O   . HOH D 3 .   ? 0.002   6.911   -2.880  1.00 43.98 ? 1069 HOH A O   1 
HETATM 1092 O O   . HOH D 3 .   ? 15.116  -13.905 6.402   1.00 45.87 ? 1070 HOH A O   1 
HETATM 1093 O O   . HOH D 3 .   ? 14.891  -8.335  1.737   1.00 26.74 ? 1071 HOH A O   1 
HETATM 1094 O O   . HOH D 3 .   ? -6.544  -8.570  8.501   1.00 18.21 ? 1072 HOH A O   1 
HETATM 1095 O O   . HOH D 3 .   ? -11.904 -7.275  4.764   1.00 49.49 ? 1073 HOH A O   1 
HETATM 1096 O O   . HOH D 3 .   ? -10.204 -0.605  5.427   1.00 22.25 ? 1074 HOH A O   1 
HETATM 1097 O O   . HOH D 3 .   ? -12.129 -1.011  7.145   1.00 20.04 ? 1075 HOH A O   1 
HETATM 1098 O O   . HOH D 3 .   ? -2.651  11.636  -0.082  1.00 24.91 ? 1076 HOH A O   1 
HETATM 1099 O O   . HOH D 3 .   ? -11.210 1.274   -12.431 1.00 27.32 ? 1077 HOH A O   1 
HETATM 1100 O O   . HOH D 3 .   ? -8.460  -5.487  -12.902 1.00 20.92 ? 1078 HOH A O   1 
HETATM 1101 O O   . HOH D 3 .   ? -7.835  -2.369  -11.246 1.00 36.08 ? 1079 HOH A O   1 
HETATM 1102 O O   . HOH D 3 .   ? -1.962  2.322   -19.112 1.00 43.50 ? 1080 HOH A O   1 
HETATM 1103 O O   . HOH D 3 .   ? -7.091  -4.915  -10.561 1.00 24.84 ? 1081 HOH A O   1 
HETATM 1104 O O   . HOH D 3 .   ? 13.727  -7.676  -16.993 1.00 38.97 ? 1082 HOH A O   1 
HETATM 1105 O O   . HOH D 3 .   ? 17.412  -8.042  -9.827  1.00 35.59 ? 1083 HOH A O   1 
HETATM 1106 O O   . HOH D 3 .   ? 19.174  -13.018 -4.057  1.00 18.31 ? 1084 HOH A O   1 
HETATM 1107 O O   . HOH D 3 .   ? -8.349  0.122   -13.917 1.00 29.74 ? 1085 HOH A O   1 
HETATM 1108 O O   . HOH D 3 .   ? 4.965   -5.921  3.701   1.00 29.87 ? 1086 HOH A O   1 
HETATM 1109 O O   . HOH D 3 .   ? 3.115   -2.877  11.100  1.00 32.08 ? 1087 HOH A O   1 
HETATM 1110 O O   . HOH D 3 .   ? -13.126 0.991   -5.064  1.00 14.28 ? 1088 HOH A O   1 
HETATM 1111 O O   . HOH D 3 .   ? -13.070 -3.641  -1.828  1.00 53.09 ? 1089 HOH A O   1 
HETATM 1112 O O   . HOH D 3 .   ? -11.190 -1.499  -7.314  1.00 35.78 ? 1090 HOH A O   1 
HETATM 1113 O O   . HOH D 3 .   ? -12.850 -1.641  -3.875  1.00 35.83 ? 1091 HOH A O   1 
HETATM 1114 O O   . HOH D 3 .   ? -13.694 -1.879  0.225   1.00 36.28 ? 1092 HOH A O   1 
HETATM 1115 O O   . HOH D 3 .   ? -6.603  -6.025  -8.087  1.00 43.36 ? 1093 HOH A O   1 
HETATM 1116 O O   . HOH D 3 .   ? -2.962  -2.385  -18.882 1.00 30.13 ? 1094 HOH A O   1 
HETATM 1117 O O   . HOH D 3 .   ? -16.203 4.373   4.449   1.00 31.44 ? 1095 HOH A O   1 
HETATM 1118 O O   . HOH D 3 .   ? -11.255 -2.955  2.188   1.00 35.85 ? 1096 HOH A O   1 
HETATM 1119 O O   . HOH D 3 .   ? -18.292 6.900   3.264   1.00 51.87 ? 1097 HOH A O   1 
HETATM 1120 O O   . HOH D 3 .   ? -18.918 4.313   2.353   1.00 52.38 ? 1098 HOH A O   1 
HETATM 1121 O O   . HOH D 3 .   ? -20.478 3.034   4.258   1.00 31.38 ? 1099 HOH A O   1 
HETATM 1122 O O   . HOH D 3 .   ? -20.993 5.157   0.900   1.00 30.94 ? 1100 HOH A O   1 
HETATM 1123 O O   . HOH D 3 .   ? 4.797   7.036   17.373  1.00 45.35 ? 1101 HOH A O   1 
HETATM 1124 O O   . HOH D 3 .   ? -18.070 9.951   2.271   1.00 46.19 ? 1102 HOH A O   1 
HETATM 1125 O O   . HOH D 3 .   ? -3.480  -5.215  24.992  1.00 33.61 ? 1103 HOH A O   1 
HETATM 1126 O O   . HOH D 3 .   ? -20.126 11.717  -14.140 1.00 25.39 ? 1104 HOH A O   1 
HETATM 1127 O O   . HOH D 3 .   ? -17.932 13.797  -17.267 1.00 44.32 ? 1105 HOH A O   1 
HETATM 1128 O O   . HOH D 3 .   ? -15.350 14.311  -15.658 1.00 25.38 ? 1106 HOH A O   1 
HETATM 1129 O O   . HOH D 3 .   ? -13.507 13.195  -13.894 1.00 41.19 ? 1107 HOH A O   1 
HETATM 1130 O O   . HOH D 3 .   ? -9.983  -1.765  -9.760  1.00 43.52 ? 1108 HOH A O   1 
HETATM 1131 O O   . HOH D 3 .   ? -10.823 -4.389  -13.845 1.00 38.61 ? 1109 HOH A O   1 
HETATM 1132 O O   . HOH D 3 .   ? 6.296   8.817   -13.966 1.00 25.04 ? 1110 HOH A O   1 
HETATM 1133 O O   . HOH D 3 .   ? -4.713  12.933  2.646   1.00 23.99 ? 1111 HOH A O   1 
HETATM 1134 O O   . HOH D 3 .   ? -3.527  14.027  -0.804  1.00 41.00 ? 1112 HOH A O   1 
HETATM 1135 O O   . HOH D 3 .   ? 13.277  3.646   0.878   1.00 38.43 ? 1113 HOH A O   1 
HETATM 1136 O O   . HOH D 3 .   ? 7.816   4.072   -13.599 1.00 14.82 ? 1114 HOH A O   1 
HETATM 1137 O O   . HOH D 3 .   ? 5.917   5.973   -14.163 1.00 31.18 ? 1115 HOH A O   1 
HETATM 1138 O O   . HOH D 3 .   ? 20.057  -9.057  -10.377 1.00 53.23 ? 1116 HOH A O   1 
HETATM 1139 O O   . HOH D 3 .   ? 2.653   5.692   -14.937 1.00 37.31 ? 1117 HOH A O   1 
HETATM 1140 O O   . HOH D 3 .   ? 4.398   -13.338 0.578   1.00 54.41 ? 1118 HOH A O   1 
HETATM 1141 O O   . HOH D 3 .   ? -5.408  -6.544  0.563   1.00 33.75 ? 1119 HOH A O   1 
HETATM 1142 O O   . HOH D 3 .   ? -6.612  -7.193  2.804   1.00 34.37 ? 1120 HOH A O   1 
HETATM 1143 O O   . HOH D 3 .   ? -5.504  -9.315  0.252   1.00 40.54 ? 1121 HOH A O   1 
HETATM 1144 O O   . HOH D 3 .   ? -4.966  -9.147  -3.243  1.00 28.00 ? 1122 HOH A O   1 
HETATM 1145 O O   . HOH D 3 .   ? -7.492  -9.299  -2.277  1.00 42.59 ? 1123 HOH A O   1 
HETATM 1146 O O   . HOH D 3 .   ? -7.321  -6.573  -2.163  1.00 49.09 ? 1124 HOH A O   1 
HETATM 1147 O O   . HOH D 3 .   ? -14.766 11.345  -12.246 1.00 15.80 ? 1125 HOH A O   1 
HETATM 1148 O O   . HOH D 3 .   ? -16.594 9.976   -14.111 1.00 47.86 ? 1126 HOH A O   1 
HETATM 1149 O O   . HOH D 3 .   ? -14.965 8.523   11.947  1.00 34.51 ? 1127 HOH A O   1 
HETATM 1150 O O   . HOH D 3 .   ? -4.550  -5.921  -1.869  1.00 27.00 ? 1128 HOH A O   1 
HETATM 1151 O O   . HOH D 3 .   ? -9.118  -4.940  -1.044  1.00 35.52 ? 1129 HOH A O   1 
HETATM 1152 O O   . HOH D 3 .   ? -0.443  7.505   30.291  1.00 38.79 ? 1130 HOH A O   1 
HETATM 1153 O O   . HOH D 3 .   ? -4.053  17.591  8.704   1.00 29.79 ? 1131 HOH A O   1 
HETATM 1154 O O   . HOH D 3 .   ? 1.977   -11.690 0.517   1.00 38.27 ? 1132 HOH A O   1 
HETATM 1155 O O   . HOH D 3 .   ? -2.394  -7.452  2.160   1.00 25.61 ? 1133 HOH A O   1 
HETATM 1156 O O   . HOH D 3 .   ? 10.090  -16.560 0.900   1.00 47.17 ? 1134 HOH A O   1 
HETATM 1157 O O   . HOH D 3 .   ? 8.250   -18.592 0.860   1.00 37.33 ? 1135 HOH A O   1 
HETATM 1158 O O   . HOH D 3 .   ? -3.375  -6.803  4.743   1.00 28.73 ? 1136 HOH A O   1 
HETATM 1159 O O   . HOH D 3 .   ? -4.906  -2.892  23.596  1.00 5.15  ? 1137 HOH A O   1 
HETATM 1160 O O   . HOH D 3 .   ? -7.804  -2.915  24.590  1.00 22.48 ? 1138 HOH A O   1 
HETATM 1161 O O   . HOH D 3 .   ? -2.412  -8.017  24.463  1.00 10.51 ? 1139 HOH A O   1 
HETATM 1162 O O   . HOH D 3 .   ? -1.095  -12.546 26.514  1.00 21.80 ? 1140 HOH A O   1 
HETATM 1163 O O   . HOH D 3 .   ? 0.829   -13.682 24.797  1.00 13.84 ? 1141 HOH A O   1 
HETATM 1164 O O   . HOH D 3 .   ? 0.060   -6.837  24.972  1.00 18.28 ? 1142 HOH A O   1 
HETATM 1165 O O   . HOH D 3 .   ? -12.773 15.160  -6.102  1.00 21.89 ? 1143 HOH A O   1 
HETATM 1166 O O   . HOH D 3 .   ? 6.475   3.355   22.618  1.00 28.46 ? 1144 HOH A O   1 
HETATM 1167 O O   . HOH D 3 .   ? 4.556   0.141   16.270  1.00 24.49 ? 1145 HOH A O   1 
HETATM 1168 O O   . HOH D 3 .   ? 3.736   3.259   14.799  1.00 27.71 ? 1146 HOH A O   1 
HETATM 1169 O O   . HOH D 3 .   ? 3.776   4.372   11.629  1.00 25.29 ? 1147 HOH A O   1 
HETATM 1170 O O   . HOH D 3 .   ? 5.042   3.732   20.271  1.00 36.00 ? 1148 HOH A O   1 
# 
